data_3RCK
# 
_entry.id   3RCK 
# 
_audit_conform.dict_name       mmcif_pdbx.dic 
_audit_conform.dict_version    5.379 
_audit_conform.dict_location   http://mmcif.pdb.org/dictionaries/ascii/mmcif_pdbx.dic 
# 
loop_
_database_2.database_id 
_database_2.database_code 
_database_2.pdbx_database_accession 
_database_2.pdbx_DOI 
PDB   3RCK         pdb_00003rck 10.2210/pdb3rck/pdb 
RCSB  RCSB064764   ?            ?                   
WWPDB D_1000064764 ?            ?                   
# 
loop_
_pdbx_database_related.db_name 
_pdbx_database_related.db_id 
_pdbx_database_related.details 
_pdbx_database_related.content_type 
PDB 3R49 . unspecified 
PDB 3R4G . unspecified 
PDB 3R54 . unspecified 
PDB 3R56 . unspecified 
PDB 3R57 . unspecified 
PDB 3R59 . unspecified 
PDB 3RCF . unspecified 
PDB 3RCG . unspecified 
PDB 3RCI . unspecified 
PDB 3RCL . unspecified 
PDB 3RD9 . unspecified 
PDB 3RDA . unspecified 
PDB 3RDB . unspecified 
PDB 3RDC . unspecified 
PDB 3RDD . unspecified 
# 
_pdbx_database_status.status_code                     REL 
_pdbx_database_status.entry_id                        3RCK 
_pdbx_database_status.recvd_initial_deposition_date   2011-03-31 
_pdbx_database_status.deposit_site                    RCSB 
_pdbx_database_status.process_site                    RCSB 
_pdbx_database_status.status_code_sf                  REL 
_pdbx_database_status.status_code_mr                  ? 
_pdbx_database_status.SG_entry                        ? 
_pdbx_database_status.status_code_cs                  ? 
_pdbx_database_status.methods_development_category    ? 
_pdbx_database_status.pdb_format_compatible           Y 
_pdbx_database_status.status_code_nmr_data            ? 
# 
loop_
_audit_author.name 
_audit_author.pdbx_ordinal 
'Colliandre, L.'     1 
'Ahmed-Belkacem, H.' 2 
'Bessin, Y.'         3 
'Pawlotsky, J.M.'    4 
'Guichou, J.F.'      5 
# 
_citation.id                        primary 
_citation.title                     
'Fragment-based discovery of a new family of non-peptidic small-molecule cyclophilin inhibitors with potent antiviral activities.' 
_citation.journal_abbrev            'Nat Commun' 
_citation.journal_volume            7 
_citation.page_first                12777 
_citation.page_last                 12777 
_citation.year                      2016 
_citation.journal_id_ASTM           ? 
_citation.country                   UK 
_citation.journal_id_ISSN           2041-1723 
_citation.journal_id_CSD            ? 
_citation.book_publisher            ? 
_citation.pdbx_database_id_PubMed   27652979 
_citation.pdbx_database_id_DOI      10.1038/ncomms12777 
# 
loop_
_citation_author.citation_id 
_citation_author.name 
_citation_author.ordinal 
_citation_author.identifier_ORCID 
primary 'Ahmed-Belkacem, A.' 1  ? 
primary 'Colliandre, L.'     2  ? 
primary 'Ahnou, N.'          3  ? 
primary 'Nevers, Q.'         4  ? 
primary 'Gelin, M.'          5  ? 
primary 'Bessin, Y.'         6  ? 
primary 'Brillet, R.'        7  ? 
primary 'Cala, O.'           8  ? 
primary 'Douguet, D.'        9  ? 
primary 'Bourguet, W.'       10 ? 
primary 'Krimm, I.'          11 ? 
primary 'Pawlotsky, J.M.'    12 ? 
primary 'Guichou, J.F.'      13 ? 
# 
_cell.entry_id           3RCK 
_cell.length_a           57.328 
_cell.length_b           57.328 
_cell.length_c           87.397 
_cell.angle_alpha        90.00 
_cell.angle_beta         90.00 
_cell.angle_gamma        90.00 
_cell.Z_PDB              8 
_cell.pdbx_unique_axis   ? 
_cell.length_a_esd       ? 
_cell.length_b_esd       ? 
_cell.length_c_esd       ? 
_cell.angle_alpha_esd    ? 
_cell.angle_beta_esd     ? 
_cell.angle_gamma_esd    ? 
# 
_symmetry.entry_id                         3RCK 
_symmetry.space_group_name_H-M             'P 41 21 2' 
_symmetry.pdbx_full_space_group_name_H-M   ? 
_symmetry.cell_setting                     ? 
_symmetry.Int_Tables_number                92 
_symmetry.space_group_name_Hall            ? 
# 
loop_
_entity.id 
_entity.type 
_entity.src_method 
_entity.pdbx_description 
_entity.formula_weight 
_entity.pdbx_number_of_molecules 
_entity.pdbx_ec 
_entity.pdbx_mutation 
_entity.pdbx_fragment 
_entity.details 
1 polymer     man 'Peptidyl-prolyl cis-trans isomerase F, mitochondrial' 17870.400 1   5.2.1.8 K175I 'UNP residues 43-207' ? 
2 non-polymer syn piperazine-1-carbaldehyde                              114.146   5   ?       ?     ?                     ? 
3 water       nat water                                                  18.015    234 ?       ?     ?                     ? 
# 
_entity_name_com.entity_id   1 
_entity_name_com.name        'PPIase F, Cyclophilin F, Rotamase F' 
# 
_entity_poly.entity_id                      1 
_entity_poly.type                           'polypeptide(L)' 
_entity_poly.nstd_linkage                   no 
_entity_poly.nstd_monomer                   no 
_entity_poly.pdbx_seq_one_letter_code       
;MSGNPLVYLDVDANGKPLGRVVLELKADVVPKTAENFRALCTGEKGFGYKGSTFHRVIPSFMCQAGDFTNHNGTGGKSIY
GSRFPDENFTLKHVGPGVLSMANAGPNTNGSQFFICTIKTDWLDGKHVVFGHVIEGMDVVKKIESFGSKSGRTSKKIVIT
DCGQLS
;
_entity_poly.pdbx_seq_one_letter_code_can   
;MSGNPLVYLDVDANGKPLGRVVLELKADVVPKTAENFRALCTGEKGFGYKGSTFHRVIPSFMCQAGDFTNHNGTGGKSIY
GSRFPDENFTLKHVGPGVLSMANAGPNTNGSQFFICTIKTDWLDGKHVVFGHVIEGMDVVKKIESFGSKSGRTSKKIVIT
DCGQLS
;
_entity_poly.pdbx_strand_id                 X 
_entity_poly.pdbx_target_identifier         ? 
# 
loop_
_entity_poly_seq.entity_id 
_entity_poly_seq.num 
_entity_poly_seq.mon_id 
_entity_poly_seq.hetero 
1 1   MET n 
1 2   SER n 
1 3   GLY n 
1 4   ASN n 
1 5   PRO n 
1 6   LEU n 
1 7   VAL n 
1 8   TYR n 
1 9   LEU n 
1 10  ASP n 
1 11  VAL n 
1 12  ASP n 
1 13  ALA n 
1 14  ASN n 
1 15  GLY n 
1 16  LYS n 
1 17  PRO n 
1 18  LEU n 
1 19  GLY n 
1 20  ARG n 
1 21  VAL n 
1 22  VAL n 
1 23  LEU n 
1 24  GLU n 
1 25  LEU n 
1 26  LYS n 
1 27  ALA n 
1 28  ASP n 
1 29  VAL n 
1 30  VAL n 
1 31  PRO n 
1 32  LYS n 
1 33  THR n 
1 34  ALA n 
1 35  GLU n 
1 36  ASN n 
1 37  PHE n 
1 38  ARG n 
1 39  ALA n 
1 40  LEU n 
1 41  CYS n 
1 42  THR n 
1 43  GLY n 
1 44  GLU n 
1 45  LYS n 
1 46  GLY n 
1 47  PHE n 
1 48  GLY n 
1 49  TYR n 
1 50  LYS n 
1 51  GLY n 
1 52  SER n 
1 53  THR n 
1 54  PHE n 
1 55  HIS n 
1 56  ARG n 
1 57  VAL n 
1 58  ILE n 
1 59  PRO n 
1 60  SER n 
1 61  PHE n 
1 62  MET n 
1 63  CYS n 
1 64  GLN n 
1 65  ALA n 
1 66  GLY n 
1 67  ASP n 
1 68  PHE n 
1 69  THR n 
1 70  ASN n 
1 71  HIS n 
1 72  ASN n 
1 73  GLY n 
1 74  THR n 
1 75  GLY n 
1 76  GLY n 
1 77  LYS n 
1 78  SER n 
1 79  ILE n 
1 80  TYR n 
1 81  GLY n 
1 82  SER n 
1 83  ARG n 
1 84  PHE n 
1 85  PRO n 
1 86  ASP n 
1 87  GLU n 
1 88  ASN n 
1 89  PHE n 
1 90  THR n 
1 91  LEU n 
1 92  LYS n 
1 93  HIS n 
1 94  VAL n 
1 95  GLY n 
1 96  PRO n 
1 97  GLY n 
1 98  VAL n 
1 99  LEU n 
1 100 SER n 
1 101 MET n 
1 102 ALA n 
1 103 ASN n 
1 104 ALA n 
1 105 GLY n 
1 106 PRO n 
1 107 ASN n 
1 108 THR n 
1 109 ASN n 
1 110 GLY n 
1 111 SER n 
1 112 GLN n 
1 113 PHE n 
1 114 PHE n 
1 115 ILE n 
1 116 CYS n 
1 117 THR n 
1 118 ILE n 
1 119 LYS n 
1 120 THR n 
1 121 ASP n 
1 122 TRP n 
1 123 LEU n 
1 124 ASP n 
1 125 GLY n 
1 126 LYS n 
1 127 HIS n 
1 128 VAL n 
1 129 VAL n 
1 130 PHE n 
1 131 GLY n 
1 132 HIS n 
1 133 VAL n 
1 134 ILE n 
1 135 GLU n 
1 136 GLY n 
1 137 MET n 
1 138 ASP n 
1 139 VAL n 
1 140 VAL n 
1 141 LYS n 
1 142 LYS n 
1 143 ILE n 
1 144 GLU n 
1 145 SER n 
1 146 PHE n 
1 147 GLY n 
1 148 SER n 
1 149 LYS n 
1 150 SER n 
1 151 GLY n 
1 152 ARG n 
1 153 THR n 
1 154 SER n 
1 155 LYS n 
1 156 LYS n 
1 157 ILE n 
1 158 VAL n 
1 159 ILE n 
1 160 THR n 
1 161 ASP n 
1 162 CYS n 
1 163 GLY n 
1 164 GLN n 
1 165 LEU n 
1 166 SER n 
# 
_entity_src_gen.entity_id                          1 
_entity_src_gen.pdbx_src_id                        1 
_entity_src_gen.pdbx_alt_source_flag               sample 
_entity_src_gen.pdbx_seq_type                      ? 
_entity_src_gen.pdbx_beg_seq_num                   ? 
_entity_src_gen.pdbx_end_seq_num                   ? 
_entity_src_gen.gene_src_common_name               human 
_entity_src_gen.gene_src_genus                     ? 
_entity_src_gen.pdbx_gene_src_gene                 'PPIF, CYP3' 
_entity_src_gen.gene_src_species                   ? 
_entity_src_gen.gene_src_strain                    ? 
_entity_src_gen.gene_src_tissue                    ? 
_entity_src_gen.gene_src_tissue_fraction           ? 
_entity_src_gen.gene_src_details                   ? 
_entity_src_gen.pdbx_gene_src_fragment             ? 
_entity_src_gen.pdbx_gene_src_scientific_name      'Homo sapiens' 
_entity_src_gen.pdbx_gene_src_ncbi_taxonomy_id     9606 
_entity_src_gen.pdbx_gene_src_variant              ? 
_entity_src_gen.pdbx_gene_src_cell_line            ? 
_entity_src_gen.pdbx_gene_src_atcc                 ? 
_entity_src_gen.pdbx_gene_src_organ                ? 
_entity_src_gen.pdbx_gene_src_organelle            ? 
_entity_src_gen.pdbx_gene_src_cell                 ? 
_entity_src_gen.pdbx_gene_src_cellular_location    ? 
_entity_src_gen.host_org_common_name               ? 
_entity_src_gen.pdbx_host_org_scientific_name      'Escherichia coli' 
_entity_src_gen.pdbx_host_org_ncbi_taxonomy_id     562 
_entity_src_gen.host_org_genus                     ? 
_entity_src_gen.pdbx_host_org_gene                 ? 
_entity_src_gen.pdbx_host_org_organ                ? 
_entity_src_gen.host_org_species                   ? 
_entity_src_gen.pdbx_host_org_tissue               ? 
_entity_src_gen.pdbx_host_org_tissue_fraction      ? 
_entity_src_gen.pdbx_host_org_strain               ? 
_entity_src_gen.pdbx_host_org_variant              ? 
_entity_src_gen.pdbx_host_org_cell_line            ? 
_entity_src_gen.pdbx_host_org_atcc                 ? 
_entity_src_gen.pdbx_host_org_culture_collection   ? 
_entity_src_gen.pdbx_host_org_cell                 ? 
_entity_src_gen.pdbx_host_org_organelle            ? 
_entity_src_gen.pdbx_host_org_cellular_location    ? 
_entity_src_gen.pdbx_host_org_vector_type          ? 
_entity_src_gen.pdbx_host_org_vector               ? 
_entity_src_gen.host_org_details                   ? 
_entity_src_gen.expression_system_id               ? 
_entity_src_gen.plasmid_name                       ? 
_entity_src_gen.plasmid_details                    ? 
_entity_src_gen.pdbx_description                   ? 
# 
_struct_ref.id                         1 
_struct_ref.db_name                    UNP 
_struct_ref.db_code                    PPIF_HUMAN 
_struct_ref.pdbx_db_accession          P30405 
_struct_ref.entity_id                  1 
_struct_ref.pdbx_seq_one_letter_code   
;SGNPLVYLDVDANGKPLGRVVLELKADVVPKTAENFRALCTGEKGFGYKGSTFHRVIPSFMCQAGDFTNHNGTGGKSIYG
SRFPDENFTLKHVGPGVLSMANAGPNTNGSQFFICTIKTDWLDGKHVVFGHVKEGMDVVKKIESFGSKSGRTSKKIVITD
CGQLS
;
_struct_ref.pdbx_align_begin           43 
_struct_ref.pdbx_db_isoform            ? 
# 
_struct_ref_seq.align_id                      1 
_struct_ref_seq.ref_id                        1 
_struct_ref_seq.pdbx_PDB_id_code              3RCK 
_struct_ref_seq.pdbx_strand_id                X 
_struct_ref_seq.seq_align_beg                 2 
_struct_ref_seq.pdbx_seq_align_beg_ins_code   ? 
_struct_ref_seq.seq_align_end                 166 
_struct_ref_seq.pdbx_seq_align_end_ins_code   ? 
_struct_ref_seq.pdbx_db_accession             P30405 
_struct_ref_seq.db_align_beg                  43 
_struct_ref_seq.pdbx_db_align_beg_ins_code    ? 
_struct_ref_seq.db_align_end                  207 
_struct_ref_seq.pdbx_db_align_end_ins_code    ? 
_struct_ref_seq.pdbx_auth_seq_align_beg       43 
_struct_ref_seq.pdbx_auth_seq_align_end       207 
# 
loop_
_struct_ref_seq_dif.align_id 
_struct_ref_seq_dif.pdbx_pdb_id_code 
_struct_ref_seq_dif.mon_id 
_struct_ref_seq_dif.pdbx_pdb_strand_id 
_struct_ref_seq_dif.seq_num 
_struct_ref_seq_dif.pdbx_pdb_ins_code 
_struct_ref_seq_dif.pdbx_seq_db_name 
_struct_ref_seq_dif.pdbx_seq_db_accession_code 
_struct_ref_seq_dif.db_mon_id 
_struct_ref_seq_dif.pdbx_seq_db_seq_num 
_struct_ref_seq_dif.details 
_struct_ref_seq_dif.pdbx_auth_seq_num 
_struct_ref_seq_dif.pdbx_ordinal 
1 3RCK MET X 1   ? UNP P30405 ?   ?   'initiating methionine' 42  1 
1 3RCK ILE X 134 ? UNP P30405 LYS 175 'engineered mutation'   175 2 
# 
loop_
_chem_comp.id 
_chem_comp.type 
_chem_comp.mon_nstd_flag 
_chem_comp.name 
_chem_comp.pdbx_synonyms 
_chem_comp.formula 
_chem_comp.formula_weight 
1FP non-polymer         . piperazine-1-carbaldehyde ? 'C5 H10 N2 O'    114.146 
ALA 'L-peptide linking' y ALANINE                   ? 'C3 H7 N O2'     89.093  
ARG 'L-peptide linking' y ARGININE                  ? 'C6 H15 N4 O2 1' 175.209 
ASN 'L-peptide linking' y ASPARAGINE                ? 'C4 H8 N2 O3'    132.118 
ASP 'L-peptide linking' y 'ASPARTIC ACID'           ? 'C4 H7 N O4'     133.103 
CYS 'L-peptide linking' y CYSTEINE                  ? 'C3 H7 N O2 S'   121.158 
GLN 'L-peptide linking' y GLUTAMINE                 ? 'C5 H10 N2 O3'   146.144 
GLU 'L-peptide linking' y 'GLUTAMIC ACID'           ? 'C5 H9 N O4'     147.129 
GLY 'peptide linking'   y GLYCINE                   ? 'C2 H5 N O2'     75.067  
HIS 'L-peptide linking' y HISTIDINE                 ? 'C6 H10 N3 O2 1' 156.162 
HOH non-polymer         . WATER                     ? 'H2 O'           18.015  
ILE 'L-peptide linking' y ISOLEUCINE                ? 'C6 H13 N O2'    131.173 
LEU 'L-peptide linking' y LEUCINE                   ? 'C6 H13 N O2'    131.173 
LYS 'L-peptide linking' y LYSINE                    ? 'C6 H15 N2 O2 1' 147.195 
MET 'L-peptide linking' y METHIONINE                ? 'C5 H11 N O2 S'  149.211 
PHE 'L-peptide linking' y PHENYLALANINE             ? 'C9 H11 N O2'    165.189 
PRO 'L-peptide linking' y PROLINE                   ? 'C5 H9 N O2'     115.130 
SER 'L-peptide linking' y SERINE                    ? 'C3 H7 N O3'     105.093 
THR 'L-peptide linking' y THREONINE                 ? 'C4 H9 N O3'     119.119 
TRP 'L-peptide linking' y TRYPTOPHAN                ? 'C11 H12 N2 O2'  204.225 
TYR 'L-peptide linking' y TYROSINE                  ? 'C9 H11 N O3'    181.189 
VAL 'L-peptide linking' y VALINE                    ? 'C5 H11 N O2'    117.146 
# 
_exptl.entry_id          3RCK 
_exptl.method            'X-RAY DIFFRACTION' 
_exptl.crystals_number   1 
# 
_exptl_crystal.id                    1 
_exptl_crystal.density_meas          ? 
_exptl_crystal.density_Matthews      2.01 
_exptl_crystal.density_percent_sol   38.78 
_exptl_crystal.description           ? 
_exptl_crystal.F_000                 ? 
_exptl_crystal.preparation           ? 
# 
_exptl_crystal_grow.crystal_id      1 
_exptl_crystal_grow.method          'VAPOR DIFFUSION, HANGING DROP' 
_exptl_crystal_grow.temp            291 
_exptl_crystal_grow.temp_details    ? 
_exptl_crystal_grow.pH              7.3 
_exptl_crystal_grow.pdbx_details    '30% PEG4000, pH 7.3, VAPOR DIFFUSION, HANGING DROP, temperature 291K' 
_exptl_crystal_grow.pdbx_pH_range   ? 
# 
_diffrn.id                     1 
_diffrn.ambient_temp           100 
_diffrn.ambient_temp_details   ? 
_diffrn.crystal_id             1 
# 
_diffrn_detector.diffrn_id              1 
_diffrn_detector.detector               CCD 
_diffrn_detector.type                   'ADSC QUANTUM 4' 
_diffrn_detector.pdbx_collection_date   2008-04-18 
_diffrn_detector.details                ? 
# 
_diffrn_radiation.diffrn_id                        1 
_diffrn_radiation.wavelength_id                    1 
_diffrn_radiation.pdbx_monochromatic_or_laue_m_l   M 
_diffrn_radiation.monochromator                    ? 
_diffrn_radiation.pdbx_diffrn_protocol             'SINGLE WAVELENGTH' 
_diffrn_radiation.pdbx_scattering_type             x-ray 
# 
_diffrn_radiation_wavelength.id           1 
_diffrn_radiation_wavelength.wavelength   0.933 
_diffrn_radiation_wavelength.wt           1.0 
# 
_diffrn_source.diffrn_id                   1 
_diffrn_source.source                      SYNCHROTRON 
_diffrn_source.type                        'ESRF BEAMLINE ID14-2' 
_diffrn_source.pdbx_synchrotron_site       ESRF 
_diffrn_source.pdbx_synchrotron_beamline   ID14-2 
_diffrn_source.pdbx_wavelength             0.933 
_diffrn_source.pdbx_wavelength_list        ? 
# 
_reflns.entry_id                     3RCK 
_reflns.observed_criterion_sigma_I   12.3 
_reflns.observed_criterion_sigma_F   ? 
_reflns.d_resolution_low             36.8 
_reflns.d_resolution_high            1.26 
_reflns.number_obs                   36483 
_reflns.number_all                   37884 
_reflns.percent_possible_obs         96.3 
_reflns.pdbx_Rmerge_I_obs            ? 
_reflns.pdbx_Rsym_value              0.043 
_reflns.pdbx_netI_over_sigmaI        ? 
_reflns.B_iso_Wilson_estimate        ? 
_reflns.pdbx_redundancy              5.2 
_reflns.R_free_details               ? 
_reflns.limit_h_max                  ? 
_reflns.limit_h_min                  ? 
_reflns.limit_k_max                  ? 
_reflns.limit_k_min                  ? 
_reflns.limit_l_max                  ? 
_reflns.limit_l_min                  ? 
_reflns.observed_criterion_F_max     ? 
_reflns.observed_criterion_F_min     ? 
_reflns.pdbx_chi_squared             ? 
_reflns.pdbx_scaling_rejects         ? 
_reflns.pdbx_ordinal                 1 
_reflns.pdbx_diffrn_id               1 
# 
_reflns_shell.d_res_high             1.26 
_reflns_shell.d_res_low              1.293 
_reflns_shell.percent_possible_all   77.8 
_reflns_shell.Rmerge_I_obs           ? 
_reflns_shell.pdbx_Rsym_value        0.487 
_reflns_shell.meanI_over_sigI_obs    1.3 
_reflns_shell.pdbx_redundancy        2.4 
_reflns_shell.percent_possible_obs   ? 
_reflns_shell.number_unique_all      ? 
_reflns_shell.number_measured_all    ? 
_reflns_shell.number_measured_obs    ? 
_reflns_shell.number_unique_obs      ? 
_reflns_shell.pdbx_chi_squared       ? 
_reflns_shell.pdbx_ordinal           1 
_reflns_shell.pdbx_diffrn_id         1 
# 
_refine.entry_id                                 3RCK 
_refine.ls_number_reflns_obs                     36483 
_refine.ls_number_reflns_all                     37884 
_refine.pdbx_ls_sigma_I                          ? 
_refine.pdbx_ls_sigma_F                          ? 
_refine.pdbx_data_cutoff_high_absF               ? 
_refine.pdbx_data_cutoff_low_absF                ? 
_refine.pdbx_data_cutoff_high_rms_absF           ? 
_refine.ls_d_res_low                             36.8 
_refine.ls_d_res_high                            1.26 
_refine.ls_percent_reflns_obs                    95.91 
_refine.ls_R_factor_obs                          0.16481 
_refine.ls_R_factor_all                          0.164 
_refine.ls_R_factor_R_work                       0.16393 
_refine.ls_R_factor_R_free                       0.18147 
_refine.ls_R_factor_R_free_error                 ? 
_refine.ls_R_factor_R_free_error_details         ? 
_refine.ls_percent_reflns_R_free                 5.0 
_refine.ls_number_reflns_R_free                  1927 
_refine.ls_number_parameters                     ? 
_refine.ls_number_restraints                     ? 
_refine.occupancy_min                            ? 
_refine.occupancy_max                            ? 
_refine.correlation_coeff_Fo_to_Fc               0.970 
_refine.correlation_coeff_Fo_to_Fc_free          0.965 
_refine.B_iso_mean                               8.053 
_refine.aniso_B[1][1]                            0.05 
_refine.aniso_B[2][2]                            0.05 
_refine.aniso_B[3][3]                            -0.09 
_refine.aniso_B[1][2]                            0.00 
_refine.aniso_B[1][3]                            0.00 
_refine.aniso_B[2][3]                            0.00 
_refine.solvent_model_details                    MASK 
_refine.solvent_model_param_ksol                 ? 
_refine.solvent_model_param_bsol                 ? 
_refine.pdbx_solvent_vdw_probe_radii             1.40 
_refine.pdbx_solvent_ion_probe_radii             0.80 
_refine.pdbx_solvent_shrinkage_radii             0.80 
_refine.pdbx_ls_cross_valid_method               THROUGHOUT 
_refine.details                                  'HYDROGENS HAVE BEEN ADDED IN THE RIDING POSITIONS' 
_refine.pdbx_starting_model                      'PDB ENTRY 2BIT' 
_refine.pdbx_method_to_determine_struct          'MOLECULAR REPLACEMENT' 
_refine.pdbx_isotropic_thermal_model             ? 
_refine.pdbx_stereochemistry_target_values       'MAXIMUM LIKELIHOOD' 
_refine.pdbx_stereochem_target_val_spec_case     ? 
_refine.pdbx_R_Free_selection_details            RANDOM 
_refine.pdbx_overall_ESU_R_Free                  0.049 
_refine.overall_SU_ML                            0.031 
_refine.overall_SU_B                             0.729 
_refine.overall_SU_R_Cruickshank_DPI             ? 
_refine.ls_redundancy_reflns_obs                 ? 
_refine.B_iso_min                                ? 
_refine.B_iso_max                                ? 
_refine.overall_SU_R_free                        ? 
_refine.ls_wR_factor_R_free                      ? 
_refine.ls_wR_factor_R_work                      ? 
_refine.overall_FOM_free_R_set                   ? 
_refine.overall_FOM_work_R_set                   ? 
_refine.pdbx_overall_phase_error                 ? 
_refine.pdbx_refine_id                           'X-RAY DIFFRACTION' 
_refine.pdbx_overall_ESU_R                       0.049 
_refine.pdbx_diffrn_id                           1 
_refine.pdbx_TLS_residual_ADP_flag               ? 
_refine.pdbx_overall_SU_R_free_Cruickshank_DPI   ? 
_refine.pdbx_overall_SU_R_Blow_DPI               ? 
_refine.pdbx_overall_SU_R_free_Blow_DPI          ? 
# 
_refine_hist.pdbx_refine_id                   'X-RAY DIFFRACTION' 
_refine_hist.cycle_id                         LAST 
_refine_hist.pdbx_number_atoms_protein        1231 
_refine_hist.pdbx_number_atoms_nucleic_acid   0 
_refine_hist.pdbx_number_atoms_ligand         40 
_refine_hist.number_atoms_solvent             234 
_refine_hist.number_atoms_total               1505 
_refine_hist.d_res_high                       1.26 
_refine_hist.d_res_low                        36.8 
# 
loop_
_refine_ls_restr.type 
_refine_ls_restr.dev_ideal 
_refine_ls_restr.dev_ideal_target 
_refine_ls_restr.weight 
_refine_ls_restr.number 
_refine_ls_restr.pdbx_restraint_function 
_refine_ls_restr.pdbx_refine_id 
r_bond_refined_d       0.008  0.022  ? 1361 ? 'X-RAY DIFFRACTION' 
r_bond_other_d         0.001  0.020  ? 986  ? 'X-RAY DIFFRACTION' 
r_angle_refined_deg    1.234  1.985  ? 1826 ? 'X-RAY DIFFRACTION' 
r_angle_other_deg      0.811  3.014  ? 2336 ? 'X-RAY DIFFRACTION' 
r_dihedral_angle_1_deg 6.243  5.000  ? 170  ? 'X-RAY DIFFRACTION' 
r_dihedral_angle_2_deg 31.359 23.962 ? 53   ? 'X-RAY DIFFRACTION' 
r_dihedral_angle_3_deg 11.079 15.000 ? 233  ? 'X-RAY DIFFRACTION' 
r_dihedral_angle_4_deg 15.491 15.000 ? 6    ? 'X-RAY DIFFRACTION' 
r_chiral_restr         0.077  0.200  ? 194  ? 'X-RAY DIFFRACTION' 
r_gen_planes_refined   0.005  0.021  ? 1494 ? 'X-RAY DIFFRACTION' 
r_gen_planes_other     0.001  0.020  ? 266  ? 'X-RAY DIFFRACTION' 
r_mcbond_it            0.538  1.500  ? 822  ? 'X-RAY DIFFRACTION' 
r_mcbond_other         0.154  1.500  ? 347  ? 'X-RAY DIFFRACTION' 
r_mcangle_it           0.943  2.000  ? 1330 ? 'X-RAY DIFFRACTION' 
r_scbond_it            1.287  3.000  ? 539  ? 'X-RAY DIFFRACTION' 
r_scangle_it           1.973  4.500  ? 493  ? 'X-RAY DIFFRACTION' 
# 
_refine_ls_shell.pdbx_total_number_of_bins_used   20 
_refine_ls_shell.d_res_high                       1.260 
_refine_ls_shell.d_res_low                        1.293 
_refine_ls_shell.number_reflns_R_work             1888 
_refine_ls_shell.R_factor_R_work                  0.461 
_refine_ls_shell.percent_reflns_obs               68.52 
_refine_ls_shell.R_factor_R_free                  0.476 
_refine_ls_shell.R_factor_R_free_error            ? 
_refine_ls_shell.percent_reflns_R_free            ? 
_refine_ls_shell.number_reflns_R_free             91 
_refine_ls_shell.number_reflns_all                ? 
_refine_ls_shell.R_factor_all                     ? 
_refine_ls_shell.number_reflns_obs                ? 
_refine_ls_shell.redundancy_reflns_obs            ? 
_refine_ls_shell.pdbx_refine_id                   'X-RAY DIFFRACTION' 
# 
_struct.entry_id                  3RCK 
_struct.title                     'Human Cyclophilin D Complexed with a Fragment' 
_struct.pdbx_model_details        ? 
_struct.pdbx_CASP_flag            ? 
_struct.pdbx_model_type_details   ? 
# 
_struct_keywords.entry_id        3RCK 
_struct_keywords.pdbx_keywords   'ISOMERASE/ISOMERASE INHIBITOR' 
_struct_keywords.text            
'beta barrel, prolyl cis/trans isomerase, mitochondria, inhibitor, ISOMERASE-ISOMERASE INHIBITOR complex' 
# 
loop_
_struct_asym.id 
_struct_asym.pdbx_blank_PDB_chainid_flag 
_struct_asym.pdbx_modified 
_struct_asym.entity_id 
_struct_asym.details 
A N N 1 ? 
B N N 2 ? 
C N N 2 ? 
D N N 2 ? 
E N N 2 ? 
F N N 2 ? 
G N N 3 ? 
# 
_struct_biol.id        1 
_struct_biol.details   ? 
# 
loop_
_struct_conf.conf_type_id 
_struct_conf.id 
_struct_conf.pdbx_PDB_helix_id 
_struct_conf.beg_label_comp_id 
_struct_conf.beg_label_asym_id 
_struct_conf.beg_label_seq_id 
_struct_conf.pdbx_beg_PDB_ins_code 
_struct_conf.end_label_comp_id 
_struct_conf.end_label_asym_id 
_struct_conf.end_label_seq_id 
_struct_conf.pdbx_end_PDB_ins_code 
_struct_conf.beg_auth_comp_id 
_struct_conf.beg_auth_asym_id 
_struct_conf.beg_auth_seq_id 
_struct_conf.end_auth_comp_id 
_struct_conf.end_auth_asym_id 
_struct_conf.end_auth_seq_id 
_struct_conf.pdbx_PDB_helix_class 
_struct_conf.details 
_struct_conf.pdbx_PDB_helix_length 
HELX_P HELX_P1 1 VAL A 30  ? GLY A 43  ? VAL X 71  GLY X 84  1 ? 14 
HELX_P HELX_P2 2 THR A 120 ? ASP A 124 ? THR X 161 ASP X 165 5 ? 5  
HELX_P HELX_P3 3 GLY A 136 ? PHE A 146 ? GLY X 177 PHE X 187 1 ? 11 
# 
_struct_conf_type.id          HELX_P 
_struct_conf_type.criteria    ? 
_struct_conf_type.reference   ? 
# 
_struct_sheet.id               A 
_struct_sheet.type             ? 
_struct_sheet.number_strands   8 
_struct_sheet.details          ? 
# 
loop_
_struct_sheet_order.sheet_id 
_struct_sheet_order.range_id_1 
_struct_sheet_order.range_id_2 
_struct_sheet_order.offset 
_struct_sheet_order.sense 
A 1 2 ? anti-parallel 
A 2 3 ? anti-parallel 
A 3 4 ? anti-parallel 
A 4 5 ? anti-parallel 
A 5 6 ? anti-parallel 
A 6 7 ? anti-parallel 
A 7 8 ? anti-parallel 
# 
loop_
_struct_sheet_range.sheet_id 
_struct_sheet_range.id 
_struct_sheet_range.beg_label_comp_id 
_struct_sheet_range.beg_label_asym_id 
_struct_sheet_range.beg_label_seq_id 
_struct_sheet_range.pdbx_beg_PDB_ins_code 
_struct_sheet_range.end_label_comp_id 
_struct_sheet_range.end_label_asym_id 
_struct_sheet_range.end_label_seq_id 
_struct_sheet_range.pdbx_end_PDB_ins_code 
_struct_sheet_range.beg_auth_comp_id 
_struct_sheet_range.beg_auth_asym_id 
_struct_sheet_range.beg_auth_seq_id 
_struct_sheet_range.end_auth_comp_id 
_struct_sheet_range.end_auth_asym_id 
_struct_sheet_range.end_auth_seq_id 
A 1 PHE A 54  ? ILE A 58  ? PHE X 95  ILE X 99  
A 2 MET A 62  ? ALA A 65  ? MET X 103 ALA X 106 
A 3 PHE A 113 ? CYS A 116 ? PHE X 154 CYS X 157 
A 4 VAL A 98  ? MET A 101 ? VAL X 139 MET X 142 
A 5 VAL A 129 ? GLU A 135 ? VAL X 170 GLU X 176 
A 6 LYS A 16  ? LEU A 25  ? LYS X 57  LEU X 66  
A 7 LEU A 6   ? ALA A 13  ? LEU X 47  ALA X 54  
A 8 ILE A 157 ? GLN A 164 ? ILE X 198 GLN X 205 
# 
loop_
_pdbx_struct_sheet_hbond.sheet_id 
_pdbx_struct_sheet_hbond.range_id_1 
_pdbx_struct_sheet_hbond.range_id_2 
_pdbx_struct_sheet_hbond.range_1_label_atom_id 
_pdbx_struct_sheet_hbond.range_1_label_comp_id 
_pdbx_struct_sheet_hbond.range_1_label_asym_id 
_pdbx_struct_sheet_hbond.range_1_label_seq_id 
_pdbx_struct_sheet_hbond.range_1_PDB_ins_code 
_pdbx_struct_sheet_hbond.range_1_auth_atom_id 
_pdbx_struct_sheet_hbond.range_1_auth_comp_id 
_pdbx_struct_sheet_hbond.range_1_auth_asym_id 
_pdbx_struct_sheet_hbond.range_1_auth_seq_id 
_pdbx_struct_sheet_hbond.range_2_label_atom_id 
_pdbx_struct_sheet_hbond.range_2_label_comp_id 
_pdbx_struct_sheet_hbond.range_2_label_asym_id 
_pdbx_struct_sheet_hbond.range_2_label_seq_id 
_pdbx_struct_sheet_hbond.range_2_PDB_ins_code 
_pdbx_struct_sheet_hbond.range_2_auth_atom_id 
_pdbx_struct_sheet_hbond.range_2_auth_comp_id 
_pdbx_struct_sheet_hbond.range_2_auth_asym_id 
_pdbx_struct_sheet_hbond.range_2_auth_seq_id 
A 1 2 N ARG A 56  ? N ARG X 97  O GLN A 64  ? O GLN X 105 
A 2 3 N ALA A 65  ? N ALA X 106 O PHE A 113 ? O PHE X 154 
A 3 4 O PHE A 114 ? O PHE X 155 N SER A 100 ? N SER X 141 
A 4 5 N LEU A 99  ? N LEU X 140 O PHE A 130 ? O PHE X 171 
A 5 6 O GLU A 135 ? O GLU X 176 N VAL A 22  ? N VAL X 63  
A 6 7 O LEU A 18  ? O LEU X 59  N VAL A 11  ? N VAL X 52  
A 7 8 N ASP A 10  ? N ASP X 51  O ASP A 161 ? O ASP X 202 
# 
loop_
_struct_site.id 
_struct_site.pdbx_evidence_code 
_struct_site.pdbx_auth_asym_id 
_struct_site.pdbx_auth_comp_id 
_struct_site.pdbx_auth_seq_id 
_struct_site.pdbx_auth_ins_code 
_struct_site.pdbx_num_residues 
_struct_site.details 
AC1 Software X 1FP 208 ? 10 'BINDING SITE FOR RESIDUE 1FP X 208' 
AC2 Software X 1FP 209 ? 11 'BINDING SITE FOR RESIDUE 1FP X 209' 
AC3 Software X 1FP 210 ? 10 'BINDING SITE FOR RESIDUE 1FP X 210' 
AC4 Software X 1FP 211 ? 7  'BINDING SITE FOR RESIDUE 1FP X 211' 
AC5 Software X 1FP 212 ? 10 'BINDING SITE FOR RESIDUE 1FP X 212' 
# 
loop_
_struct_site_gen.id 
_struct_site_gen.site_id 
_struct_site_gen.pdbx_num_res 
_struct_site_gen.label_comp_id 
_struct_site_gen.label_asym_id 
_struct_site_gen.label_seq_id 
_struct_site_gen.pdbx_auth_ins_code 
_struct_site_gen.auth_comp_id 
_struct_site_gen.auth_asym_id 
_struct_site_gen.auth_seq_id 
_struct_site_gen.label_atom_id 
_struct_site_gen.label_alt_id 
_struct_site_gen.symmetry 
_struct_site_gen.details 
1  AC1 10 GLY A 73  ? GLY X 114 . ? 1_555 ? 
2  AC1 10 THR A 74  ? THR X 115 . ? 1_555 ? 
3  AC1 10 ASN A 103 ? ASN X 144 . ? 1_555 ? 
4  AC1 10 THR A 108 ? THR X 149 . ? 1_555 ? 
5  AC1 10 GLN A 112 ? GLN X 153 . ? 1_555 ? 
6  AC1 10 1FP C .   ? 1FP X 209 . ? 1_555 ? 
7  AC1 10 HOH G .   ? HOH X 239 . ? 1_555 ? 
8  AC1 10 HOH G .   ? HOH X 240 . ? 1_555 ? 
9  AC1 10 HOH G .   ? HOH X 284 . ? 1_555 ? 
10 AC1 10 HOH G .   ? HOH X 297 . ? 4_454 ? 
11 AC2 11 HIS A 55  ? HIS X 96  . ? 1_555 ? 
12 AC2 11 ARG A 56  ? ARG X 97  . ? 1_555 ? 
13 AC2 11 GLN A 64  ? GLN X 105 . ? 1_555 ? 
14 AC2 11 GLY A 73  ? GLY X 114 . ? 1_555 ? 
15 AC2 11 ASN A 103 ? ASN X 144 . ? 1_555 ? 
16 AC2 11 GLN A 112 ? GLN X 153 . ? 1_555 ? 
17 AC2 11 1FP B .   ? 1FP X 208 . ? 1_555 ? 
18 AC2 11 1FP D .   ? 1FP X 210 . ? 1_555 ? 
19 AC2 11 HOH G .   ? HOH X 281 . ? 1_555 ? 
20 AC2 11 HOH G .   ? HOH X 298 . ? 1_555 ? 
21 AC2 11 HOH G .   ? HOH X 377 . ? 1_555 ? 
22 AC3 10 PHE A 61  ? PHE X 102 . ? 1_555 ? 
23 AC3 10 MET A 62  ? MET X 103 . ? 1_555 ? 
24 AC3 10 GLN A 64  ? GLN X 105 . ? 1_555 ? 
25 AC3 10 ALA A 102 ? ALA X 143 . ? 1_555 ? 
26 AC3 10 ASN A 103 ? ASN X 144 . ? 1_555 ? 
27 AC3 10 LEU A 123 ? LEU X 164 . ? 1_555 ? 
28 AC3 10 HIS A 127 ? HIS X 168 . ? 1_555 ? 
29 AC3 10 1FP C .   ? 1FP X 209 . ? 1_555 ? 
30 AC3 10 HOH G .   ? HOH X 315 . ? 1_555 ? 
31 AC3 10 HOH G .   ? HOH X 403 . ? 1_555 ? 
32 AC4 7  GLY A 15  ? GLY X 56  . ? 5_555 ? 
33 AC4 7  ILE A 58  ? ILE X 99  . ? 1_555 ? 
34 AC4 7  SER A 60  ? SER X 101 . ? 1_555 ? 
35 AC4 7  PHE A 61  ? PHE X 102 . ? 1_555 ? 
36 AC4 7  ILE A 118 ? ILE X 159 . ? 1_555 ? 
37 AC4 7  LYS A 156 ? LYS X 197 . ? 5_555 ? 
38 AC4 7  HOH G .   ? HOH X 345 . ? 1_555 ? 
39 AC5 10 ASN A 4   ? ASN X 45  . ? 1_555 ? 
40 AC5 10 LYS A 26  ? LYS X 67  . ? 1_555 ? 
41 AC5 10 ASP A 28  ? ASP X 69  . ? 1_555 ? 
42 AC5 10 ASN A 70  ? ASN X 111 . ? 3_555 ? 
43 AC5 10 THR A 74  ? THR X 115 . ? 3_555 ? 
44 AC5 10 HOH G .   ? HOH X 243 . ? 1_555 ? 
45 AC5 10 HOH G .   ? HOH X 244 . ? 1_555 ? 
46 AC5 10 HOH G .   ? HOH X 245 . ? 1_555 ? 
47 AC5 10 HOH G .   ? HOH X 246 . ? 1_555 ? 
48 AC5 10 HOH G .   ? HOH X 354 . ? 1_555 ? 
# 
_atom_sites.entry_id                    3RCK 
_atom_sites.fract_transf_matrix[1][1]   0.01535459 
_atom_sites.fract_transf_matrix[1][2]   0.00152308 
_atom_sites.fract_transf_matrix[1][3]   0.00813481 
_atom_sites.fract_transf_matrix[2][1]   -0.00775431 
_atom_sites.fract_transf_matrix[2][2]   0.00863937 
_atom_sites.fract_transf_matrix[2][3]   0.01301884 
_atom_sites.fract_transf_matrix[3][1]   -0.00189727 
_atom_sites.fract_transf_matrix[3][2]   -0.00988964 
_atom_sites.fract_transf_matrix[3][3]   0.00543276 
_atom_sites.fract_transf_vector[1]      0.215911 
_atom_sites.fract_transf_vector[2]      0.239071 
_atom_sites.fract_transf_vector[3]      0.272092 
# 
loop_
_atom_type.symbol 
C 
N 
O 
S 
# 
loop_
_atom_site.group_PDB 
_atom_site.id 
_atom_site.type_symbol 
_atom_site.label_atom_id 
_atom_site.label_alt_id 
_atom_site.label_comp_id 
_atom_site.label_asym_id 
_atom_site.label_entity_id 
_atom_site.label_seq_id 
_atom_site.pdbx_PDB_ins_code 
_atom_site.Cartn_x 
_atom_site.Cartn_y 
_atom_site.Cartn_z 
_atom_site.occupancy 
_atom_site.B_iso_or_equiv 
_atom_site.pdbx_formal_charge 
_atom_site.auth_seq_id 
_atom_site.auth_comp_id 
_atom_site.auth_asym_id 
_atom_site.auth_atom_id 
_atom_site.pdbx_PDB_model_num 
ATOM   1    N N   A GLY A 1 3   ? 4.227   -16.555 12.375  0.50 11.93 ? 44  GLY X N   1 
ATOM   2    N N   B GLY A 1 3   ? 3.249   -16.220 13.208  0.50 12.46 ? 44  GLY X N   1 
ATOM   3    C CA  A GLY A 1 3   ? 3.838   -15.155 12.725  0.50 11.41 ? 44  GLY X CA  1 
ATOM   4    C CA  B GLY A 1 3   ? 4.070   -15.142 12.601  0.50 11.85 ? 44  GLY X CA  1 
ATOM   5    C C   A GLY A 1 3   ? 3.488   -14.317 11.507  0.50 10.98 ? 44  GLY X C   1 
ATOM   6    C C   B GLY A 1 3   ? 3.270   -14.311 11.619  0.50 11.29 ? 44  GLY X C   1 
ATOM   7    O O   A GLY A 1 3   ? 3.308   -14.845 10.404  0.50 10.76 ? 44  GLY X O   1 
ATOM   8    O O   B GLY A 1 3   ? 2.480   -14.837 10.836  0.50 11.66 ? 44  GLY X O   1 
ATOM   9    N N   . ASN A 1 4   ? 3.448   -12.998 11.699  1.00 9.95  ? 45  ASN X N   1 
ATOM   10   C CA  . ASN A 1 4   ? 2.941   -12.076 10.677  1.00 9.06  ? 45  ASN X CA  1 
ATOM   11   C C   . ASN A 1 4   ? 3.893   -12.029 9.493   1.00 8.42  ? 45  ASN X C   1 
ATOM   12   O O   . ASN A 1 4   ? 5.103   -12.001 9.691   1.00 9.60  ? 45  ASN X O   1 
ATOM   13   C CB  . ASN A 1 4   ? 2.816   -10.677 11.265  1.00 8.04  ? 45  ASN X CB  1 
ATOM   14   C CG  . ASN A 1 4   ? 1.583   -10.502 12.133  1.00 7.75  ? 45  ASN X CG  1 
ATOM   15   O OD1 . ASN A 1 4   ? 0.612   -11.266 12.045  1.00 7.69  ? 45  ASN X OD1 1 
ATOM   16   N ND2 . ASN A 1 4   ? 1.589   -9.437  12.930  1.00 8.48  ? 45  ASN X ND2 1 
ATOM   17   N N   . PRO A 1 5   ? 3.359   -12.019 8.263   1.00 7.80  ? 46  PRO X N   1 
ATOM   18   C CA  . PRO A 1 5   ? 4.231   -11.921 7.094   1.00 8.20  ? 46  PRO X CA  1 
ATOM   19   C C   . PRO A 1 5   ? 5.042   -10.632 7.021   1.00 7.51  ? 46  PRO X C   1 
ATOM   20   O O   . PRO A 1 5   ? 4.561   -9.556  7.417   1.00 7.06  ? 46  PRO X O   1 
ATOM   21   C CB  . PRO A 1 5   ? 3.250   -11.947 5.907   1.00 9.00  ? 46  PRO X CB  1 
ATOM   22   C CG  . PRO A 1 5   ? 1.977   -12.446 6.437   1.00 9.52  ? 46  PRO X CG  1 
ATOM   23   C CD  . PRO A 1 5   ? 1.938   -12.130 7.889   1.00 7.98  ? 46  PRO X CD  1 
ATOM   24   N N   . LEU A 1 6   ? 6.245   -10.742 6.482   1.00 6.44  ? 47  LEU X N   1 
ATOM   25   C CA  . LEU A 1 6   ? 7.027   -9.584  6.051   1.00 6.42  ? 47  LEU X CA  1 
ATOM   26   C C   . LEU A 1 6   ? 7.041   -9.633  4.539   1.00 6.10  ? 47  LEU X C   1 
ATOM   27   O O   . LEU A 1 6   ? 7.377   -10.673 3.948   1.00 6.10  ? 47  LEU X O   1 
ATOM   28   C CB  . LEU A 1 6   ? 8.483   -9.621  6.541   1.00 6.66  ? 47  LEU X CB  1 
ATOM   29   C CG  . LEU A 1 6   ? 8.733   -9.389  8.020   1.00 7.91  ? 47  LEU X CG  1 
ATOM   30   C CD1 . LEU A 1 6   ? 10.254  -9.323  8.265   1.00 8.77  ? 47  LEU X CD1 1 
ATOM   31   C CD2 . LEU A 1 6   ? 8.029   -8.124  8.520   1.00 10.67 ? 47  LEU X CD2 1 
ATOM   32   N N   . VAL A 1 7   ? 6.687   -8.515  3.905   1.00 6.09  ? 48  VAL X N   1 
ATOM   33   C CA  . VAL A 1 7   ? 6.743   -8.405  2.443   1.00 5.97  ? 48  VAL X CA  1 
ATOM   34   C C   . VAL A 1 7   ? 7.587   -7.198  2.041   1.00 6.24  ? 48  VAL X C   1 
ATOM   35   O O   . VAL A 1 7   ? 7.926   -6.360  2.886   1.00 5.79  ? 48  VAL X O   1 
ATOM   36   C CB  . VAL A 1 7   ? 5.311   -8.321  1.831   1.00 5.87  ? 48  VAL X CB  1 
ATOM   37   C CG1 . VAL A 1 7   ? 4.514   -9.605  2.144   1.00 7.48  ? 48  VAL X CG1 1 
ATOM   38   C CG2 . VAL A 1 7   ? 4.573   -7.111  2.336   1.00 6.43  ? 48  VAL X CG2 1 
ATOM   39   N N   . TYR A 1 8   ? 7.943   -7.109  0.760   1.00 6.14  ? 49  TYR X N   1 
ATOM   40   C CA  . TYR A 1 8   ? 8.797   -6.015  0.296   1.00 6.56  ? 49  TYR X CA  1 
ATOM   41   C C   . TYR A 1 8   ? 8.292   -5.430  -1.012  1.00 6.84  ? 49  TYR X C   1 
ATOM   42   O O   . TYR A 1 8   ? 7.681   -6.132  -1.830  1.00 6.46  ? 49  TYR X O   1 
ATOM   43   C CB  . TYR A 1 8   ? 10.270  -6.456  0.142   1.00 7.59  ? 49  TYR X CB  1 
ATOM   44   C CG  . TYR A 1 8   ? 10.520  -7.428  -0.980  1.00 7.70  ? 49  TYR X CG  1 
ATOM   45   C CD1 . TYR A 1 8   ? 10.900  -6.987  -2.247  1.00 8.64  ? 49  TYR X CD1 1 
ATOM   46   C CD2 . TYR A 1 8   ? 10.353  -8.787  -0.790  1.00 8.77  ? 49  TYR X CD2 1 
ATOM   47   C CE1 . TYR A 1 8   ? 11.112  -7.879  -3.276  1.00 8.98  ? 49  TYR X CE1 1 
ATOM   48   C CE2 . TYR A 1 8   ? 10.572  -9.686  -1.828  1.00 8.73  ? 49  TYR X CE2 1 
ATOM   49   C CZ  . TYR A 1 8   ? 10.941  -9.224  -3.062  1.00 9.76  ? 49  TYR X CZ  1 
ATOM   50   O OH  . TYR A 1 8   ? 11.166  -10.103 -4.102  1.00 12.63 ? 49  TYR X OH  1 
ATOM   51   N N   . LEU A 1 9   ? 8.572   -4.140  -1.189  1.00 7.01  ? 50  LEU X N   1 
ATOM   52   C CA  . LEU A 1 9   ? 8.382   -3.427  -2.440  1.00 7.45  ? 50  LEU X CA  1 
ATOM   53   C C   . LEU A 1 9   ? 9.713   -2.777  -2.780  1.00 7.19  ? 50  LEU X C   1 
ATOM   54   O O   . LEU A 1 9   ? 10.248  -1.998  -1.985  1.00 7.51  ? 50  LEU X O   1 
ATOM   55   C CB  . LEU A 1 9   ? 7.347   -2.317  -2.267  1.00 7.24  ? 50  LEU X CB  1 
ATOM   56   C CG  . LEU A 1 9   ? 5.995   -2.675  -1.665  1.00 7.78  ? 50  LEU X CG  1 
ATOM   57   C CD1 . LEU A 1 9   ? 5.168   -1.391  -1.492  1.00 7.90  ? 50  LEU X CD1 1 
ATOM   58   C CD2 . LEU A 1 9   ? 5.249   -3.711  -2.491  1.00 8.28  ? 50  LEU X CD2 1 
ATOM   59   N N   . ASP A 1 10  ? 10.255  -3.120  -3.950  1.00 8.00  ? 51  ASP X N   1 
ATOM   60   C CA  . ASP A 1 10  ? 11.426  -2.417  -4.490  1.00 8.71  ? 51  ASP X CA  1 
ATOM   61   C C   . ASP A 1 10  ? 10.919  -1.358  -5.452  1.00 9.07  ? 51  ASP X C   1 
ATOM   62   O O   . ASP A 1 10  ? 10.120  -1.657  -6.332  1.00 9.09  ? 51  ASP X O   1 
ATOM   63   C CB  . ASP A 1 10  ? 12.349  -3.396  -5.218  1.00 9.10  ? 51  ASP X CB  1 
ATOM   64   C CG  . ASP A 1 10  ? 13.049  -4.356  -4.272  1.00 10.62 ? 51  ASP X CG  1 
ATOM   65   O OD1 . ASP A 1 10  ? 13.178  -4.017  -3.085  1.00 13.97 ? 51  ASP X OD1 1 
ATOM   66   O OD2 . ASP A 1 10  ? 13.450  -5.450  -4.714  1.00 15.19 ? 51  ASP X OD2 1 
ATOM   67   N N   . VAL A 1 11  ? 11.360  -0.117  -5.266  1.00 8.99  ? 52  VAL X N   1 
ATOM   68   C CA  . VAL A 1 11  ? 10.762  1.016   -5.962  1.00 9.43  ? 52  VAL X CA  1 
ATOM   69   C C   . VAL A 1 11  ? 11.811  1.808   -6.746  1.00 9.79  ? 52  VAL X C   1 
ATOM   70   O O   . VAL A 1 11  ? 12.890  2.115   -6.221  1.00 10.11 ? 52  VAL X O   1 
ATOM   71   C CB  . VAL A 1 11  ? 10.044  1.953   -4.956  1.00 8.89  ? 52  VAL X CB  1 
ATOM   72   C CG1 . VAL A 1 11  ? 9.289   3.074   -5.698  1.00 9.21  ? 52  VAL X CG1 1 
ATOM   73   C CG2 . VAL A 1 11  ? 9.058   1.160   -4.059  1.00 9.28  ? 52  VAL X CG2 1 
ATOM   74   N N   . ASP A 1 12  ? 11.467  2.132   -7.989  1.00 10.08 ? 53  ASP X N   1 
ATOM   75   C CA  . ASP A 1 12  ? 12.231  3.030   -8.862  1.00 10.68 ? 53  ASP X CA  1 
ATOM   76   C C   . ASP A 1 12  ? 11.540  4.386   -8.940  1.00 10.74 ? 53  ASP X C   1 
ATOM   77   O O   . ASP A 1 12  ? 10.315  4.466   -8.819  1.00 10.69 ? 53  ASP X O   1 
ATOM   78   C CB  . ASP A 1 12  ? 12.212  2.518   -10.301 1.00 10.80 ? 53  ASP X CB  1 
ATOM   79   C CG  . ASP A 1 12  ? 13.354  1.597   -10.652 0.80 11.36 ? 53  ASP X CG  1 
ATOM   80   O OD1 . ASP A 1 12  ? 13.427  1.279   -11.863 0.80 13.26 ? 53  ASP X OD1 1 
ATOM   81   O OD2 . ASP A 1 12  ? 14.143  1.199   -9.773  0.80 12.60 ? 53  ASP X OD2 1 
ATOM   82   N N   . ALA A 1 13  ? 12.314  5.447   -9.177  1.00 11.19 ? 54  ALA X N   1 
ATOM   83   C CA  . ALA A 1 13  ? 11.777  6.725   -9.656  1.00 11.34 ? 54  ALA X CA  1 
ATOM   84   C C   . ALA A 1 13  ? 12.485  7.071   -10.971 1.00 12.05 ? 54  ALA X C   1 
ATOM   85   O O   . ALA A 1 13  ? 13.707  7.189   -10.999 1.00 12.36 ? 54  ALA X O   1 
ATOM   86   C CB  . ALA A 1 13  ? 11.967  7.840   -8.627  1.00 11.73 ? 54  ALA X CB  1 
ATOM   87   N N   . ASN A 1 14  ? 11.718  7.190   -12.053 1.00 12.18 ? 55  ASN X N   1 
ATOM   88   C CA  . ASN A 1 14  ? 12.285  7.444   -13.385 1.00 12.64 ? 55  ASN X CA  1 
ATOM   89   C C   . ASN A 1 14  ? 13.393  6.441   -13.730 1.00 13.33 ? 55  ASN X C   1 
ATOM   90   O O   . ASN A 1 14  ? 14.437  6.809   -14.290 1.00 13.93 ? 55  ASN X O   1 
ATOM   91   C CB  . ASN A 1 14  ? 12.802  8.896   -13.489 1.00 12.94 ? 55  ASN X CB  1 
ATOM   92   C CG  . ASN A 1 14  ? 11.681  9.926   -13.518 1.00 12.80 ? 55  ASN X CG  1 
ATOM   93   O OD1 . ASN A 1 14  ? 10.532  9.604   -13.830 1.00 12.32 ? 55  ASN X OD1 1 
ATOM   94   N ND2 . ASN A 1 14  ? 12.022  11.179  -13.215 1.00 12.36 ? 55  ASN X ND2 1 
ATOM   95   N N   . GLY A 1 15  ? 13.162  5.176   -13.387 1.00 12.98 ? 56  GLY X N   1 
ATOM   96   C CA  . GLY A 1 15  ? 14.084  4.099   -13.720 1.00 13.57 ? 56  GLY X CA  1 
ATOM   97   C C   . GLY A 1 15  ? 15.288  3.962   -12.813 1.00 13.83 ? 56  GLY X C   1 
ATOM   98   O O   . GLY A 1 15  ? 16.142  3.103   -13.054 1.00 15.52 ? 56  GLY X O   1 
ATOM   99   N N   . LYS A 1 16  ? 15.368  4.792   -11.778 1.00 13.93 ? 57  LYS X N   1 
ATOM   100  C CA  . LYS A 1 16  ? 16.499  4.785   -10.850 1.00 13.85 ? 57  LYS X CA  1 
ATOM   101  C C   . LYS A 1 16  ? 16.050  4.173   -9.519  1.00 13.29 ? 57  LYS X C   1 
ATOM   102  O O   . LYS A 1 16  ? 15.055  4.611   -8.946  1.00 12.63 ? 57  LYS X O   1 
ATOM   103  C CB  . LYS A 1 16  ? 16.993  6.207   -10.630 0.90 14.57 ? 57  LYS X CB  1 
ATOM   104  C CG  . LYS A 1 16  ? 17.586  6.870   -11.877 0.70 16.52 ? 57  LYS X CG  1 
ATOM   105  C CD  . LYS A 1 16  ? 17.283  8.358   -11.907 0.50 17.57 ? 57  LYS X CD  1 
ATOM   106  C CE  . LYS A 1 16  ? 17.964  9.059   -13.070 0.50 18.92 ? 57  LYS X CE  1 
ATOM   107  N NZ  . LYS A 1 16  ? 19.433  9.180   -12.878 0.40 19.30 ? 57  LYS X NZ  1 
ATOM   108  N N   . PRO A 1 17  ? 16.792  3.172   -9.014  1.00 12.84 ? 58  PRO X N   1 
ATOM   109  C CA  . PRO A 1 17  ? 16.339  2.504   -7.786  1.00 12.21 ? 58  PRO X CA  1 
ATOM   110  C C   . PRO A 1 17  ? 16.405  3.381   -6.551  1.00 12.47 ? 58  PRO X C   1 
ATOM   111  O O   . PRO A 1 17  ? 17.438  4.000   -6.282  1.00 13.32 ? 58  PRO X O   1 
ATOM   112  C CB  . PRO A 1 17  ? 17.296  1.307   -7.663  1.00 12.12 ? 58  PRO X CB  1 
ATOM   113  C CG  . PRO A 1 17  ? 18.537  1.730   -8.405  1.00 13.46 ? 58  PRO X CG  1 
ATOM   114  C CD  . PRO A 1 17  ? 18.043  2.585   -9.537  1.00 13.10 ? 58  PRO X CD  1 
ATOM   115  N N   . LEU A 1 18  ? 15.303  3.438   -5.804  1.00 10.95 ? 59  LEU X N   1 
ATOM   116  C CA  . LEU A 1 18  ? 15.228  4.176   -4.549  1.00 11.09 ? 59  LEU X CA  1 
ATOM   117  C C   . LEU A 1 18  ? 15.559  3.291   -3.350  1.00 10.63 ? 59  LEU X C   1 
ATOM   118  O O   . LEU A 1 18  ? 15.924  3.797   -2.292  1.00 11.35 ? 59  LEU X O   1 
ATOM   119  C CB  . LEU A 1 18  ? 13.828  4.749   -4.342  1.00 10.90 ? 59  LEU X CB  1 
ATOM   120  C CG  . LEU A 1 18  ? 13.283  5.697   -5.407  1.00 11.23 ? 59  LEU X CG  1 
ATOM   121  C CD1 . LEU A 1 18  ? 11.878  6.149   -5.019  1.00 12.12 ? 59  LEU X CD1 1 
ATOM   122  C CD2 . LEU A 1 18  ? 14.198  6.914   -5.601  1.00 13.12 ? 59  LEU X CD2 1 
ATOM   123  N N   . GLY A 1 19  ? 15.385  1.985   -3.517  1.00 10.43 ? 60  GLY X N   1 
ATOM   124  C CA  . GLY A 1 19  ? 15.581  1.034   -2.434  1.00 10.30 ? 60  GLY X CA  1 
ATOM   125  C C   . GLY A 1 19  ? 14.327  0.222   -2.167  1.00 9.96  ? 60  GLY X C   1 
ATOM   126  O O   . GLY A 1 19  ? 13.423  0.143   -3.006  1.00 10.60 ? 60  GLY X O   1 
ATOM   127  N N   . ARG A 1 20  ? 14.282  -0.364  -0.977  1.00 9.00  ? 61  ARG X N   1 
ATOM   128  C CA  . ARG A 1 20  ? 13.282  -1.345  -0.584  1.00 8.69  ? 61  ARG X CA  1 
ATOM   129  C C   . ARG A 1 20  ? 12.475  -0.873  0.614   1.00 8.26  ? 61  ARG X C   1 
ATOM   130  O O   . ARG A 1 20  ? 13.024  -0.405  1.609   1.00 8.62  ? 61  ARG X O   1 
ATOM   131  C CB  . ARG A 1 20  ? 13.974  -2.667  -0.228  1.00 8.93  ? 61  ARG X CB  1 
ATOM   132  C CG  . ARG A 1 20  ? 13.021  -3.747  0.294   1.00 9.54  ? 61  ARG X CG  1 
ATOM   133  C CD  . ARG A 1 20  ? 13.688  -5.094  0.381   1.00 10.66 ? 61  ARG X CD  1 
ATOM   134  N NE  . ARG A 1 20  ? 13.902  -5.653  -0.944  1.00 10.94 ? 61  ARG X NE  1 
ATOM   135  C CZ  . ARG A 1 20  ? 14.396  -6.861  -1.196  1.00 14.25 ? 61  ARG X CZ  1 
ATOM   136  N NH1 . ARG A 1 20  ? 14.749  -7.667  -0.201  1.00 15.67 ? 61  ARG X NH1 1 
ATOM   137  N NH2 . ARG A 1 20  ? 14.537  -7.265  -2.445  1.00 14.45 ? 61  ARG X NH2 1 
ATOM   138  N N   . VAL A 1 21  ? 11.156  -1.015  0.509   1.00 7.72  ? 62  VAL X N   1 
ATOM   139  C CA  . VAL A 1 21  ? 10.255  -0.819  1.634   1.00 7.02  ? 62  VAL X CA  1 
ATOM   140  C C   . VAL A 1 21  ? 9.850   -2.201  2.140   1.00 6.48  ? 62  VAL X C   1 
ATOM   141  O O   . VAL A 1 21  ? 9.340   -3.021  1.368   1.00 6.76  ? 62  VAL X O   1 
ATOM   142  C CB  . VAL A 1 21  ? 8.999   -0.038  1.212   1.00 7.12  ? 62  VAL X CB  1 
ATOM   143  C CG1 . VAL A 1 21  ? 8.102   0.220   2.406   1.00 8.94  ? 62  VAL X CG1 1 
ATOM   144  C CG2 . VAL A 1 21  ? 9.379   1.299   0.555   1.00 8.33  ? 62  VAL X CG2 1 
ATOM   145  N N   . VAL A 1 22  ? 10.064  -2.452  3.435   1.00 6.03  ? 63  VAL X N   1 
ATOM   146  C CA  . VAL A 1 22  ? 9.649   -3.707  4.044   1.00 5.78  ? 63  VAL X CA  1 
ATOM   147  C C   . VAL A 1 22  ? 8.454   -3.418  4.943   1.00 5.51  ? 63  VAL X C   1 
ATOM   148  O O   . VAL A 1 22  ? 8.484   -2.486  5.731   1.00 5.61  ? 63  VAL X O   1 
ATOM   149  C CB  . VAL A 1 22  ? 10.791  -4.351  4.840   1.00 6.01  ? 63  VAL X CB  1 
ATOM   150  C CG1 . VAL A 1 22  ? 10.310  -5.613  5.558   1.00 6.58  ? 63  VAL X CG1 1 
ATOM   151  C CG2 . VAL A 1 22  ? 11.993  -4.659  3.921   1.00 7.55  ? 63  VAL X CG2 1 
ATOM   152  N N   . LEU A 1 23  ? 7.400   -4.223  4.779   1.00 5.64  ? 64  LEU X N   1 
ATOM   153  C CA  . LEU A 1 23  ? 6.140   -4.045  5.487   1.00 5.90  ? 64  LEU X CA  1 
ATOM   154  C C   . LEU A 1 23  ? 5.806   -5.283  6.307   1.00 5.54  ? 64  LEU X C   1 
ATOM   155  O O   . LEU A 1 23  ? 5.919   -6.400  5.806   1.00 6.08  ? 64  LEU X O   1 
ATOM   156  C CB  . LEU A 1 23  ? 5.013   -3.790  4.472   1.00 5.88  ? 64  LEU X CB  1 
ATOM   157  C CG  . LEU A 1 23  ? 5.247   -2.575  3.569   1.00 6.49  ? 64  LEU X CG  1 
ATOM   158  C CD1 . LEU A 1 23  ? 4.403   -2.690  2.285   1.00 7.04  ? 64  LEU X CD1 1 
ATOM   159  C CD2 . LEU A 1 23  ? 4.970   -1.283  4.305   1.00 6.38  ? 64  LEU X CD2 1 
ATOM   160  N N   . GLU A 1 24  ? 5.402   -5.079  7.558   1.00 5.32  ? 65  GLU X N   1 
ATOM   161  C CA  . GLU A 1 24  ? 4.784   -6.129  8.369   1.00 5.51  ? 65  GLU X CA  1 
ATOM   162  C C   . GLU A 1 24  ? 3.292   -6.091  8.111   1.00 5.80  ? 65  GLU X C   1 
ATOM   163  O O   . GLU A 1 24  ? 2.678   -5.042  8.221   1.00 6.59  ? 65  GLU X O   1 
ATOM   164  C CB  . GLU A 1 24  ? 5.038   -5.909  9.864   1.00 6.08  ? 65  GLU X CB  1 
ATOM   165  C CG  . GLU A 1 24  ? 4.254   -6.897  10.719  1.00 6.64  ? 65  GLU X CG  1 
ATOM   166  C CD  . GLU A 1 24  ? 4.548   -6.842  12.200  1.00 8.19  ? 65  GLU X CD  1 
ATOM   167  O OE1 . GLU A 1 24  ? 5.480   -6.131  12.639  1.00 7.91  ? 65  GLU X OE1 1 
ATOM   168  O OE2 . GLU A 1 24  ? 3.847   -7.561  12.942  1.00 8.74  ? 65  GLU X OE2 1 
ATOM   169  N N   . LEU A 1 25  ? 2.722   -7.244  7.799   1.00 5.22  ? 66  LEU X N   1 
ATOM   170  C CA  . LEU A 1 25  ? 1.281   -7.355  7.574   1.00 5.81  ? 66  LEU X CA  1 
ATOM   171  C C   . LEU A 1 25  ? 0.655   -7.983  8.809   1.00 5.96  ? 66  LEU X C   1 
ATOM   172  O O   . LEU A 1 25  ? 1.056   -9.076  9.228   1.00 6.08  ? 66  LEU X O   1 
ATOM   173  C CB  . LEU A 1 25  ? 0.992   -8.197  6.331   1.00 5.83  ? 66  LEU X CB  1 
ATOM   174  C CG  . LEU A 1 25  ? 1.733   -7.797  5.071   1.00 5.46  ? 66  LEU X CG  1 
ATOM   175  C CD1 . LEU A 1 25  ? 1.335   -8.725  3.906   1.00 6.29  ? 66  LEU X CD1 1 
ATOM   176  C CD2 . LEU A 1 25  ? 1.501   -6.322  4.723   1.00 6.11  ? 66  LEU X CD2 1 
ATOM   177  N N   . LYS A 1 26  ? -0.306  -7.289  9.404   1.00 5.66  ? 67  LYS X N   1 
ATOM   178  C CA  . LYS A 1 26  ? -0.840  -7.682  10.706  1.00 6.27  ? 67  LYS X CA  1 
ATOM   179  C C   . LYS A 1 26  ? -1.956  -8.704  10.556  1.00 6.20  ? 67  LYS X C   1 
ATOM   180  O O   . LYS A 1 26  ? -3.120  -8.460  10.849  1.00 5.89  ? 67  LYS X O   1 
ATOM   181  C CB  A LYS A 1 26  ? -1.197  -6.442  11.514  0.60 6.96  ? 67  LYS X CB  1 
ATOM   182  C CB  B LYS A 1 26  ? -1.354  -6.466  11.478  0.40 6.65  ? 67  LYS X CB  1 
ATOM   183  C CG  A LYS A 1 26  ? 0.094   -5.700  11.850  0.60 8.00  ? 67  LYS X CG  1 
ATOM   184  C CG  B LYS A 1 26  ? -0.356  -5.334  11.599  0.40 7.10  ? 67  LYS X CG  1 
ATOM   185  C CD  A LYS A 1 26  ? -0.064  -4.384  12.542  0.60 9.73  ? 67  LYS X CD  1 
ATOM   186  C CD  B LYS A 1 26  ? 0.945   -5.779  12.243  0.30 9.36  ? 67  LYS X CD  1 
ATOM   187  C CE  A LYS A 1 26  ? 1.302   -3.716  12.686  0.60 10.28 ? 67  LYS X CE  1 
ATOM   188  C CE  B LYS A 1 26  ? 0.833   -5.829  13.741  0.30 10.21 ? 67  LYS X CE  1 
ATOM   189  N NZ  A LYS A 1 26  ? 1.204   -2.336  13.225  0.60 10.67 ? 67  LYS X NZ  1 
ATOM   190  N NZ  B LYS A 1 26  ? -0.568  -5.902  14.207  0.30 10.56 ? 67  LYS X NZ  1 
ATOM   191  N N   . ALA A 1 27  ? -1.536  -9.883  10.108  1.00 6.12  ? 68  ALA X N   1 
ATOM   192  C CA  . ALA A 1 27  ? -2.433  -10.999 9.885   1.00 6.05  ? 68  ALA X CA  1 
ATOM   193  C C   . ALA A 1 27  ? -3.070  -11.478 11.175  1.00 7.31  ? 68  ALA X C   1 
ATOM   194  O O   . ALA A 1 27  ? -4.141  -12.076 11.140  1.00 7.34  ? 68  ALA X O   1 
ATOM   195  C CB  . ALA A 1 27  ? -1.685  -12.144 9.208   1.00 6.90  ? 68  ALA X CB  1 
ATOM   196  N N   . ASP A 1 28  ? -2.427  -11.214 12.307  1.00 7.79  ? 69  ASP X N   1 
ATOM   197  C CA  . ASP A 1 28  ? -3.030  -11.514 13.610  1.00 8.52  ? 69  ASP X CA  1 
ATOM   198  C C   . ASP A 1 28  ? -4.285  -10.692 13.930  1.00 8.57  ? 69  ASP X C   1 
ATOM   199  O O   . ASP A 1 28  ? -5.140  -11.141 14.690  1.00 10.30 ? 69  ASP X O   1 
ATOM   200  C CB  . ASP A 1 28  ? -1.994  -11.420 14.751  1.00 9.19  ? 69  ASP X CB  1 
ATOM   201  C CG  . ASP A 1 28  ? -1.316  -10.076 14.861  1.00 11.19 ? 69  ASP X CG  1 
ATOM   202  O OD1 . ASP A 1 28  ? -1.289  -9.264  13.915  1.00 9.36  ? 69  ASP X OD1 1 
ATOM   203  O OD2 . ASP A 1 28  ? -0.746  -9.835  15.947  1.00 16.47 ? 69  ASP X OD2 1 
ATOM   204  N N   . VAL A 1 29  ? -4.424  -9.520  13.321  1.00 6.88  ? 70  VAL X N   1 
ATOM   205  C CA  . VAL A 1 29  ? -5.553  -8.628  13.564  1.00 6.55  ? 70  VAL X CA  1 
ATOM   206  C C   . VAL A 1 29  ? -6.530  -8.610  12.376  1.00 5.79  ? 70  VAL X C   1 
ATOM   207  O O   . VAL A 1 29  ? -7.747  -8.597  12.565  1.00 5.99  ? 70  VAL X O   1 
ATOM   208  C CB  . VAL A 1 29  ? -5.054  -7.192  13.822  1.00 6.37  ? 70  VAL X CB  1 
ATOM   209  C CG1 . VAL A 1 29  ? -6.227  -6.248  14.050  1.00 7.22  ? 70  VAL X CG1 1 
ATOM   210  C CG2 . VAL A 1 29  ? -4.075  -7.155  15.033  1.00 7.96  ? 70  VAL X CG2 1 
ATOM   211  N N   . VAL A 1 30  ? -5.972  -8.561  11.170  1.00 5.74  ? 71  VAL X N   1 
ATOM   212  C CA  . VAL A 1 30  ? -6.744  -8.472  9.923   1.00 5.57  ? 71  VAL X CA  1 
ATOM   213  C C   . VAL A 1 30  ? -6.251  -9.522  8.939   1.00 5.43  ? 71  VAL X C   1 
ATOM   214  O O   . VAL A 1 30  ? -5.612  -9.212  7.929   1.00 5.37  ? 71  VAL X O   1 
ATOM   215  C CB  . VAL A 1 30  ? -6.700  -7.047  9.306   1.00 5.61  ? 71  VAL X CB  1 
ATOM   216  C CG1 . VAL A 1 30  ? -7.703  -6.121  9.995   1.00 6.08  ? 71  VAL X CG1 1 
ATOM   217  C CG2 . VAL A 1 30  ? -5.290  -6.435  9.365   1.00 7.19  ? 71  VAL X CG2 1 
ATOM   218  N N   . PRO A 1 31  ? -6.554  -10.802 9.224   1.00 5.59  ? 72  PRO X N   1 
ATOM   219  C CA  . PRO A 1 31  ? -6.000  -11.836 8.363   1.00 5.86  ? 72  PRO X CA  1 
ATOM   220  C C   . PRO A 1 31  ? -6.436  -11.775 6.898   1.00 5.93  ? 72  PRO X C   1 
ATOM   221  O O   . PRO A 1 31  ? -5.640  -12.060 6.015   1.00 5.22  ? 72  PRO X O   1 
ATOM   222  C CB  . PRO A 1 31  ? -6.490  -13.147 9.015   1.00 6.35  ? 72  PRO X CB  1 
ATOM   223  C CG  . PRO A 1 31  ? -7.618  -12.763 9.888   1.00 5.73  ? 72  PRO X CG  1 
ATOM   224  C CD  . PRO A 1 31  ? -7.294  -11.365 10.370  1.00 6.36  ? 72  PRO X CD  1 
ATOM   225  N N   . LYS A 1 32  ? -7.694  -11.442 6.625   1.00 6.04  ? 73  LYS X N   1 
ATOM   226  C CA  A LYS A 1 32  ? -8.172  -11.406 5.236   0.60 6.45  ? 73  LYS X CA  1 
ATOM   227  C CA  B LYS A 1 32  ? -8.164  -11.403 5.247   0.40 6.21  ? 73  LYS X CA  1 
ATOM   228  C C   . LYS A 1 32  ? -7.495  -10.278 4.454   1.00 6.03  ? 73  LYS X C   1 
ATOM   229  O O   . LYS A 1 32  ? -7.114  -10.451 3.295   1.00 5.47  ? 73  LYS X O   1 
ATOM   230  C CB  A LYS A 1 32  ? -9.698  -11.253 5.183   0.60 6.69  ? 73  LYS X CB  1 
ATOM   231  C CB  B LYS A 1 32  ? -9.676  -11.238 5.220   0.40 6.34  ? 73  LYS X CB  1 
ATOM   232  C CG  A LYS A 1 32  ? -10.472 -12.430 5.766   0.60 8.65  ? 73  LYS X CG  1 
ATOM   233  C CG  B LYS A 1 32  ? -10.242 -11.453 3.861   0.40 7.34  ? 73  LYS X CG  1 
ATOM   234  C CD  A LYS A 1 32  ? -11.938 -12.066 5.993   0.60 10.85 ? 73  LYS X CD  1 
ATOM   235  C CD  B LYS A 1 32  ? -11.725 -11.543 3.906   0.40 8.20  ? 73  LYS X CD  1 
ATOM   236  C CE  A LYS A 1 32  ? -12.683 -13.160 6.723   0.60 13.08 ? 73  LYS X CE  1 
ATOM   237  C CE  B LYS A 1 32  ? -12.275 -11.727 2.494   0.40 9.21  ? 73  LYS X CE  1 
ATOM   238  N NZ  A LYS A 1 32  ? -12.802 -14.384 5.904   0.60 16.36 ? 73  LYS X NZ  1 
ATOM   239  N NZ  B LYS A 1 32  ? -12.205 -13.122 2.035   0.40 9.59  ? 73  LYS X NZ  1 
ATOM   240  N N   . THR A 1 33  ? -7.351  -9.127  5.095   1.00 5.46  ? 74  THR X N   1 
ATOM   241  C CA  . THR A 1 33  ? -6.727  -7.963  4.457   1.00 5.26  ? 74  THR X CA  1 
ATOM   242  C C   . THR A 1 33  ? -5.221  -8.198  4.283   1.00 5.25  ? 74  THR X C   1 
ATOM   243  O O   . THR A 1 33  ? -4.655  -7.906  3.233   1.00 5.28  ? 74  THR X O   1 
ATOM   244  C CB  . THR A 1 33  ? -7.013  -6.697  5.279   1.00 5.49  ? 74  THR X CB  1 
ATOM   245  O OG1 . THR A 1 33  ? -8.430  -6.599  5.502   1.00 5.33  ? 74  THR X OG1 1 
ATOM   246  C CG2 . THR A 1 33  ? -6.545  -5.430  4.577   1.00 5.27  ? 74  THR X CG2 1 
ATOM   247  N N   . ALA A 1 34  ? -4.579  -8.770  5.297   1.00 5.33  ? 75  ALA X N   1 
ATOM   248  C CA  . ALA A 1 34  ? -3.158  -9.100  5.174   1.00 5.35  ? 75  ALA X CA  1 
ATOM   249  C C   . ALA A 1 34  ? -2.902  -10.096 4.055   1.00 5.53  ? 75  ALA X C   1 
ATOM   250  O O   . ALA A 1 34  ? -1.968  -9.951  3.288   1.00 5.08  ? 75  ALA X O   1 
ATOM   251  C CB  . ALA A 1 34  ? -2.633  -9.663  6.483   1.00 5.94  ? 75  ALA X CB  1 
ATOM   252  N N   . GLU A 1 35  ? -3.742  -11.120 3.960   1.00 5.09  ? 76  GLU X N   1 
ATOM   253  C CA  . GLU A 1 35  ? -3.546  -12.150 2.952   1.00 5.80  ? 76  GLU X CA  1 
ATOM   254  C C   . GLU A 1 35  ? -3.693  -11.617 1.532   1.00 5.67  ? 76  GLU X C   1 
ATOM   255  O O   . GLU A 1 35  ? -2.924  -11.988 0.647   1.00 5.48  ? 76  GLU X O   1 
ATOM   256  C CB  . GLU A 1 35  ? -4.512  -13.306 3.205   1.00 5.89  ? 76  GLU X CB  1 
ATOM   257  C CG  . GLU A 1 35  ? -4.517  -14.412 2.153   1.00 6.31  ? 76  GLU X CG  1 
ATOM   258  C CD  . GLU A 1 35  ? -3.168  -15.077 1.931   1.00 8.19  ? 76  GLU X CD  1 
ATOM   259  O OE1 . GLU A 1 35  ? -2.249  -14.932 2.783   1.00 7.50  ? 76  GLU X OE1 1 
ATOM   260  O OE2 . GLU A 1 35  ? -3.029  -15.735 0.870   1.00 9.63  ? 76  GLU X OE2 1 
ATOM   261  N N   . ASN A 1 36  ? -4.673  -10.748 1.324   1.00 4.78  ? 77  ASN X N   1 
ATOM   262  C CA  . ASN A 1 36  ? -4.825  -10.090 0.040   1.00 5.24  ? 77  ASN X CA  1 
ATOM   263  C C   . ASN A 1 36  ? -3.535  -9.380  -0.370  1.00 5.18  ? 77  ASN X C   1 
ATOM   264  O O   . ASN A 1 36  ? -3.005  -9.606  -1.444  1.00 5.45  ? 77  ASN X O   1 
ATOM   265  C CB  . ASN A 1 36  ? -5.994  -9.108  0.131   1.00 5.07  ? 77  ASN X CB  1 
ATOM   266  C CG  . ASN A 1 36  ? -6.240  -8.373  -1.158  1.00 6.02  ? 77  ASN X CG  1 
ATOM   267  O OD1 . ASN A 1 36  ? -6.500  -8.992  -2.203  1.00 6.84  ? 77  ASN X OD1 1 
ATOM   268  N ND2 . ASN A 1 36  ? -6.147  -7.047  -1.110  1.00 5.96  ? 77  ASN X ND2 1 
ATOM   269  N N   . PHE A 1 37  ? -3.007  -8.541  0.508   1.00 5.67  ? 78  PHE X N   1 
ATOM   270  C CA  . PHE A 1 37  ? -1.787  -7.817  0.191   1.00 5.26  ? 78  PHE X CA  1 
ATOM   271  C C   . PHE A 1 37  ? -0.588  -8.752  -0.020  1.00 5.55  ? 78  PHE X C   1 
ATOM   272  O O   . PHE A 1 37  ? 0.186   -8.579  -0.959  1.00 4.87  ? 78  PHE X O   1 
ATOM   273  C CB  . PHE A 1 37  ? -1.496  -6.805  1.284   1.00 5.14  ? 78  PHE X CB  1 
ATOM   274  C CG  . PHE A 1 37  ? -0.464  -5.770  0.899   1.00 5.44  ? 78  PHE X CG  1 
ATOM   275  C CD1 . PHE A 1 37  ? -0.852  -4.588  0.317   1.00 5.49  ? 78  PHE X CD1 1 
ATOM   276  C CD2 . PHE A 1 37  ? 0.887   -5.970  1.152   1.00 5.66  ? 78  PHE X CD2 1 
ATOM   277  C CE1 . PHE A 1 37  ? 0.073   -3.625  -0.023  1.00 6.33  ? 78  PHE X CE1 1 
ATOM   278  C CE2 . PHE A 1 37  ? 1.810   -5.000  0.826   1.00 6.05  ? 78  PHE X CE2 1 
ATOM   279  C CZ  . PHE A 1 37  ? 1.413   -3.827  0.234   1.00 6.39  ? 78  PHE X CZ  1 
ATOM   280  N N   . ARG A 1 38  ? -0.455  -9.757  0.833   1.00 5.26  ? 79  ARG X N   1 
ATOM   281  C CA  . ARG A 1 38  ? 0.639   -10.720 0.711   1.00 5.54  ? 79  ARG X CA  1 
ATOM   282  C C   . ARG A 1 38  ? 0.645   -11.383 -0.663  1.00 5.76  ? 79  ARG X C   1 
ATOM   283  O O   . ARG A 1 38  ? 1.664   -11.414 -1.366  1.00 5.79  ? 79  ARG X O   1 
ATOM   284  C CB  . ARG A 1 38  ? 0.505   -11.796 1.785   1.00 5.43  ? 79  ARG X CB  1 
ATOM   285  C CG  . ARG A 1 38  ? 1.708   -12.721 1.876   1.00 6.35  ? 79  ARG X CG  1 
ATOM   286  C CD  . ARG A 1 38  ? 1.376   -14.019 2.588   1.00 6.00  ? 79  ARG X CD  1 
ATOM   287  N NE  . ARG A 1 38  ? 0.388   -14.787 1.832   1.00 6.43  ? 79  ARG X NE  1 
ATOM   288  C CZ  . ARG A 1 38  ? 0.657   -15.466 0.722   1.00 7.14  ? 79  ARG X CZ  1 
ATOM   289  N NH1 . ARG A 1 38  ? 1.892   -15.567 0.238   1.00 8.11  ? 79  ARG X NH1 1 
ATOM   290  N NH2 . ARG A 1 38  ? -0.335  -16.067 0.079   1.00 8.35  ? 79  ARG X NH2 1 
ATOM   291  N N   . ALA A 1 39  ? -0.501  -11.929 -1.050  1.00 6.06  ? 80  ALA X N   1 
ATOM   292  C CA  . ALA A 1 39  ? -0.612  -12.602 -2.335  1.00 6.06  ? 80  ALA X CA  1 
ATOM   293  C C   . ALA A 1 39  ? -0.438  -11.665 -3.529  1.00 6.11  ? 80  ALA X C   1 
ATOM   294  O O   . ALA A 1 39  ? 0.091   -12.074 -4.558  1.00 6.52  ? 80  ALA X O   1 
ATOM   295  C CB  . ALA A 1 39  ? -1.952  -13.347 -2.417  1.00 6.62  ? 80  ALA X CB  1 
ATOM   296  N N   . LEU A 1 40  ? -0.840  -10.410 -3.402  1.00 6.05  ? 81  LEU X N   1 
ATOM   297  C CA  . LEU A 1 40  ? -0.605  -9.458  -4.477  1.00 6.52  ? 81  LEU X CA  1 
ATOM   298  C C   . LEU A 1 40  ? 0.873   -9.091  -4.580  1.00 6.66  ? 81  LEU X C   1 
ATOM   299  O O   . LEU A 1 40  ? 1.341   -8.748  -5.662  1.00 6.26  ? 81  LEU X O   1 
ATOM   300  C CB  . LEU A 1 40  ? -1.478  -8.215  -4.304  1.00 6.57  ? 81  LEU X CB  1 
ATOM   301  C CG  . LEU A 1 40  ? -2.985  -8.476  -4.449  1.00 6.37  ? 81  LEU X CG  1 
ATOM   302  C CD1 . LEU A 1 40  ? -3.749  -7.261  -3.974  1.00 6.21  ? 81  LEU X CD1 1 
ATOM   303  C CD2 . LEU A 1 40  ? -3.389  -8.823  -5.884  1.00 7.48  ? 81  LEU X CD2 1 
ATOM   304  N N   . CYS A 1 41  ? 1.610   -9.163  -3.462  1.00 6.29  ? 82  CYS X N   1 
ATOM   305  C CA  . CYS A 1 41  ? 3.063   -8.973  -3.509  1.00 6.86  ? 82  CYS X CA  1 
ATOM   306  C C   . CYS A 1 41  ? 3.776   -10.153 -4.181  1.00 7.24  ? 82  CYS X C   1 
ATOM   307  O O   . CYS A 1 41  ? 4.682   -9.940  -4.958  1.00 7.74  ? 82  CYS X O   1 
ATOM   308  C CB  . CYS A 1 41  ? 3.641   -8.779  -2.104  1.00 6.62  ? 82  CYS X CB  1 
ATOM   309  S SG  . CYS A 1 41  ? 3.273   -7.152  -1.405  1.00 6.37  ? 82  CYS X SG  1 
ATOM   310  N N   . THR A 1 42  ? 3.397   -11.387 -3.869  1.00 7.42  ? 83  THR X N   1 
ATOM   311  C CA  . THR A 1 42  ? 4.065   -12.541 -4.475  1.00 8.17  ? 83  THR X CA  1 
ATOM   312  C C   . THR A 1 42  ? 3.627   -12.750 -5.924  1.00 9.34  ? 83  THR X C   1 
ATOM   313  O O   . THR A 1 42  ? 4.365   -13.347 -6.720  1.00 10.76 ? 83  THR X O   1 
ATOM   314  C CB  . THR A 1 42  ? 3.774   -13.832 -3.737  1.00 8.15  ? 83  THR X CB  1 
ATOM   315  O OG1 . THR A 1 42  ? 2.385   -14.144 -3.879  1.00 7.41  ? 83  THR X OG1 1 
ATOM   316  C CG2 . THR A 1 42  ? 4.143   -13.741 -2.260  1.00 8.29  ? 83  THR X CG2 1 
ATOM   317  N N   . GLY A 1 43  ? 2.427   -12.277 -6.266  1.00 8.79  ? 84  GLY X N   1 
ATOM   318  C CA  . GLY A 1 43  ? 1.854   -12.480 -7.602  1.00 9.64  ? 84  GLY X CA  1 
ATOM   319  C C   . GLY A 1 43  ? 1.371   -13.895 -7.834  1.00 11.11 ? 84  GLY X C   1 
ATOM   320  O O   . GLY A 1 43  ? 1.092   -14.267 -8.967  1.00 10.94 ? 84  GLY X O   1 
ATOM   321  N N   . GLU A 1 44  ? 1.239   -14.681 -6.767  1.00 10.93 ? 85  GLU X N   1 
ATOM   322  C CA  . GLU A 1 44  ? 0.963   -16.115 -6.886  1.00 11.64 ? 85  GLU X CA  1 
ATOM   323  C C   . GLU A 1 44  ? -0.378  -16.478 -7.508  1.00 12.60 ? 85  GLU X C   1 
ATOM   324  O O   . GLU A 1 44  ? -0.547  -17.607 -7.976  1.00 13.45 ? 85  GLU X O   1 
ATOM   325  C CB  . GLU A 1 44  ? 1.102   -16.794 -5.519  1.00 11.47 ? 85  GLU X CB  1 
ATOM   326  C CG  . GLU A 1 44  ? 0.082   -16.357 -4.483  1.00 11.40 ? 85  GLU X CG  1 
ATOM   327  C CD  . GLU A 1 44  ? 0.482   -16.769 -3.091  1.00 11.07 ? 85  GLU X CD  1 
ATOM   328  O OE1 . GLU A 1 44  ? 1.550   -16.300 -2.613  1.00 10.52 ? 85  GLU X OE1 1 
ATOM   329  O OE2 . GLU A 1 44  ? -0.260  -17.561 -2.472  1.00 11.68 ? 85  GLU X OE2 1 
ATOM   330  N N   . LYS A 1 45  ? -1.331  -15.551 -7.522  1.00 12.83 ? 86  LYS X N   1 
ATOM   331  C CA  . LYS A 1 45  ? -2.632  -15.807 -8.161  1.00 13.83 ? 86  LYS X CA  1 
ATOM   332  C C   . LYS A 1 45  ? -2.623  -15.482 -9.654  1.00 14.01 ? 86  LYS X C   1 
ATOM   333  O O   . LYS A 1 45  ? -3.617  -15.732 -10.343 1.00 14.86 ? 86  LYS X O   1 
ATOM   334  C CB  . LYS A 1 45  ? -3.743  -15.001 -7.492  1.00 14.44 ? 86  LYS X CB  1 
ATOM   335  C CG  . LYS A 1 45  ? -3.827  -15.125 -5.973  1.00 16.10 ? 86  LYS X CG  1 
ATOM   336  C CD  . LYS A 1 45  ? -4.059  -16.542 -5.487  1.00 17.91 ? 86  LYS X CD  1 
ATOM   337  C CE  . LYS A 1 45  ? -4.444  -16.526 -4.003  1.00 19.19 ? 86  LYS X CE  1 
ATOM   338  N NZ  . LYS A 1 45  ? -4.656  -17.879 -3.419  0.80 19.95 ? 86  LYS X NZ  1 
ATOM   339  N N   . GLY A 1 46  ? -1.528  -14.913 -10.153 1.00 13.29 ? 87  GLY X N   1 
ATOM   340  C CA  . GLY A 1 46  ? -1.406  -14.573 -11.573 1.00 13.36 ? 87  GLY X CA  1 
ATOM   341  C C   . GLY A 1 46  ? -1.501  -13.093 -11.863 1.00 13.10 ? 87  GLY X C   1 
ATOM   342  O O   . GLY A 1 46  ? -1.450  -12.673 -13.017 1.00 14.49 ? 87  GLY X O   1 
ATOM   343  N N   . PHE A 1 47  ? -1.652  -12.290 -10.810 1.00 11.92 ? 88  PHE X N   1 
ATOM   344  C CA  . PHE A 1 47  ? -1.682  -10.840 -10.925 1.00 10.68 ? 88  PHE X CA  1 
ATOM   345  C C   . PHE A 1 47  ? -1.216  -10.237 -9.606  1.00 9.36  ? 88  PHE X C   1 
ATOM   346  O O   . PHE A 1 47  ? -1.166  -10.927 -8.580  1.00 8.99  ? 88  PHE X O   1 
ATOM   347  C CB  . PHE A 1 47  ? -3.089  -10.333 -11.266 1.00 10.95 ? 88  PHE X CB  1 
ATOM   348  C CG  . PHE A 1 47  ? -4.160  -10.833 -10.336 1.00 11.42 ? 88  PHE X CG  1 
ATOM   349  C CD1 . PHE A 1 47  ? -4.576  -10.066 -9.252  1.00 12.16 ? 88  PHE X CD1 1 
ATOM   350  C CD2 . PHE A 1 47  ? -4.768  -12.061 -10.560 1.00 13.99 ? 88  PHE X CD2 1 
ATOM   351  C CE1 . PHE A 1 47  ? -5.571  -10.522 -8.401  1.00 12.50 ? 88  PHE X CE1 1 
ATOM   352  C CE2 . PHE A 1 47  ? -5.759  -12.525 -9.715  1.00 15.07 ? 88  PHE X CE2 1 
ATOM   353  C CZ  . PHE A 1 47  ? -6.164  -11.761 -8.635  1.00 14.64 ? 88  PHE X CZ  1 
ATOM   354  N N   . GLY A 1 48  ? -0.878  -8.956  -9.638  1.00 8.66  ? 89  GLY X N   1 
ATOM   355  C CA  . GLY A 1 48  ? -0.364  -8.322  -8.429  1.00 8.04  ? 89  GLY X CA  1 
ATOM   356  C C   . GLY A 1 48  ? 0.323   -7.007  -8.690  1.00 8.05  ? 89  GLY X C   1 
ATOM   357  O O   . GLY A 1 48  ? 0.165   -6.403  -9.757  1.00 7.91  ? 89  GLY X O   1 
ATOM   358  N N   . TYR A 1 49  ? 1.116   -6.578  -7.712  1.00 7.46  ? 90  TYR X N   1 
ATOM   359  C CA  . TYR A 1 49  ? 1.664   -5.232  -7.713  1.00 7.22  ? 90  TYR X CA  1 
ATOM   360  C C   . TYR A 1 49  ? 2.902   -5.040  -8.598  1.00 7.49  ? 90  TYR X C   1 
ATOM   361  O O   . TYR A 1 49  ? 3.236   -3.907  -8.934  1.00 8.02  ? 90  TYR X O   1 
ATOM   362  C CB  . TYR A 1 49  ? 2.037   -4.816  -6.292  1.00 6.92  ? 90  TYR X CB  1 
ATOM   363  C CG  . TYR A 1 49  ? 0.873   -4.716  -5.327  1.00 6.43  ? 90  TYR X CG  1 
ATOM   364  C CD1 . TYR A 1 49  ? -0.285  -4.017  -5.658  1.00 6.23  ? 90  TYR X CD1 1 
ATOM   365  C CD2 . TYR A 1 49  ? 0.949   -5.295  -4.071  1.00 6.12  ? 90  TYR X CD2 1 
ATOM   366  C CE1 . TYR A 1 49  ? -1.324  -3.912  -4.762  1.00 6.16  ? 90  TYR X CE1 1 
ATOM   367  C CE2 . TYR A 1 49  ? -0.083  -5.173  -3.174  1.00 6.17  ? 90  TYR X CE2 1 
ATOM   368  C CZ  . TYR A 1 49  ? -1.228  -4.499  -3.537  1.00 5.60  ? 90  TYR X CZ  1 
ATOM   369  O OH  . TYR A 1 49  ? -2.255  -4.393  -2.644  1.00 6.33  ? 90  TYR X OH  1 
ATOM   370  N N   . LYS A 1 50  ? 3.590   -6.116  -8.953  1.00 8.29  ? 91  LYS X N   1 
ATOM   371  C CA  . LYS A 1 50  ? 4.840   -5.972  -9.690  1.00 8.98  ? 91  LYS X CA  1 
ATOM   372  C C   . LYS A 1 50  ? 4.614   -5.237  -11.002 1.00 9.47  ? 91  LYS X C   1 
ATOM   373  O O   . LYS A 1 50  ? 3.757   -5.628  -11.785 1.00 9.96  ? 91  LYS X O   1 
ATOM   374  C CB  . LYS A 1 50  ? 5.446   -7.332  -9.972  1.00 9.32  ? 91  LYS X CB  1 
ATOM   375  C CG  . LYS A 1 50  ? 6.818   -7.247  -10.624 1.00 11.64 ? 91  LYS X CG  1 
ATOM   376  C CD  . LYS A 1 50  ? 7.507   -8.600  -10.645 1.00 14.25 ? 91  LYS X CD  1 
ATOM   377  C CE  . LYS A 1 50  ? 8.893   -8.509  -11.294 1.00 17.09 ? 91  LYS X CE  1 
ATOM   378  N NZ  . LYS A 1 50  ? 9.810   -9.601  -10.836 0.80 19.56 ? 91  LYS X NZ  1 
ATOM   379  N N   . GLY A 1 51  ? 5.384   -4.179  -11.223 1.00 9.81  ? 92  GLY X N   1 
ATOM   380  C CA  . GLY A 1 51  ? 5.285   -3.394  -12.450 1.00 10.34 ? 92  GLY X CA  1 
ATOM   381  C C   . GLY A 1 51  ? 4.306   -2.236  -12.384 1.00 11.17 ? 92  GLY X C   1 
ATOM   382  O O   . GLY A 1 51  ? 4.226   -1.451  -13.332 1.00 12.90 ? 92  GLY X O   1 
ATOM   383  N N   . SER A 1 52  ? 3.547   -2.121  -11.293 1.00 10.53 ? 93  SER X N   1 
ATOM   384  C CA  . SER A 1 52  ? 2.570   -1.043  -11.130 1.00 10.15 ? 93  SER X CA  1 
ATOM   385  C C   . SER A 1 52  ? 3.209   0.145   -10.405 1.00 9.87  ? 93  SER X C   1 
ATOM   386  O O   . SER A 1 52  ? 4.406   0.092   -10.073 1.00 9.98  ? 93  SER X O   1 
ATOM   387  C CB  . SER A 1 52  ? 1.292   -1.548  -10.435 1.00 10.46 ? 93  SER X CB  1 
ATOM   388  O OG  . SER A 1 52  ? 1.528   -1.967  -9.102  1.00 10.41 ? 93  SER X OG  1 
ATOM   389  N N   . THR A 1 53  ? 2.436   1.209   -10.183 1.00 9.46  ? 94  THR X N   1 
ATOM   390  C CA  . THR A 1 53  ? 2.982   2.495   -9.781  1.00 9.46  ? 94  THR X CA  1 
ATOM   391  C C   . THR A 1 53  ? 2.421   3.053   -8.472  1.00 9.07  ? 94  THR X C   1 
ATOM   392  O O   . THR A 1 53  ? 1.379   2.605   -7.979  1.00 8.26  ? 94  THR X O   1 
ATOM   393  C CB  . THR A 1 53  ? 2.717   3.558   -10.881 1.00 9.63  ? 94  THR X CB  1 
ATOM   394  O OG1 . THR A 1 53  ? 1.330   3.923   -10.883 1.00 10.65 ? 94  THR X OG1 1 
ATOM   395  C CG2 . THR A 1 53  ? 3.124   3.033   -12.272 1.00 10.13 ? 94  THR X CG2 1 
ATOM   396  N N   . PHE A 1 54  ? 3.129   4.034   -7.914  1.00 9.01  ? 95  PHE X N   1 
ATOM   397  C CA  . PHE A 1 54  ? 2.541   4.954   -6.954  1.00 8.89  ? 95  PHE X CA  1 
ATOM   398  C C   . PHE A 1 54  ? 1.925   6.075   -7.776  1.00 9.71  ? 95  PHE X C   1 
ATOM   399  O O   . PHE A 1 54  ? 2.638   6.918   -8.313  1.00 10.33 ? 95  PHE X O   1 
ATOM   400  C CB  . PHE A 1 54  ? 3.580   5.503   -5.971  1.00 8.75  ? 95  PHE X CB  1 
ATOM   401  C CG  . PHE A 1 54  ? 3.912   4.551   -4.865  1.00 7.52  ? 95  PHE X CG  1 
ATOM   402  C CD1 . PHE A 1 54  ? 4.761   3.470   -5.088  1.00 8.07  ? 95  PHE X CD1 1 
ATOM   403  C CD2 . PHE A 1 54  ? 3.364   4.720   -3.601  1.00 8.37  ? 95  PHE X CD2 1 
ATOM   404  C CE1 . PHE A 1 54  ? 5.053   2.577   -4.062  1.00 8.47  ? 95  PHE X CE1 1 
ATOM   405  C CE2 . PHE A 1 54  ? 3.666   3.836   -2.581  1.00 8.23  ? 95  PHE X CE2 1 
ATOM   406  C CZ  . PHE A 1 54  ? 4.501   2.761   -2.812  1.00 9.04  ? 95  PHE X CZ  1 
ATOM   407  N N   . HIS A 1 55  ? 0.599   6.074   -7.883  1.00 9.17  ? 96  HIS X N   1 
ATOM   408  C CA  . HIS A 1 55  ? -0.122  7.000   -8.773  1.00 9.97  ? 96  HIS X CA  1 
ATOM   409  C C   . HIS A 1 55  ? -0.544  8.297   -8.109  1.00 10.22 ? 96  HIS X C   1 
ATOM   410  O O   . HIS A 1 55  ? -0.889  9.247   -8.802  1.00 10.81 ? 96  HIS X O   1 
ATOM   411  C CB  . HIS A 1 55  ? -1.375  6.323   -9.352  1.00 10.08 ? 96  HIS X CB  1 
ATOM   412  C CG  . HIS A 1 55  ? -2.366  5.902   -8.312  1.00 10.77 ? 96  HIS X CG  1 
ATOM   413  N ND1 . HIS A 1 55  ? -2.266  4.699   -7.651  1.00 10.43 ? 96  HIS X ND1 1 
ATOM   414  C CD2 . HIS A 1 55  ? -3.457  6.525   -7.797  1.00 11.88 ? 96  HIS X CD2 1 
ATOM   415  C CE1 . HIS A 1 55  ? -3.252  4.596   -6.775  1.00 11.72 ? 96  HIS X CE1 1 
ATOM   416  N NE2 . HIS A 1 55  ? -3.985  5.691   -6.843  1.00 12.33 ? 96  HIS X NE2 1 
ATOM   417  N N   . ARG A 1 56  ? -0.559  8.346   -6.780  1.00 9.13  ? 97  ARG X N   1 
ATOM   418  C CA  . ARG A 1 56  ? -1.034  9.520   -6.055  1.00 9.82  ? 97  ARG X CA  1 
ATOM   419  C C   . ARG A 1 56  ? -0.190  9.691   -4.806  1.00 9.47  ? 97  ARG X C   1 
ATOM   420  O O   . ARG A 1 56  ? -0.187  8.817   -3.936  1.00 9.33  ? 97  ARG X O   1 
ATOM   421  C CB  . ARG A 1 56  ? -2.523  9.381   -5.690  1.00 10.26 ? 97  ARG X CB  1 
ATOM   422  C CG  A ARG A 1 56  ? -3.108  10.587  -4.945  0.50 11.19 ? 97  ARG X CG  1 
ATOM   423  C CG  B ARG A 1 56  ? -3.108  10.595  -4.990  0.40 11.35 ? 97  ARG X CG  1 
ATOM   424  C CD  A ARG A 1 56  ? -4.626  10.464  -4.745  0.40 12.61 ? 97  ARG X CD  1 
ATOM   425  C CD  B ARG A 1 56  ? -4.624  10.659  -5.167  0.40 13.15 ? 97  ARG X CD  1 
ATOM   426  N NE  A ARG A 1 56  ? -5.194  11.595  -4.006  0.40 13.91 ? 97  ARG X NE  1 
ATOM   427  N NE  B ARG A 1 56  ? -5.251  11.633  -4.276  0.30 14.51 ? 97  ARG X NE  1 
ATOM   428  C CZ  A ARG A 1 56  ? -5.372  12.811  -4.514  0.40 13.96 ? 97  ARG X CZ  1 
ATOM   429  C CZ  B ARG A 1 56  ? -5.301  11.498  -2.956  0.30 15.43 ? 97  ARG X CZ  1 
ATOM   430  N NH1 A ARG A 1 56  ? -5.896  13.780  -3.772  0.40 15.25 ? 97  ARG X NH1 1 
ATOM   431  N NH1 B ARG A 1 56  ? -4.757  10.433  -2.385  0.30 15.85 ? 97  ARG X NH1 1 
ATOM   432  N NH2 A ARG A 1 56  ? -5.023  13.067  -5.766  0.40 13.55 ? 97  ARG X NH2 1 
ATOM   433  N NH2 B ARG A 1 56  ? -5.892  12.420  -2.206  0.30 16.28 ? 97  ARG X NH2 1 
ATOM   434  N N   . VAL A 1 57  ? 0.540   10.802  -4.724  1.00 8.92  ? 98  VAL X N   1 
ATOM   435  C CA  . VAL A 1 57  ? 1.468   11.042  -3.612  1.00 9.37  ? 98  VAL X CA  1 
ATOM   436  C C   . VAL A 1 57  ? 1.307   12.476  -3.167  1.00 9.62  ? 98  VAL X C   1 
ATOM   437  O O   . VAL A 1 57  ? 1.488   13.400  -3.965  1.00 10.42 ? 98  VAL X O   1 
ATOM   438  C CB  . VAL A 1 57  ? 2.919   10.799  -4.025  1.00 8.93  ? 98  VAL X CB  1 
ATOM   439  C CG1 . VAL A 1 57  ? 3.872   11.086  -2.849  1.00 9.56  ? 98  VAL X CG1 1 
ATOM   440  C CG2 . VAL A 1 57  ? 3.110   9.381   -4.555  1.00 9.32  ? 98  VAL X CG2 1 
ATOM   441  N N   . ILE A 1 58  ? 0.940   12.671  -1.910  1.00 10.11 ? 99  ILE X N   1 
ATOM   442  C CA  . ILE A 1 58  ? 0.742   14.005  -1.358  1.00 10.59 ? 99  ILE X CA  1 
ATOM   443  C C   . ILE A 1 58  ? 1.716   14.234  -0.204  1.00 11.06 ? 99  ILE X C   1 
ATOM   444  O O   . ILE A 1 58  ? 1.651   13.538  0.816   1.00 10.73 ? 99  ILE X O   1 
ATOM   445  C CB  . ILE A 1 58  ? -0.694  14.197  -0.858  1.00 10.94 ? 99  ILE X CB  1 
ATOM   446  C CG1 . ILE A 1 58  ? -1.684  14.017  -2.022  1.00 11.80 ? 99  ILE X CG1 1 
ATOM   447  C CG2 . ILE A 1 58  ? -0.844  15.565  -0.183  1.00 11.81 ? 99  ILE X CG2 1 
ATOM   448  C CD1 . ILE A 1 58  ? -3.124  14.141  -1.608  1.00 13.47 ? 99  ILE X CD1 1 
ATOM   449  N N   . PRO A 1 59  ? 2.626   15.216  -0.344  1.00 11.24 ? 100 PRO X N   1 
ATOM   450  C CA  . PRO A 1 59  ? 3.604   15.435  0.721   1.00 11.57 ? 100 PRO X CA  1 
ATOM   451  C C   . PRO A 1 59  ? 2.942   15.831  2.032   1.00 11.58 ? 100 PRO X C   1 
ATOM   452  O O   . PRO A 1 59  ? 1.922   16.522  2.029   1.00 11.89 ? 100 PRO X O   1 
ATOM   453  C CB  . PRO A 1 59  ? 4.485   16.571  0.165   1.00 11.94 ? 100 PRO X CB  1 
ATOM   454  C CG  . PRO A 1 59  ? 4.352   16.443  -1.307  1.00 11.89 ? 100 PRO X CG  1 
ATOM   455  C CD  . PRO A 1 59  ? 2.919   16.041  -1.530  1.00 11.56 ? 100 PRO X CD  1 
ATOM   456  N N   . SER A 1 60  ? 3.507   15.363  3.142   1.00 11.74 ? 101 SER X N   1 
ATOM   457  C CA  . SER A 1 60  ? 2.940   15.536  4.483   1.00 12.29 ? 101 SER X CA  1 
ATOM   458  C C   . SER A 1 60  ? 1.576   14.873  4.616   1.00 11.41 ? 101 SER X C   1 
ATOM   459  O O   . SER A 1 60  ? 0.745   15.308  5.409   1.00 12.23 ? 101 SER X O   1 
ATOM   460  C CB  . SER A 1 60  ? 2.857   17.017  4.882   1.00 12.88 ? 101 SER X CB  1 
ATOM   461  O OG  . SER A 1 60  ? 4.141   17.613  4.801   1.00 16.53 ? 101 SER X OG  1 
ATOM   462  N N   . PHE A 1 61  ? 1.366   13.789  3.861   1.00 10.95 ? 102 PHE X N   1 
ATOM   463  C CA  . PHE A 1 61  ? 0.135   13.016  3.972   1.00 10.25 ? 102 PHE X CA  1 
ATOM   464  C C   . PHE A 1 61  ? 0.383   11.534  3.707   1.00 9.83  ? 102 PHE X C   1 
ATOM   465  O O   . PHE A 1 61  ? 0.395   10.730  4.639   1.00 8.43  ? 102 PHE X O   1 
ATOM   466  C CB  . PHE A 1 61  ? -0.916  13.601  3.022   1.00 10.83 ? 102 PHE X CB  1 
ATOM   467  C CG  . PHE A 1 61  ? -2.289  12.984  3.133   1.00 11.35 ? 102 PHE X CG  1 
ATOM   468  C CD1 . PHE A 1 61  ? -2.642  12.122  4.168   1.00 11.29 ? 102 PHE X CD1 1 
ATOM   469  C CD2 . PHE A 1 61  ? -3.258  13.322  2.202   1.00 13.25 ? 102 PHE X CD2 1 
ATOM   470  C CE1 . PHE A 1 61  ? -3.915  11.580  4.234   1.00 12.71 ? 102 PHE X CE1 1 
ATOM   471  C CE2 . PHE A 1 61  ? -4.537  12.788  2.278   1.00 15.18 ? 102 PHE X CE2 1 
ATOM   472  C CZ  . PHE A 1 61  ? -4.862  11.926  3.296   1.00 14.52 ? 102 PHE X CZ  1 
ATOM   473  N N   . MET A 1 62  ? 0.572   11.159  2.450   1.00 8.88  ? 103 MET X N   1 
ATOM   474  C CA  . MET A 1 62  ? 0.537   9.739   2.095   1.00 9.06  ? 103 MET X CA  1 
ATOM   475  C C   . MET A 1 62  ? 1.076   9.450   0.720   1.00 8.51  ? 103 MET X C   1 
ATOM   476  O O   . MET A 1 62  ? 1.084   10.320  -0.164  1.00 8.33  ? 103 MET X O   1 
ATOM   477  C CB  A MET A 1 62  ? -0.922  9.250   2.113   0.50 9.59  ? 103 MET X CB  1 
ATOM   478  C CB  B MET A 1 62  ? -0.866  9.150   2.283   0.50 9.14  ? 103 MET X CB  1 
ATOM   479  C CG  A MET A 1 62  ? -1.816  9.992   1.083   0.50 10.93 ? 103 MET X CG  1 
ATOM   480  C CG  B MET A 1 62  ? -1.935  9.783   1.441   0.50 9.36  ? 103 MET X CG  1 
ATOM   481  S SD  A MET A 1 62  ? -3.479  9.342   0.794   0.50 15.36 ? 103 MET X SD  1 
ATOM   482  S SD  B MET A 1 62  ? -2.052  8.960   -0.153  0.50 11.29 ? 103 MET X SD  1 
ATOM   483  C CE  A MET A 1 62  ? -3.150  7.839   -0.029  0.50 9.63  ? 103 MET X CE  1 
ATOM   484  C CE  B MET A 1 62  ? -2.802  10.244  -1.145  0.50 10.11 ? 103 MET X CE  1 
ATOM   485  N N   . CYS A 1 63  ? 1.509   8.207   0.540   1.00 7.72  ? 104 CYS X N   1 
ATOM   486  C CA  . CYS A 1 63  ? 1.902   7.680   -0.753  1.00 7.45  ? 104 CYS X CA  1 
ATOM   487  C C   . CYS A 1 63  ? 0.986   6.516   -1.137  1.00 7.05  ? 104 CYS X C   1 
ATOM   488  O O   . CYS A 1 63  ? 0.957   5.510   -0.445  1.00 7.00  ? 104 CYS X O   1 
ATOM   489  C CB  . CYS A 1 63  ? 3.344   7.170   -0.692  1.00 7.20  ? 104 CYS X CB  1 
ATOM   490  S SG  . CYS A 1 63  ? 4.543   8.367   -0.027  1.00 8.79  ? 104 CYS X SG  1 
ATOM   491  N N   . GLN A 1 64  ? 0.261   6.660   -2.245  1.00 6.73  ? 105 GLN X N   1 
ATOM   492  C CA  . GLN A 1 64  ? -0.782  5.705   -2.624  1.00 7.19  ? 105 GLN X CA  1 
ATOM   493  C C   . GLN A 1 64  ? -0.415  4.930   -3.879  1.00 7.14  ? 105 GLN X C   1 
ATOM   494  O O   . GLN A 1 64  ? 0.132   5.481   -4.830  1.00 6.98  ? 105 GLN X O   1 
ATOM   495  C CB  . GLN A 1 64  ? -2.088  6.462   -2.847  1.00 7.78  ? 105 GLN X CB  1 
ATOM   496  C CG  . GLN A 1 64  ? -3.311  5.590   -2.995  1.00 8.03  ? 105 GLN X CG  1 
ATOM   497  C CD  . GLN A 1 64  ? -4.591  6.397   -3.044  1.00 11.01 ? 105 GLN X CD  1 
ATOM   498  O OE1 . GLN A 1 64  ? -4.867  7.244   -2.191  1.00 12.48 ? 105 GLN X OE1 1 
ATOM   499  N NE2 . GLN A 1 64  ? -5.384  6.107   -4.052  1.00 12.35 ? 105 GLN X NE2 1 
ATOM   500  N N   . ALA A 1 65  ? -0.740  3.643   -3.875  1.00 5.95  ? 106 ALA X N   1 
ATOM   501  C CA  . ALA A 1 65  ? -0.370  2.735   -4.947  1.00 5.86  ? 106 ALA X CA  1 
ATOM   502  C C   . ALA A 1 65  ? -1.387  1.605   -5.070  1.00 5.98  ? 106 ALA X C   1 
ATOM   503  O O   . ALA A 1 65  ? -2.433  1.654   -4.433  1.00 6.07  ? 106 ALA X O   1 
ATOM   504  C CB  . ALA A 1 65  ? 1.048   2.155   -4.694  1.00 6.89  ? 106 ALA X CB  1 
ATOM   505  N N   . GLY A 1 66  ? -1.095  0.615   -5.899  1.00 6.58  ? 107 GLY X N   1 
ATOM   506  C CA  . GLY A 1 66  ? -1.894  -0.605  -5.965  1.00 6.80  ? 107 GLY X CA  1 
ATOM   507  C C   . GLY A 1 66  ? -2.929  -0.695  -7.058  1.00 7.28  ? 107 GLY X C   1 
ATOM   508  O O   . GLY A 1 66  ? -3.633  -1.692  -7.136  1.00 7.20  ? 107 GLY X O   1 
ATOM   509  N N   . ASP A 1 67  ? -3.038  0.334   -7.898  1.00 7.03  ? 108 ASP X N   1 
ATOM   510  C CA  . ASP A 1 67  ? -3.942  0.262   -9.046  1.00 7.54  ? 108 ASP X CA  1 
ATOM   511  C C   . ASP A 1 67  ? -3.209  -0.370  -10.213 1.00 7.81  ? 108 ASP X C   1 
ATOM   512  O O   . ASP A 1 67  ? -2.674  0.319   -11.082 1.00 8.09  ? 108 ASP X O   1 
ATOM   513  C CB  . ASP A 1 67  ? -4.487  1.633   -9.434  1.00 7.64  ? 108 ASP X CB  1 
ATOM   514  C CG  . ASP A 1 67  ? -5.483  1.550   -10.561 1.00 8.25  ? 108 ASP X CG  1 
ATOM   515  O OD1 . ASP A 1 67  ? -5.652  0.454   -11.126 1.00 8.18  ? 108 ASP X OD1 1 
ATOM   516  O OD2 . ASP A 1 67  ? -6.062  2.605   -10.896 1.00 7.69  ? 108 ASP X OD2 1 
ATOM   517  N N   . PHE A 1 68  ? -3.163  -1.699  -10.215 1.00 8.03  ? 109 PHE X N   1 
ATOM   518  C CA  . PHE A 1 68  ? -2.416  -2.431  -11.222 1.00 8.98  ? 109 PHE X CA  1 
ATOM   519  C C   . PHE A 1 68  ? -3.225  -2.728  -12.474 1.00 9.86  ? 109 PHE X C   1 
ATOM   520  O O   . PHE A 1 68  ? -2.689  -3.317  -13.403 1.00 10.86 ? 109 PHE X O   1 
ATOM   521  C CB  . PHE A 1 68  ? -1.790  -3.718  -10.641 1.00 9.12  ? 109 PHE X CB  1 
ATOM   522  C CG  . PHE A 1 68  ? -2.782  -4.689  -10.077 1.00 8.98  ? 109 PHE X CG  1 
ATOM   523  C CD1 . PHE A 1 68  ? -3.524  -5.519  -10.907 1.00 11.34 ? 109 PHE X CD1 1 
ATOM   524  C CD2 . PHE A 1 68  ? -2.959  -4.804  -8.711  1.00 11.03 ? 109 PHE X CD2 1 
ATOM   525  C CE1 . PHE A 1 68  ? -4.428  -6.420  -10.380 1.00 12.20 ? 109 PHE X CE1 1 
ATOM   526  C CE2 . PHE A 1 68  ? -3.866  -5.688  -8.194  1.00 11.80 ? 109 PHE X CE2 1 
ATOM   527  C CZ  . PHE A 1 68  ? -4.603  -6.490  -9.016  1.00 11.95 ? 109 PHE X CZ  1 
ATOM   528  N N   . THR A 1 69  ? -4.489  -2.309  -12.515 1.00 9.96  ? 110 THR X N   1 
ATOM   529  C CA  . THR A 1 69  ? -5.308  -2.489  -13.724 1.00 10.66 ? 110 THR X CA  1 
ATOM   530  C C   . THR A 1 69  ? -5.380  -1.211  -14.558 1.00 11.17 ? 110 THR X C   1 
ATOM   531  O O   . THR A 1 69  ? -5.209  -1.263  -15.784 1.00 12.66 ? 110 THR X O   1 
ATOM   532  C CB  . THR A 1 69  ? -6.718  -3.018  -13.403 1.00 11.04 ? 110 THR X CB  1 
ATOM   533  O OG1 . THR A 1 69  ? -7.438  -2.064  -12.623 1.00 10.48 ? 110 THR X OG1 1 
ATOM   534  C CG2 . THR A 1 69  ? -6.643  -4.339  -12.625 1.00 11.97 ? 110 THR X CG2 1 
ATOM   535  N N   . ASN A 1 70  ? -5.596  -0.064  -13.908 1.00 10.98 ? 111 ASN X N   1 
ATOM   536  C CA  . ASN A 1 70  ? -5.806  1.206   -14.622 1.00 11.65 ? 111 ASN X CA  1 
ATOM   537  C C   . ASN A 1 70  ? -4.739  2.271   -14.375 1.00 11.95 ? 111 ASN X C   1 
ATOM   538  O O   . ASN A 1 70  ? -4.698  3.277   -15.084 1.00 12.34 ? 111 ASN X O   1 
ATOM   539  C CB  . ASN A 1 70  ? -7.171  1.791   -14.257 1.00 11.58 ? 111 ASN X CB  1 
ATOM   540  C CG  . ASN A 1 70  ? -8.333  0.909   -14.692 1.00 12.55 ? 111 ASN X CG  1 
ATOM   541  O OD1 . ASN A 1 70  ? -8.197  0.054   -15.572 1.00 15.96 ? 111 ASN X OD1 1 
ATOM   542  N ND2 . ASN A 1 70  ? -9.492  1.119   -14.072 1.00 12.45 ? 111 ASN X ND2 1 
ATOM   543  N N   . HIS A 1 71  ? -3.899  2.080   -13.356 1.00 11.82 ? 112 HIS X N   1 
ATOM   544  C CA  . HIS A 1 71  ? -2.760  2.948   -13.078 1.00 11.86 ? 112 HIS X CA  1 
ATOM   545  C C   . HIS A 1 71  ? -3.116  4.399   -12.815 1.00 11.46 ? 112 HIS X C   1 
ATOM   546  O O   . HIS A 1 71  ? -2.292  5.290   -13.001 1.00 12.28 ? 112 HIS X O   1 
ATOM   547  C CB  . HIS A 1 71  ? -1.746  2.846   -14.212 1.00 12.14 ? 112 HIS X CB  1 
ATOM   548  C CG  . HIS A 1 71  ? -1.402  1.438   -14.551 1.00 13.28 ? 112 HIS X CG  1 
ATOM   549  N ND1 . HIS A 1 71  ? -0.589  0.667   -13.749 1.00 12.78 ? 112 HIS X ND1 1 
ATOM   550  C CD2 . HIS A 1 71  ? -1.810  0.636   -15.563 1.00 14.92 ? 112 HIS X CD2 1 
ATOM   551  C CE1 . HIS A 1 71  ? -0.480  -0.541  -14.275 1.00 14.55 ? 112 HIS X CE1 1 
ATOM   552  N NE2 . HIS A 1 71  ? -1.218  -0.588  -15.371 1.00 16.71 ? 112 HIS X NE2 1 
ATOM   553  N N   . ASN A 1 72  ? -4.338  4.643   -12.360 1.00 10.51 ? 113 ASN X N   1 
ATOM   554  C CA  . ASN A 1 72  ? -4.777  6.024   -12.133 1.00 10.71 ? 113 ASN X CA  1 
ATOM   555  C C   . ASN A 1 72  ? -5.663  6.273   -10.917 1.00 10.33 ? 113 ASN X C   1 
ATOM   556  O O   . ASN A 1 72  ? -6.115  7.402   -10.703 1.00 10.69 ? 113 ASN X O   1 
ATOM   557  C CB  . ASN A 1 72  ? -5.436  6.571   -13.405 1.00 10.90 ? 113 ASN X CB  1 
ATOM   558  C CG  . ASN A 1 72  ? -6.731  5.880   -13.747 1.00 11.18 ? 113 ASN X CG  1 
ATOM   559  O OD1 . ASN A 1 72  ? -7.277  5.089   -12.969 1.00 10.61 ? 113 ASN X OD1 1 
ATOM   560  N ND2 . ASN A 1 72  ? -7.257  6.199   -14.923 1.00 12.49 ? 113 ASN X ND2 1 
ATOM   561  N N   . GLY A 1 73  ? -5.884  5.253   -10.091 1.00 9.12  ? 114 GLY X N   1 
ATOM   562  C CA  . GLY A 1 73  ? -6.706  5.411   -8.906  1.00 9.58  ? 114 GLY X CA  1 
ATOM   563  C C   . GLY A 1 73  ? -8.123  4.890   -9.048  1.00 8.91  ? 114 GLY X C   1 
ATOM   564  O O   . GLY A 1 73  ? -8.873  4.870   -8.076  1.00 9.13  ? 114 GLY X O   1 
ATOM   565  N N   . THR A 1 74  ? -8.507  4.470   -10.255 1.00 8.69  ? 115 THR X N   1 
ATOM   566  C CA  . THR A 1 74  ? -9.858  3.947   -10.466 1.00 8.96  ? 115 THR X CA  1 
ATOM   567  C C   . THR A 1 74  ? -9.933  2.434   -10.322 1.00 9.57  ? 115 THR X C   1 
ATOM   568  O O   . THR A 1 74  ? -11.029 1.879   -10.179 1.00 10.90 ? 115 THR X O   1 
ATOM   569  C CB  . THR A 1 74  ? -10.411 4.324   -11.860 1.00 9.03  ? 115 THR X CB  1 
ATOM   570  O OG1 . THR A 1 74  ? -9.561  3.771   -12.868 1.00 8.78  ? 115 THR X OG1 1 
ATOM   571  C CG2 . THR A 1 74  ? -10.509 5.836   -12.027 1.00 9.23  ? 115 THR X CG2 1 
ATOM   572  N N   . GLY A 1 75  ? -8.787  1.758   -10.376 1.00 8.60  ? 116 GLY X N   1 
ATOM   573  C CA  . GLY A 1 75  ? -8.768  0.318   -10.581 1.00 8.58  ? 116 GLY X CA  1 
ATOM   574  C C   . GLY A 1 75  ? -8.165  -0.520  -9.472  1.00 8.25  ? 116 GLY X C   1 
ATOM   575  O O   . GLY A 1 75  ? -8.162  -0.136  -8.309  1.00 9.29  ? 116 GLY X O   1 
ATOM   576  N N   . GLY A 1 76  ? -7.684  -1.692  -9.862  1.00 8.63  ? 117 GLY X N   1 
ATOM   577  C CA  . GLY A 1 76  ? -7.223  -2.686  -8.905  1.00 8.68  ? 117 GLY X CA  1 
ATOM   578  C C   . GLY A 1 76  ? -8.310  -3.685  -8.601  1.00 9.14  ? 117 GLY X C   1 
ATOM   579  O O   . GLY A 1 76  ? -9.497  -3.432  -8.857  1.00 9.94  ? 117 GLY X O   1 
ATOM   580  N N   . LYS A 1 77  ? -7.913  -4.835  -8.075  1.00 8.55  ? 118 LYS X N   1 
ATOM   581  C CA  . LYS A 1 77  ? -8.875  -5.838  -7.623  1.00 8.69  ? 118 LYS X CA  1 
ATOM   582  C C   . LYS A 1 77  ? -8.225  -6.666  -6.527  1.00 8.03  ? 118 LYS X C   1 
ATOM   583  O O   . LYS A 1 77  ? -7.003  -6.734  -6.435  1.00 7.92  ? 118 LYS X O   1 
ATOM   584  C CB  . LYS A 1 77  ? -9.323  -6.730  -8.775  1.00 9.53  ? 118 LYS X CB  1 
ATOM   585  C CG  . LYS A 1 77  ? -8.232  -7.487  -9.470  0.90 11.51 ? 118 LYS X CG  1 
ATOM   586  C CD  . LYS A 1 77  ? -8.750  -8.226  -10.697 0.90 13.67 ? 118 LYS X CD  1 
ATOM   587  C CE  . LYS A 1 77  ? -7.632  -8.980  -11.396 0.80 15.86 ? 118 LYS X CE  1 
ATOM   588  N NZ  . LYS A 1 77  ? -8.037  -9.429  -12.763 0.80 18.01 ? 118 LYS X NZ  1 
ATOM   589  N N   . SER A 1 78  ? -9.037  -7.323  -5.718  1.00 6.84  ? 119 SER X N   1 
ATOM   590  C CA  . SER A 1 78  ? -8.521  -8.176  -4.661  1.00 6.86  ? 119 SER X CA  1 
ATOM   591  C C   . SER A 1 78  ? -8.381  -9.605  -5.140  1.00 6.97  ? 119 SER X C   1 
ATOM   592  O O   . SER A 1 78  ? -8.864  -9.977  -6.226  1.00 7.58  ? 119 SER X O   1 
ATOM   593  C CB  . SER A 1 78  ? -9.426  -8.097  -3.431  1.00 6.84  ? 119 SER X CB  1 
ATOM   594  O OG  . SER A 1 78  ? -10.537 -8.986  -3.515  1.00 8.53  ? 119 SER X OG  1 
ATOM   595  N N   . ILE A 1 79  ? -7.726  -10.427 -4.333  1.00 6.70  ? 120 ILE X N   1 
ATOM   596  C CA  . ILE A 1 79  ? -7.621  -11.846 -4.639  1.00 6.58  ? 120 ILE X CA  1 
ATOM   597  C C   . ILE A 1 79  ? -8.957  -12.583 -4.458  1.00 7.52  ? 120 ILE X C   1 
ATOM   598  O O   . ILE A 1 79  ? -9.091  -13.725 -4.893  1.00 7.95  ? 120 ILE X O   1 
ATOM   599  C CB  . ILE A 1 79  ? -6.526  -12.551 -3.792  1.00 6.49  ? 120 ILE X CB  1 
ATOM   600  C CG1 . ILE A 1 79  ? -6.876  -12.535 -2.305  1.00 6.80  ? 120 ILE X CG1 1 
ATOM   601  C CG2 . ILE A 1 79  ? -5.157  -11.914 -4.058  1.00 7.73  ? 120 ILE X CG2 1 
ATOM   602  C CD1 . ILE A 1 79  ? -5.954  -13.396 -1.449  1.00 7.42  ? 120 ILE X CD1 1 
ATOM   603  N N   . TYR A 1 80  ? -9.933  -11.933 -3.828  1.00 6.75  ? 121 TYR X N   1 
ATOM   604  C CA  . TYR A 1 80  ? -11.233 -12.562 -3.545  1.00 6.68  ? 121 TYR X CA  1 
ATOM   605  C C   . TYR A 1 80  ? -12.301 -12.254 -4.581  1.00 7.37  ? 121 TYR X C   1 
ATOM   606  O O   . TYR A 1 80  ? -13.326 -12.937 -4.618  1.00 7.57  ? 121 TYR X O   1 
ATOM   607  C CB  . TYR A 1 80  ? -11.755 -12.095 -2.180  1.00 6.86  ? 121 TYR X CB  1 
ATOM   608  C CG  . TYR A 1 80  ? -10.745 -12.218 -1.073  1.00 6.95  ? 121 TYR X CG  1 
ATOM   609  C CD1 . TYR A 1 80  ? -10.270 -13.454 -0.703  1.00 6.50  ? 121 TYR X CD1 1 
ATOM   610  C CD2 . TYR A 1 80  ? -10.264 -11.104 -0.406  1.00 6.14  ? 121 TYR X CD2 1 
ATOM   611  C CE1 . TYR A 1 80  ? -9.337  -13.589 0.291   1.00 7.68  ? 121 TYR X CE1 1 
ATOM   612  C CE2 . TYR A 1 80  ? -9.321  -11.225 0.607   1.00 7.00  ? 121 TYR X CE2 1 
ATOM   613  C CZ  . TYR A 1 80  ? -8.861  -12.474 0.946   1.00 6.86  ? 121 TYR X CZ  1 
ATOM   614  O OH  . TYR A 1 80  ? -7.915  -12.625 1.941   1.00 6.75  ? 121 TYR X OH  1 
ATOM   615  N N   . GLY A 1 81  ? -12.065 -11.238 -5.401  1.00 6.94  ? 122 GLY X N   1 
ATOM   616  C CA  . GLY A 1 81  ? -13.087 -10.653 -6.268  1.00 7.21  ? 122 GLY X CA  1 
ATOM   617  C C   . GLY A 1 81  ? -12.805 -9.174  -6.405  1.00 7.62  ? 122 GLY X C   1 
ATOM   618  O O   . GLY A 1 81  ? -11.737 -8.697  -5.989  1.00 7.59  ? 122 GLY X O   1 
ATOM   619  N N   . SER A 1 82  ? -13.724 -8.424  -7.003  1.00 7.90  ? 123 SER X N   1 
ATOM   620  C CA  A SER A 1 82  ? -13.416 -7.033  -7.319  0.50 8.55  ? 123 SER X CA  1 
ATOM   621  C CA  B SER A 1 82  ? -13.478 -7.022  -7.315  0.50 8.33  ? 123 SER X CA  1 
ATOM   622  C C   . SER A 1 82  ? -13.269 -6.176  -6.068  1.00 8.77  ? 123 SER X C   1 
ATOM   623  O O   . SER A 1 82  ? -12.427 -5.273  -6.049  1.00 10.48 ? 123 SER X O   1 
ATOM   624  C CB  A SER A 1 82  ? -14.427 -6.418  -8.303  0.50 8.76  ? 123 SER X CB  1 
ATOM   625  C CB  B SER A 1 82  ? -14.655 -6.461  -8.113  0.50 8.23  ? 123 SER X CB  1 
ATOM   626  O OG  A SER A 1 82  ? -15.669 -6.111  -7.705  0.50 9.73  ? 123 SER X OG  1 
ATOM   627  O OG  B SER A 1 82  ? -14.907 -7.263  -9.259  0.50 8.48  ? 123 SER X OG  1 
ATOM   628  N N   . ARG A 1 83  ? -14.051 -6.456  -5.030  1.00 7.63  ? 124 ARG X N   1 
ATOM   629  C CA  . ARG A 1 83  ? -14.007 -5.702  -3.781  1.00 7.87  ? 124 ARG X CA  1 
ATOM   630  C C   . ARG A 1 83  ? -14.294 -6.627  -2.615  1.00 7.43  ? 124 ARG X C   1 
ATOM   631  O O   . ARG A 1 83  ? -14.918 -7.675  -2.789  1.00 6.89  ? 124 ARG X O   1 
ATOM   632  C CB  A ARG A 1 83  ? -15.046 -4.589  -3.805  0.60 8.95  ? 124 ARG X CB  1 
ATOM   633  C CB  B ARG A 1 83  ? -14.989 -4.522  -3.796  0.40 8.58  ? 124 ARG X CB  1 
ATOM   634  C CG  A ARG A 1 83  ? -14.743 -3.547  -4.845  0.60 10.73 ? 124 ARG X CG  1 
ATOM   635  C CG  B ARG A 1 83  ? -16.389 -4.861  -4.248  0.40 9.37  ? 124 ARG X CG  1 
ATOM   636  C CD  A ARG A 1 83  ? -15.815 -2.517  -4.941  0.50 12.37 ? 124 ARG X CD  1 
ATOM   637  C CD  B ARG A 1 83  ? -17.366 -3.715  -3.992  0.40 11.02 ? 124 ARG X CD  1 
ATOM   638  N NE  A ARG A 1 83  ? -15.436 -1.487  -5.896  0.50 13.36 ? 124 ARG X NE  1 
ATOM   639  N NE  B ARG A 1 83  ? -17.098 -2.547  -4.821  0.40 12.04 ? 124 ARG X NE  1 
ATOM   640  C CZ  A ARG A 1 83  ? -16.093 -0.350  -6.064  0.50 14.38 ? 124 ARG X CZ  1 
ATOM   641  C CZ  B ARG A 1 83  ? -17.983 -1.581  -5.052  0.40 12.65 ? 124 ARG X CZ  1 
ATOM   642  N NH1 A ARG A 1 83  ? -15.660 0.526   -6.952  0.50 15.13 ? 124 ARG X NH1 1 
ATOM   643  N NH1 B ARG A 1 83  ? -17.656 -0.552  -5.819  0.40 12.85 ? 124 ARG X NH1 1 
ATOM   644  N NH2 A ARG A 1 83  ? -17.171 -0.083  -5.346  0.50 14.81 ? 124 ARG X NH2 1 
ATOM   645  N NH2 B ARG A 1 83  ? -19.193 -1.644  -4.515  0.40 11.90 ? 124 ARG X NH2 1 
ATOM   646  N N   . PHE A 1 84  ? -13.835 -6.249  -1.424  1.00 6.09  ? 125 PHE X N   1 
ATOM   647  C CA  . PHE A 1 84  ? -14.150 -7.011  -0.229  1.00 6.03  ? 125 PHE X CA  1 
ATOM   648  C C   . PHE A 1 84  ? -14.420 -6.085  0.955   1.00 6.24  ? 125 PHE X C   1 
ATOM   649  O O   . PHE A 1 84  ? -14.027 -4.912  0.960   1.00 6.60  ? 125 PHE X O   1 
ATOM   650  C CB  . PHE A 1 84  ? -13.078 -8.103  0.055   1.00 6.09  ? 125 PHE X CB  1 
ATOM   651  C CG  . PHE A 1 84  ? -11.729 -7.583  0.477   1.00 5.72  ? 125 PHE X CG  1 
ATOM   652  C CD1 . PHE A 1 84  ? -10.843 -7.073  -0.449  1.00 5.83  ? 125 PHE X CD1 1 
ATOM   653  C CD2 . PHE A 1 84  ? -11.328 -7.677  1.799   1.00 6.49  ? 125 PHE X CD2 1 
ATOM   654  C CE1 . PHE A 1 84  ? -9.573  -6.633  -0.056  1.00 6.41  ? 125 PHE X CE1 1 
ATOM   655  C CE2 . PHE A 1 84  ? -10.073 -7.245  2.205   1.00 6.65  ? 125 PHE X CE2 1 
ATOM   656  C CZ  . PHE A 1 84  ? -9.194  -6.716  1.267   1.00 6.05  ? 125 PHE X CZ  1 
ATOM   657  N N   . PRO A 1 85  ? -15.122 -6.597  1.971   1.00 5.97  ? 126 PRO X N   1 
ATOM   658  C CA  . PRO A 1 85  ? -15.547 -5.729  3.057   1.00 6.28  ? 126 PRO X CA  1 
ATOM   659  C C   . PRO A 1 85  ? -14.415 -5.211  3.918   1.00 5.89  ? 126 PRO X C   1 
ATOM   660  O O   . PRO A 1 85  ? -13.311 -5.781  3.945   1.00 6.31  ? 126 PRO X O   1 
ATOM   661  C CB  . PRO A 1 85  ? -16.458 -6.623  3.906   1.00 7.23  ? 126 PRO X CB  1 
ATOM   662  C CG  . PRO A 1 85  ? -16.865 -7.737  3.028   1.00 7.48  ? 126 PRO X CG  1 
ATOM   663  C CD  . PRO A 1 85  ? -15.724 -7.938  2.079   1.00 6.45  ? 126 PRO X CD  1 
ATOM   664  N N   . ASP A 1 86  ? -14.724 -4.142  4.644   1.00 5.97  ? 127 ASP X N   1 
ATOM   665  C CA  . ASP A 1 86  ? -13.847 -3.664  5.708   1.00 5.45  ? 127 ASP X CA  1 
ATOM   666  C C   . ASP A 1 86  ? -13.814 -4.714  6.802   1.00 6.34  ? 127 ASP X C   1 
ATOM   667  O O   . ASP A 1 86  ? -14.825 -5.009  7.403   1.00 7.20  ? 127 ASP X O   1 
ATOM   668  C CB  . ASP A 1 86  ? -14.364 -2.338  6.267   1.00 5.75  ? 127 ASP X CB  1 
ATOM   669  C CG  . ASP A 1 86  ? -14.361 -1.224  5.230   1.00 5.91  ? 127 ASP X CG  1 
ATOM   670  O OD1 . ASP A 1 86  ? -13.355 -1.107  4.492   1.00 5.84  ? 127 ASP X OD1 1 
ATOM   671  O OD2 . ASP A 1 86  ? -15.373 -0.469  5.173   1.00 6.01  ? 127 ASP X OD2 1 
ATOM   672  N N   . GLU A 1 87  ? -12.642 -5.264  7.071   1.00 5.45  ? 128 GLU X N   1 
ATOM   673  C CA  . GLU A 1 87  ? -12.541 -6.405  7.981   1.00 5.57  ? 128 GLU X CA  1 
ATOM   674  C C   . GLU A 1 87  ? -12.768 -5.986  9.426   1.00 5.95  ? 128 GLU X C   1 
ATOM   675  O O   . GLU A 1 87  ? -13.583 -6.571  10.133  1.00 6.39  ? 128 GLU X O   1 
ATOM   676  C CB  . GLU A 1 87  ? -11.181 -7.067  7.782   1.00 5.64  ? 128 GLU X CB  1 
ATOM   677  C CG  . GLU A 1 87  ? -10.955 -8.354  8.564   1.00 5.53  ? 128 GLU X CG  1 
ATOM   678  C CD  . GLU A 1 87  ? -9.713  -9.085  8.110   1.00 5.43  ? 128 GLU X CD  1 
ATOM   679  O OE1 . GLU A 1 87  ? -8.879  -8.490  7.391   1.00 5.19  ? 128 GLU X OE1 1 
ATOM   680  O OE2 . GLU A 1 87  ? -9.587  -10.286 8.441   1.00 6.18  ? 128 GLU X OE2 1 
ATOM   681  N N   . ASN A 1 88  ? -12.034 -4.975  9.870   1.00 5.40  ? 129 ASN X N   1 
ATOM   682  C CA  . ASN A 1 88  ? -12.294 -4.308  11.133  1.00 6.13  ? 129 ASN X CA  1 
ATOM   683  C C   . ASN A 1 88  ? -11.520 -3.002  11.103  1.00 6.20  ? 129 ASN X C   1 
ATOM   684  O O   . ASN A 1 88  ? -10.711 -2.784  10.191  1.00 5.62  ? 129 ASN X O   1 
ATOM   685  C CB  . ASN A 1 88  ? -11.902 -5.189  12.341  1.00 6.00  ? 129 ASN X CB  1 
ATOM   686  C CG  . ASN A 1 88  ? -10.434 -5.547  12.363  1.00 6.68  ? 129 ASN X CG  1 
ATOM   687  O OD1 . ASN A 1 88  ? -9.570  -4.667  12.412  1.00 6.61  ? 129 ASN X OD1 1 
ATOM   688  N ND2 . ASN A 1 88  ? -10.135 -6.844  12.378  1.00 6.62  ? 129 ASN X ND2 1 
ATOM   689  N N   . PHE A 1 89  ? -11.758 -2.150  12.091  1.00 6.22  ? 130 PHE X N   1 
ATOM   690  C CA  . PHE A 1 89  ? -11.031 -0.897  12.208  1.00 6.32  ? 130 PHE X CA  1 
ATOM   691  C C   . PHE A 1 89  ? -10.216 -0.876  13.499  1.00 6.59  ? 130 PHE X C   1 
ATOM   692  O O   . PHE A 1 89  ? -10.016 0.182   14.117  1.00 7.00  ? 130 PHE X O   1 
ATOM   693  C CB  . PHE A 1 89  ? -12.001 0.284   12.143  1.00 6.01  ? 130 PHE X CB  1 
ATOM   694  C CG  . PHE A 1 89  ? -12.740 0.389   10.835  1.00 6.98  ? 130 PHE X CG  1 
ATOM   695  C CD1 . PHE A 1 89  ? -12.063 0.671   9.667   1.00 7.09  ? 130 PHE X CD1 1 
ATOM   696  C CD2 . PHE A 1 89  ? -14.117 0.198   10.771  1.00 8.65  ? 130 PHE X CD2 1 
ATOM   697  C CE1 . PHE A 1 89  ? -12.735 0.768   8.464   1.00 7.67  ? 130 PHE X CE1 1 
ATOM   698  C CE2 . PHE A 1 89  ? -14.790 0.296   9.555   1.00 9.36  ? 130 PHE X CE2 1 
ATOM   699  C CZ  . PHE A 1 89  ? -14.090 0.581   8.412   1.00 8.92  ? 130 PHE X CZ  1 
ATOM   700  N N   . THR A 1 90  ? -9.702  -2.032  13.895  1.00 6.62  ? 131 THR X N   1 
ATOM   701  C CA  . THR A 1 90  ? -9.029  -2.173  15.194  1.00 6.70  ? 131 THR X CA  1 
ATOM   702  C C   . THR A 1 90  ? -7.689  -1.429  15.275  1.00 6.94  ? 131 THR X C   1 
ATOM   703  O O   . THR A 1 90  ? -7.428  -0.718  16.248  1.00 7.34  ? 131 THR X O   1 
ATOM   704  C CB  . THR A 1 90  ? -8.851  -3.644  15.529  1.00 7.01  ? 131 THR X CB  1 
ATOM   705  O OG1 . THR A 1 90  ? -10.159 -4.238  15.614  1.00 8.05  ? 131 THR X OG1 1 
ATOM   706  C CG2 . THR A 1 90  ? -8.107  -3.843  16.863  1.00 8.95  ? 131 THR X CG2 1 
ATOM   707  N N   . LEU A 1 91  ? -6.860  -1.548  14.244  1.00 6.41  ? 132 LEU X N   1 
ATOM   708  C CA  . LEU A 1 91  ? -5.598  -0.804  14.159  1.00 6.56  ? 132 LEU X CA  1 
ATOM   709  C C   . LEU A 1 91  ? -5.881  0.628   13.724  1.00 7.08  ? 132 LEU X C   1 
ATOM   710  O O   . LEU A 1 91  ? -6.744  0.874   12.898  1.00 6.92  ? 132 LEU X O   1 
ATOM   711  C CB  . LEU A 1 91  ? -4.642  -1.486  13.168  1.00 6.48  ? 132 LEU X CB  1 
ATOM   712  C CG  . LEU A 1 91  ? -4.076  -2.816  13.680  1.00 6.73  ? 132 LEU X CG  1 
ATOM   713  C CD1 . LEU A 1 91  ? -3.580  -3.687  12.520  1.00 8.09  ? 132 LEU X CD1 1 
ATOM   714  C CD2 . LEU A 1 91  ? -2.953  -2.566  14.693  1.00 8.39  ? 132 LEU X CD2 1 
ATOM   715  N N   . LYS A 1 92  ? -5.137  1.575   14.276  1.00 6.99  ? 133 LYS X N   1 
ATOM   716  C CA  . LYS A 1 92  ? -5.384  2.982   14.015  1.00 7.51  ? 133 LYS X CA  1 
ATOM   717  C C   . LYS A 1 92  ? -4.237  3.597   13.223  1.00 7.11  ? 133 LYS X C   1 
ATOM   718  O O   . LYS A 1 92  ? -3.126  3.051   13.164  1.00 7.07  ? 133 LYS X O   1 
ATOM   719  C CB  . LYS A 1 92  ? -5.566  3.742   15.331  1.00 8.11  ? 133 LYS X CB  1 
ATOM   720  C CG  . LYS A 1 92  ? -6.619  3.158   16.284  1.00 10.33 ? 133 LYS X CG  1 
ATOM   721  C CD  . LYS A 1 92  ? -7.994  3.041   15.658  1.00 10.51 ? 133 LYS X CD  1 
ATOM   722  C CE  . LYS A 1 92  ? -8.985  2.394   16.635  1.00 12.41 ? 133 LYS X CE  1 
ATOM   723  N NZ  . LYS A 1 92  ? -10.322 2.131   16.016  1.00 13.59 ? 133 LYS X NZ  1 
ATOM   724  N N   . HIS A 1 93  ? -4.517  4.752   12.628  1.00 7.46  ? 134 HIS X N   1 
ATOM   725  C CA  . HIS A 1 93  ? -3.535  5.496   11.855  1.00 7.85  ? 134 HIS X CA  1 
ATOM   726  C C   . HIS A 1 93  ? -2.710  6.326   12.839  1.00 8.43  ? 134 HIS X C   1 
ATOM   727  O O   . HIS A 1 93  ? -2.977  7.511   13.043  1.00 9.68  ? 134 HIS X O   1 
ATOM   728  C CB  . HIS A 1 93  ? -4.231  6.385   10.816  1.00 7.58  ? 134 HIS X CB  1 
ATOM   729  C CG  . HIS A 1 93  ? -5.031  5.630   9.785   1.00 6.72  ? 134 HIS X CG  1 
ATOM   730  N ND1 . HIS A 1 93  ? -6.310  5.175   10.032  1.00 6.55  ? 134 HIS X ND1 1 
ATOM   731  C CD2 . HIS A 1 93  ? -4.750  5.285   8.504   1.00 6.23  ? 134 HIS X CD2 1 
ATOM   732  C CE1 . HIS A 1 93  ? -6.778  4.578   8.947   1.00 5.26  ? 134 HIS X CE1 1 
ATOM   733  N NE2 . HIS A 1 93  ? -5.851  4.621   8.005   1.00 6.05  ? 134 HIS X NE2 1 
ATOM   734  N N   . VAL A 1 94  ? -1.713  5.683   13.441  1.00 8.58  ? 135 VAL X N   1 
ATOM   735  C CA  . VAL A 1 94  ? -1.023  6.237   14.608  1.00 9.35  ? 135 VAL X CA  1 
ATOM   736  C C   . VAL A 1 94  ? 0.132   7.160   14.262  1.00 9.29  ? 135 VAL X C   1 
ATOM   737  O O   . VAL A 1 94  ? 0.591   7.907   15.122  1.00 10.19 ? 135 VAL X O   1 
ATOM   738  C CB  . VAL A 1 94  ? -0.501  5.129   15.552  1.00 9.38  ? 135 VAL X CB  1 
ATOM   739  C CG1 . VAL A 1 94  ? -1.668  4.358   16.164  1.00 9.99  ? 135 VAL X CG1 1 
ATOM   740  C CG2 . VAL A 1 94  ? 0.453   4.195   14.829  1.00 10.52 ? 135 VAL X CG2 1 
ATOM   741  N N   . GLY A 1 95  ? 0.607   7.133   13.026  1.00 8.58  ? 136 GLY X N   1 
ATOM   742  C CA  . GLY A 1 95  ? 1.765   7.947   12.667  1.00 8.70  ? 136 GLY X CA  1 
ATOM   743  C C   . GLY A 1 95  ? 2.339   7.582   11.321  1.00 8.58  ? 136 GLY X C   1 
ATOM   744  O O   . GLY A 1 95  ? 1.794   6.736   10.605  1.00 8.42  ? 136 GLY X O   1 
ATOM   745  N N   . PRO A 1 96  ? 3.473   8.192   10.962  1.00 8.34  ? 137 PRO X N   1 
ATOM   746  C CA  . PRO A 1 96  ? 4.154   7.837   9.734   1.00 8.29  ? 137 PRO X CA  1 
ATOM   747  C C   . PRO A 1 96  ? 4.485   6.346   9.694   1.00 8.23  ? 137 PRO X C   1 
ATOM   748  O O   . PRO A 1 96  ? 4.827   5.764   10.717  1.00 8.87  ? 137 PRO X O   1 
ATOM   749  C CB  . PRO A 1 96  ? 5.445   8.681   9.778   1.00 8.54  ? 137 PRO X CB  1 
ATOM   750  C CG  . PRO A 1 96  ? 5.186   9.735   10.775  1.00 10.33 ? 137 PRO X CG  1 
ATOM   751  C CD  . PRO A 1 96  ? 4.231   9.168   11.766  1.00 9.15  ? 137 PRO X CD  1 
ATOM   752  N N   . GLY A 1 97  ? 4.373   5.743   8.515   1.00 7.39  ? 138 GLY X N   1 
ATOM   753  C CA  . GLY A 1 97  ? 4.718   4.341   8.318   1.00 6.96  ? 138 GLY X CA  1 
ATOM   754  C C   . GLY A 1 97  ? 3.534   3.399   8.338   1.00 6.71  ? 138 GLY X C   1 
ATOM   755  O O   . GLY A 1 97  ? 3.683   2.250   7.972   1.00 6.75  ? 138 GLY X O   1 
ATOM   756  N N   . VAL A 1 98  ? 2.369   3.886   8.746   1.00 6.03  ? 139 VAL X N   1 
ATOM   757  C CA  . VAL A 1 98  ? 1.162   3.055   8.745   1.00 6.02  ? 139 VAL X CA  1 
ATOM   758  C C   . VAL A 1 98  ? 0.759   2.662   7.318   1.00 5.76  ? 139 VAL X C   1 
ATOM   759  O O   . VAL A 1 98  ? 0.784   3.491   6.407   1.00 5.37  ? 139 VAL X O   1 
ATOM   760  C CB  . VAL A 1 98  ? -0.016  3.792   9.443   1.00 6.16  ? 139 VAL X CB  1 
ATOM   761  C CG1 . VAL A 1 98  ? -1.354  3.122   9.154   1.00 7.62  ? 139 VAL X CG1 1 
ATOM   762  C CG2 . VAL A 1 98  ? 0.204   3.843   10.942  1.00 7.41  ? 139 VAL X CG2 1 
ATOM   763  N N   . LEU A 1 99  ? 0.421   1.391   7.148   1.00 5.19  ? 140 LEU X N   1 
ATOM   764  C CA  . LEU A 1 99  ? -0.041  0.820   5.880   1.00 4.99  ? 140 LEU X CA  1 
ATOM   765  C C   . LEU A 1 99  ? -1.546  0.572   5.994   1.00 4.50  ? 140 LEU X C   1 
ATOM   766  O O   . LEU A 1 99  ? -1.988  -0.118  6.911   1.00 4.50  ? 140 LEU X O   1 
ATOM   767  C CB  . LEU A 1 99  ? 0.699   -0.492  5.633   1.00 5.49  ? 140 LEU X CB  1 
ATOM   768  C CG  . LEU A 1 99  ? 0.300   -1.287  4.398   1.00 5.75  ? 140 LEU X CG  1 
ATOM   769  C CD1 . LEU A 1 99  ? 0.661   -0.544  3.115   1.00 7.21  ? 140 LEU X CD1 1 
ATOM   770  C CD2 . LEU A 1 99  ? 0.959   -2.669  4.453   1.00 5.54  ? 140 LEU X CD2 1 
ATOM   771  N N   . SER A 1 100 ? -2.318  1.150   5.074   1.00 4.42  ? 141 SER X N   1 
ATOM   772  C CA  . SER A 1 100 ? -3.769  1.178   5.165   1.00 5.07  ? 141 SER X CA  1 
ATOM   773  C C   . SER A 1 100 ? -4.394  1.003   3.786   1.00 4.54  ? 141 SER X C   1 
ATOM   774  O O   . SER A 1 100 ? -3.779  1.327   2.771   1.00 4.76  ? 141 SER X O   1 
ATOM   775  C CB  . SER A 1 100 ? -4.187  2.497   5.789   1.00 5.39  ? 141 SER X CB  1 
ATOM   776  O OG  . SER A 1 100 ? -5.583  2.561   6.033   1.00 6.13  ? 141 SER X OG  1 
ATOM   777  N N   . MET A 1 101 ? -5.626  0.495   3.751   1.00 4.70  ? 142 MET X N   1 
ATOM   778  C CA  . MET A 1 101 ? -6.317  0.279   2.489   1.00 4.62  ? 142 MET X CA  1 
ATOM   779  C C   . MET A 1 101 ? -6.974  1.540   1.982   1.00 5.06  ? 142 MET X C   1 
ATOM   780  O O   . MET A 1 101 ? -7.691  2.203   2.716   1.00 5.56  ? 142 MET X O   1 
ATOM   781  C CB  . MET A 1 101 ? -7.398  -0.797  2.635   1.00 5.69  ? 142 MET X CB  1 
ATOM   782  C CG  . MET A 1 101 ? -6.882  -2.219  2.837   1.00 5.98  ? 142 MET X CG  1 
ATOM   783  S SD  . MET A 1 101 ? -5.810  -2.785  1.484   1.00 5.95  ? 142 MET X SD  1 
ATOM   784  C CE  . MET A 1 101 ? -7.025  -3.136  0.194   1.00 6.84  ? 142 MET X CE  1 
ATOM   785  N N   . ALA A 1 102 ? -6.760  1.832   0.707   1.00 5.44  ? 143 ALA X N   1 
ATOM   786  C CA  . ALA A 1 102 ? -7.511  2.887   0.051   1.00 5.90  ? 143 ALA X CA  1 
ATOM   787  C C   . ALA A 1 102 ? -8.891  2.335   -0.243  1.00 6.55  ? 143 ALA X C   1 
ATOM   788  O O   . ALA A 1 102 ? -9.084  1.120   -0.331  1.00 6.36  ? 143 ALA X O   1 
ATOM   789  C CB  . ALA A 1 102 ? -6.801  3.305   -1.256  1.00 6.63  ? 143 ALA X CB  1 
ATOM   790  N N   . ASN A 1 103 ? -9.870  3.222   -0.369  1.00 6.88  ? 144 ASN X N   1 
ATOM   791  C CA  . ASN A 1 103 ? -11.216 2.786   -0.722  1.00 7.70  ? 144 ASN X CA  1 
ATOM   792  C C   . ASN A 1 103 ? -12.033 3.919   -1.327  1.00 8.54  ? 144 ASN X C   1 
ATOM   793  O O   . ASN A 1 103 ? -11.557 5.057   -1.438  1.00 9.10  ? 144 ASN X O   1 
ATOM   794  C CB  . ASN A 1 103 ? -11.903 2.130   0.486   1.00 7.40  ? 144 ASN X CB  1 
ATOM   795  C CG  . ASN A 1 103 ? -12.235 3.104   1.596   1.00 7.58  ? 144 ASN X CG  1 
ATOM   796  O OD1 . ASN A 1 103 ? -12.825 4.153   1.358   1.00 7.50  ? 144 ASN X OD1 1 
ATOM   797  N ND2 . ASN A 1 103 ? -11.895 2.742   2.825   1.00 6.87  ? 144 ASN X ND2 1 
ATOM   798  N N   . ALA A 1 104 ? -13.239 3.563   -1.775  1.00 9.13  ? 145 ALA X N   1 
ATOM   799  C CA  . ALA A 1 104 ? -14.201 4.501   -2.366  1.00 9.67  ? 145 ALA X CA  1 
ATOM   800  C C   . ALA A 1 104 ? -15.472 4.492   -1.531  1.00 10.12 ? 145 ALA X C   1 
ATOM   801  O O   . ALA A 1 104 ? -16.588 4.566   -2.075  1.00 11.80 ? 145 ALA X O   1 
ATOM   802  C CB  . ALA A 1 104 ? -14.510 4.096   -3.798  1.00 10.20 ? 145 ALA X CB  1 
ATOM   803  N N   . GLY A 1 105 ? -15.305 4.418   -0.214  1.00 8.67  ? 146 GLY X N   1 
ATOM   804  C CA  . GLY A 1 105 ? -16.403 4.306   0.725   1.00 8.99  ? 146 GLY X CA  1 
ATOM   805  C C   . GLY A 1 105 ? -16.397 2.957   1.418   1.00 7.97  ? 146 GLY X C   1 
ATOM   806  O O   . GLY A 1 105 ? -15.524 2.108   1.169   1.00 7.56  ? 146 GLY X O   1 
ATOM   807  N N   . PRO A 1 106 ? -17.363 2.747   2.309   1.00 7.55  ? 147 PRO X N   1 
ATOM   808  C CA  . PRO A 1 106 ? -17.420 1.504   3.058   1.00 7.42  ? 147 PRO X CA  1 
ATOM   809  C C   . PRO A 1 106 ? -17.428 0.264   2.173   1.00 6.92  ? 147 PRO X C   1 
ATOM   810  O O   . PRO A 1 106 ? -18.095 0.230   1.143   1.00 6.98  ? 147 PRO X O   1 
ATOM   811  C CB  . PRO A 1 106 ? -18.733 1.639   3.843   1.00 8.11  ? 147 PRO X CB  1 
ATOM   812  C CG  . PRO A 1 106 ? -18.886 3.109   4.028   1.00 9.07  ? 147 PRO X CG  1 
ATOM   813  C CD  . PRO A 1 106 ? -18.354 3.729   2.788   1.00 8.70  ? 147 PRO X CD  1 
ATOM   814  N N   . ASN A 1 107 ? -16.664 -0.740  2.584   1.00 6.13  ? 148 ASN X N   1 
ATOM   815  C CA  . ASN A 1 107 ? -16.663 -2.054  1.959   1.00 5.65  ? 148 ASN X CA  1 
ATOM   816  C C   . ASN A 1 107 ? -16.347 -2.037  0.466   1.00 6.24  ? 148 ASN X C   1 
ATOM   817  O O   . ASN A 1 107 ? -17.018 -2.709  -0.346  1.00 5.88  ? 148 ASN X O   1 
ATOM   818  C CB  . ASN A 1 107 ? -18.000 -2.742  2.229   1.00 6.35  ? 148 ASN X CB  1 
ATOM   819  C CG  . ASN A 1 107 ? -18.310 -2.798  3.690   1.00 7.31  ? 148 ASN X CG  1 
ATOM   820  O OD1 . ASN A 1 107 ? -17.528 -3.334  4.484   1.00 7.12  ? 148 ASN X OD1 1 
ATOM   821  N ND2 . ASN A 1 107 ? -19.448 -2.236  4.073   1.00 6.94  ? 148 ASN X ND2 1 
ATOM   822  N N   . THR A 1 108 ? -15.296 -1.305  0.104   1.00 5.83  ? 149 THR X N   1 
ATOM   823  C CA  . THR A 1 108 ? -14.855 -1.233  -1.295  1.00 6.12  ? 149 THR X CA  1 
ATOM   824  C C   . THR A 1 108 ? -13.352 -1.464  -1.446  1.00 6.45  ? 149 THR X C   1 
ATOM   825  O O   . THR A 1 108 ? -12.736 -0.981  -2.391  1.00 7.41  ? 149 THR X O   1 
ATOM   826  C CB  . THR A 1 108 ? -15.221 0.113   -1.964  1.00 6.10  ? 149 THR X CB  1 
ATOM   827  O OG1 . THR A 1 108 ? -14.627 1.181   -1.229  1.00 6.85  ? 149 THR X OG1 1 
ATOM   828  C CG2 . THR A 1 108 ? -16.748 0.308   -2.018  1.00 7.48  ? 149 THR X CG2 1 
ATOM   829  N N   . ASN A 1 109 ? -12.782 -2.242  -0.547  1.00 6.01  ? 150 ASN X N   1 
ATOM   830  C CA  . ASN A 1 109 ? -11.362 -2.597  -0.637  1.00 6.15  ? 150 ASN X CA  1 
ATOM   831  C C   . ASN A 1 109 ? -11.083 -3.439  -1.866  1.00 5.92  ? 150 ASN X C   1 
ATOM   832  O O   . ASN A 1 109 ? -11.841 -4.366  -2.172  1.00 6.23  ? 150 ASN X O   1 
ATOM   833  C CB  . ASN A 1 109 ? -10.953 -3.383  0.605   1.00 5.76  ? 150 ASN X CB  1 
ATOM   834  C CG  . ASN A 1 109 ? -11.182 -2.608  1.856   1.00 6.15  ? 150 ASN X CG  1 
ATOM   835  O OD1 . ASN A 1 109 ? -10.442 -1.671  2.133   1.00 5.71  ? 150 ASN X OD1 1 
ATOM   836  N ND2 . ASN A 1 109 ? -12.218 -2.950  2.604   1.00 4.89  ? 150 ASN X ND2 1 
ATOM   837  N N   . GLY A 1 110 ? -9.998  -3.138  -2.573  1.00 5.75  ? 151 GLY X N   1 
ATOM   838  C CA  . GLY A 1 110 ? -9.584  -3.946  -3.713  1.00 5.39  ? 151 GLY X CA  1 
ATOM   839  C C   . GLY A 1 110 ? -8.124  -4.285  -3.549  1.00 5.28  ? 151 GLY X C   1 
ATOM   840  O O   . GLY A 1 110 ? -7.781  -5.189  -2.788  1.00 5.83  ? 151 GLY X O   1 
ATOM   841  N N   . SER A 1 111 ? -7.275  -3.538  -4.252  1.00 5.61  ? 152 SER X N   1 
ATOM   842  C CA  . SER A 1 111 ? -5.833  -3.675  -4.113  1.00 6.17  ? 152 SER X CA  1 
ATOM   843  C C   . SER A 1 111 ? -5.134  -2.360  -3.781  1.00 6.07  ? 152 SER X C   1 
ATOM   844  O O   . SER A 1 111 ? -3.975  -2.390  -3.366  1.00 6.21  ? 152 SER X O   1 
ATOM   845  C CB  . SER A 1 111 ? -5.227  -4.251  -5.382  1.00 6.10  ? 152 SER X CB  1 
ATOM   846  O OG  . SER A 1 111 ? -5.578  -3.454  -6.502  1.00 6.48  ? 152 SER X OG  1 
ATOM   847  N N   . GLN A 1 112 ? -5.784  -1.217  -3.969  1.00 5.70  ? 153 GLN X N   1 
ATOM   848  C CA  . GLN A 1 112 ? -5.127  0.051   -3.694  1.00 5.67  ? 153 GLN X CA  1 
ATOM   849  C C   . GLN A 1 112 ? -4.873  0.234   -2.205  1.00 5.53  ? 153 GLN X C   1 
ATOM   850  O O   . GLN A 1 112 ? -5.684  -0.170  -1.367  1.00 5.22  ? 153 GLN X O   1 
ATOM   851  C CB  . GLN A 1 112 ? -5.937  1.226   -4.239  1.00 5.94  ? 153 GLN X CB  1 
ATOM   852  C CG  . GLN A 1 112 ? -5.884  1.363   -5.743  1.00 6.63  ? 153 GLN X CG  1 
ATOM   853  C CD  . GLN A 1 112 ? -6.616  2.590   -6.194  1.00 8.12  ? 153 GLN X CD  1 
ATOM   854  O OE1 . GLN A 1 112 ? -6.341  3.691   -5.721  1.00 9.78  ? 153 GLN X OE1 1 
ATOM   855  N NE2 . GLN A 1 112 ? -7.582  2.412   -7.100  1.00 9.02  ? 153 GLN X NE2 1 
ATOM   856  N N   . PHE A 1 113 ? -3.732  0.843   -1.888  1.00 5.24  ? 154 PHE X N   1 
ATOM   857  C CA  . PHE A 1 113 ? -3.272  1.014   -0.519  1.00 5.42  ? 154 PHE X CA  1 
ATOM   858  C C   . PHE A 1 113 ? -2.488  2.293   -0.399  1.00 5.32  ? 154 PHE X C   1 
ATOM   859  O O   . PHE A 1 113 ? -2.111  2.888   -1.407  1.00 5.26  ? 154 PHE X O   1 
ATOM   860  C CB  . PHE A 1 113 ? -2.401  -0.174  -0.111  1.00 5.65  ? 154 PHE X CB  1 
ATOM   861  C CG  . PHE A 1 113 ? -1.110  -0.297  -0.882  1.00 5.98  ? 154 PHE X CG  1 
ATOM   862  C CD1 . PHE A 1 113 ? 0.062   0.255   -0.393  1.00 5.90  ? 154 PHE X CD1 1 
ATOM   863  C CD2 . PHE A 1 113 ? -1.064  -0.971  -2.090  1.00 4.94  ? 154 PHE X CD2 1 
ATOM   864  C CE1 . PHE A 1 113 ? 1.249   0.125   -1.091  1.00 6.87  ? 154 PHE X CE1 1 
ATOM   865  C CE2 . PHE A 1 113 ? 0.119   -1.111  -2.781  1.00 5.64  ? 154 PHE X CE2 1 
ATOM   866  C CZ  . PHE A 1 113 ? 1.279   -0.554  -2.280  1.00 6.99  ? 154 PHE X CZ  1 
ATOM   867  N N   . PHE A 1 114 ? -2.230  2.714   0.828   1.00 5.23  ? 155 PHE X N   1 
ATOM   868  C CA  . PHE A 1 114 ? -1.350  3.843   1.027   1.00 5.76  ? 155 PHE X CA  1 
ATOM   869  C C   . PHE A 1 114 ? -0.465  3.650   2.237   1.00 6.18  ? 155 PHE X C   1 
ATOM   870  O O   . PHE A 1 114 ? -0.790  2.903   3.158   1.00 6.20  ? 155 PHE X O   1 
ATOM   871  C CB  . PHE A 1 114 ? -2.123  5.178   1.087   1.00 6.19  ? 155 PHE X CB  1 
ATOM   872  C CG  . PHE A 1 114 ? -3.160  5.261   2.173   1.00 6.61  ? 155 PHE X CG  1 
ATOM   873  C CD1 . PHE A 1 114 ? -4.420  4.730   1.976   1.00 7.91  ? 155 PHE X CD1 1 
ATOM   874  C CD2 . PHE A 1 114 ? -2.905  5.899   3.371   1.00 7.43  ? 155 PHE X CD2 1 
ATOM   875  C CE1 . PHE A 1 114 ? -5.391  4.811   2.956   1.00 7.42  ? 155 PHE X CE1 1 
ATOM   876  C CE2 . PHE A 1 114 ? -3.885  5.984   4.359   1.00 7.40  ? 155 PHE X CE2 1 
ATOM   877  C CZ  . PHE A 1 114 ? -5.134  5.436   4.137   1.00 8.23  ? 155 PHE X CZ  1 
ATOM   878  N N   . ILE A 1 115 ? 0.676   4.331   2.194   1.00 5.99  ? 156 ILE X N   1 
ATOM   879  C CA  . ILE A 1 115 ? 1.592   4.402   3.319   1.00 6.38  ? 156 ILE X CA  1 
ATOM   880  C C   . ILE A 1 115 ? 1.567   5.846   3.808   1.00 6.27  ? 156 ILE X C   1 
ATOM   881  O O   . ILE A 1 115 ? 1.803   6.775   3.032   1.00 6.39  ? 156 ILE X O   1 
ATOM   882  C CB  . ILE A 1 115 ? 3.027   4.000   2.934   1.00 6.70  ? 156 ILE X CB  1 
ATOM   883  C CG1 . ILE A 1 115 ? 3.058   2.560   2.427   1.00 7.50  ? 156 ILE X CG1 1 
ATOM   884  C CG2 . ILE A 1 115 ? 3.956   4.152   4.135   1.00 7.78  ? 156 ILE X CG2 1 
ATOM   885  C CD1 . ILE A 1 115 ? 4.377   2.154   1.766   1.00 8.45  ? 156 ILE X CD1 1 
ATOM   886  N N   . CYS A 1 116 ? 1.214   6.031   5.070   1.00 6.57  ? 157 CYS X N   1 
ATOM   887  C CA  . CYS A 1 116 ? 1.117   7.361   5.660   1.00 6.93  ? 157 CYS X CA  1 
ATOM   888  C C   . CYS A 1 116 ? 2.499   7.928   5.944   1.00 7.35  ? 157 CYS X C   1 
ATOM   889  O O   . CYS A 1 116 ? 3.405   7.192   6.323   1.00 7.65  ? 157 CYS X O   1 
ATOM   890  C CB  . CYS A 1 116 ? 0.359   7.290   6.967   1.00 7.45  ? 157 CYS X CB  1 
ATOM   891  S SG  . CYS A 1 116 ? -1.296  6.605   6.842   1.00 8.78  ? 157 CYS X SG  1 
ATOM   892  N N   . THR A 1 117 ? 2.637   9.242   5.803   1.00 8.25  ? 158 THR X N   1 
ATOM   893  C CA  . THR A 1 117 ? 3.871   9.921   6.191   1.00 8.84  ? 158 THR X CA  1 
ATOM   894  C C   . THR A 1 117 ? 3.658   10.872  7.366   1.00 9.49  ? 158 THR X C   1 
ATOM   895  O O   . THR A 1 117 ? 4.592   11.561  7.782   1.00 9.65  ? 158 THR X O   1 
ATOM   896  C CB  . THR A 1 117 ? 4.475   10.644  4.995   1.00 9.05  ? 158 THR X CB  1 
ATOM   897  O OG1 . THR A 1 117 ? 3.550   11.643  4.545   1.00 10.87 ? 158 THR X OG1 1 
ATOM   898  C CG2 . THR A 1 117 ? 4.772   9.649   3.870   1.00 8.90  ? 158 THR X CG2 1 
ATOM   899  N N   . ILE A 1 118 ? 2.437   10.890  7.899   1.00 9.63  ? 159 ILE X N   1 
ATOM   900  C CA  . ILE A 1 118 ? 2.069   11.609  9.109   1.00 9.95  ? 159 ILE X CA  1 
ATOM   901  C C   . ILE A 1 118 ? 1.007   10.760  9.818   1.00 9.83  ? 159 ILE X C   1 
ATOM   902  O O   . ILE A 1 118 ? 0.541   9.761   9.255   1.00 9.43  ? 159 ILE X O   1 
ATOM   903  C CB  . ILE A 1 118 ? 1.477   13.009  8.818   1.00 10.25 ? 159 ILE X CB  1 
ATOM   904  C CG1 . ILE A 1 118 ? 0.205   12.888  7.979   1.00 11.23 ? 159 ILE X CG1 1 
ATOM   905  C CG2 . ILE A 1 118 ? 2.503   13.929  8.114   1.00 12.37 ? 159 ILE X CG2 1 
ATOM   906  C CD1 . ILE A 1 118 ? -0.667  14.125  8.001   1.00 13.87 ? 159 ILE X CD1 1 
ATOM   907  N N   . LYS A 1 119 ? 0.624   11.155  11.027  1.00 10.27 ? 1   LYS X N   1 
ATOM   908  C CA  . LYS A 1 119 ? -0.515  10.569  11.713  1.00 10.33 ? 1   LYS X CA  1 
ATOM   909  C C   . LYS A 1 119 ? -1.778  11.052  11.016  1.00 10.66 ? 1   LYS X C   1 
ATOM   910  O O   . LYS A 1 119 ? -2.025  12.249  10.950  1.00 11.55 ? 1   LYS X O   1 
ATOM   911  C CB  . LYS A 1 119 ? -0.512  11.014  13.175  1.00 10.42 ? 1   LYS X CB  1 
ATOM   912  C CG  . LYS A 1 119 ? -1.714  10.570  13.971  1.00 11.52 ? 1   LYS X CG  1 
ATOM   913  C CD  . LYS A 1 119 ? -1.503  10.800  15.460  0.90 14.31 ? 1   LYS X CD  1 
ATOM   914  C CE  . LYS A 1 119 ? -2.562  10.098  16.270  0.70 15.69 ? 1   LYS X CE  1 
ATOM   915  N NZ  . LYS A 1 119 ? -2.370  10.309  17.736  0.60 17.13 ? 1   LYS X NZ  1 
ATOM   916  N N   . THR A 1 120 ? -2.563  10.132  10.466  1.00 9.83  ? 161 THR X N   1 
ATOM   917  C CA  . THR A 1 120 ? -3.767  10.490  9.730   1.00 9.68  ? 161 THR X CA  1 
ATOM   918  C C   . THR A 1 120 ? -4.993  10.003  10.503  1.00 9.67  ? 161 THR X C   1 
ATOM   919  O O   . THR A 1 120 ? -5.738  9.135   10.039  1.00 9.31  ? 161 THR X O   1 
ATOM   920  C CB  . THR A 1 120 ? -3.742  9.903   8.315   1.00 10.08 ? 161 THR X CB  1 
ATOM   921  O OG1 . THR A 1 120 ? -3.683  8.476   8.394   1.00 8.67  ? 161 THR X OG1 1 
ATOM   922  C CG2 . THR A 1 120 ? -2.519  10.381  7.524   1.00 9.95  ? 161 THR X CG2 1 
ATOM   923  N N   . ASP A 1 121 ? -5.216  10.584  11.679  1.00 10.06 ? 162 ASP X N   1 
ATOM   924  C CA  . ASP A 1 121 ? -6.213  10.044  12.599  1.00 10.83 ? 162 ASP X CA  1 
ATOM   925  C C   . ASP A 1 121 ? -7.649  10.155  12.084  1.00 9.93  ? 162 ASP X C   1 
ATOM   926  O O   . ASP A 1 121 ? -8.518  9.393   12.482  1.00 10.08 ? 162 ASP X O   1 
ATOM   927  C CB  . ASP A 1 121 ? -6.077  10.666  14.002  1.00 11.56 ? 162 ASP X CB  1 
ATOM   928  C CG  . ASP A 1 121 ? -6.327  12.172  14.033  1.00 14.98 ? 162 ASP X CG  1 
ATOM   929  O OD1 . ASP A 1 121 ? -6.466  12.709  15.159  1.00 18.53 ? 162 ASP X OD1 1 
ATOM   930  O OD2 . ASP A 1 121 ? -6.380  12.827  12.969  1.00 17.13 ? 162 ASP X OD2 1 
ATOM   931  N N   . TRP A 1 122 ? -7.893  11.085  11.170  1.00 9.44  ? 163 TRP X N   1 
ATOM   932  C CA  . TRP A 1 122 ? -9.230  11.283  10.632  1.00 9.39  ? 163 TRP X CA  1 
ATOM   933  C C   . TRP A 1 122 ? -9.686  10.124  9.738   1.00 9.29  ? 163 TRP X C   1 
ATOM   934  O O   . TRP A 1 122 ? -10.853 10.045  9.373   1.00 10.13 ? 163 TRP X O   1 
ATOM   935  C CB  . TRP A 1 122 ? -9.319  12.622  9.881   1.00 9.40  ? 163 TRP X CB  1 
ATOM   936  C CG  . TRP A 1 122 ? -8.509  12.713  8.619   1.00 9.90  ? 163 TRP X CG  1 
ATOM   937  C CD1 . TRP A 1 122 ? -8.946  12.442  7.353   1.00 10.08 ? 163 TRP X CD1 1 
ATOM   938  C CD2 . TRP A 1 122 ? -7.132  13.100  8.487   1.00 10.11 ? 163 TRP X CD2 1 
ATOM   939  N NE1 . TRP A 1 122 ? -7.934  12.623  6.450   1.00 10.38 ? 163 TRP X NE1 1 
ATOM   940  C CE2 . TRP A 1 122 ? -6.813  13.041  7.114   1.00 9.90  ? 163 TRP X CE2 1 
ATOM   941  C CE3 . TRP A 1 122 ? -6.138  13.495  9.389   1.00 10.66 ? 163 TRP X CE3 1 
ATOM   942  C CZ2 . TRP A 1 122 ? -5.542  13.347  6.621   1.00 11.52 ? 163 TRP X CZ2 1 
ATOM   943  C CZ3 . TRP A 1 122 ? -4.878  13.823  8.889   1.00 10.36 ? 163 TRP X CZ3 1 
ATOM   944  C CH2 . TRP A 1 122 ? -4.593  13.733  7.527   1.00 10.82 ? 163 TRP X CH2 1 
ATOM   945  N N   . LEU A 1 123 ? -8.756  9.231   9.399   1.00 8.56  ? 164 LEU X N   1 
ATOM   946  C CA  . LEU A 1 123 ? -9.060  8.053   8.603   1.00 7.93  ? 164 LEU X CA  1 
ATOM   947  C C   . LEU A 1 123 ? -9.413  6.840   9.473   1.00 7.94  ? 164 LEU X C   1 
ATOM   948  O O   . LEU A 1 123 ? -9.847  5.814   8.945   1.00 7.60  ? 164 LEU X O   1 
ATOM   949  C CB  . LEU A 1 123 ? -7.896  7.731   7.664   1.00 7.87  ? 164 LEU X CB  1 
ATOM   950  C CG  . LEU A 1 123 ? -7.547  8.862   6.694   1.00 7.85  ? 164 LEU X CG  1 
ATOM   951  C CD1 . LEU A 1 123 ? -6.362  8.435   5.843   1.00 8.21  ? 164 LEU X CD1 1 
ATOM   952  C CD2 . LEU A 1 123 ? -8.707  9.264   5.794   1.00 8.68  ? 164 LEU X CD2 1 
ATOM   953  N N   . ASP A 1 124 ? -9.262  6.962   10.790  1.00 7.29  ? 165 ASP X N   1 
ATOM   954  C CA  . ASP A 1 124 ? -9.645  5.889   11.705  1.00 7.71  ? 165 ASP X CA  1 
ATOM   955  C C   . ASP A 1 124 ? -11.132 5.612   11.580  1.00 8.02  ? 165 ASP X C   1 
ATOM   956  O O   . ASP A 1 124 ? -11.940 6.530   11.599  1.00 8.33  ? 165 ASP X O   1 
ATOM   957  C CB  . ASP A 1 124 ? -9.326  6.249   13.161  1.00 8.05  ? 165 ASP X CB  1 
ATOM   958  C CG  . ASP A 1 124 ? -7.843  6.283   13.454  1.00 8.31  ? 165 ASP X CG  1 
ATOM   959  O OD1 . ASP A 1 124 ? -7.039  5.843   12.609  1.00 8.36  ? 165 ASP X OD1 1 
ATOM   960  O OD2 . ASP A 1 124 ? -7.493  6.770   14.552  1.00 9.69  ? 165 ASP X OD2 1 
ATOM   961  N N   . GLY A 1 125 ? -11.493 4.340   11.468  1.00 7.43  ? 166 GLY X N   1 
ATOM   962  C CA  . GLY A 1 125 ? -12.894 3.967   11.317  1.00 7.82  ? 166 GLY X CA  1 
ATOM   963  C C   . GLY A 1 125 ? -13.417 4.072   9.893   1.00 8.09  ? 166 GLY X C   1 
ATOM   964  O O   . GLY A 1 125 ? -14.583 3.753   9.639   1.00 8.52  ? 166 GLY X O   1 
ATOM   965  N N   . LYS A 1 126 ? -12.570 4.502   8.960   1.00 7.83  ? 167 LYS X N   1 
ATOM   966  C CA  . LYS A 1 126 ? -12.921 4.636   7.546   1.00 8.36  ? 167 LYS X CA  1 
ATOM   967  C C   . LYS A 1 126 ? -12.030 3.779   6.626   1.00 7.97  ? 167 LYS X C   1 
ATOM   968  O O   . LYS A 1 126 ? -12.497 3.262   5.615   1.00 7.97  ? 167 LYS X O   1 
ATOM   969  C CB  . LYS A 1 126 ? -12.867 6.105   7.123   1.00 9.23  ? 167 LYS X CB  1 
ATOM   970  C CG  . LYS A 1 126 ? -13.922 6.975   7.797   1.00 12.53 ? 167 LYS X CG  1 
ATOM   971  C CD  . LYS A 1 126 ? -14.059 8.329   7.124   0.70 14.68 ? 167 LYS X CD  1 
ATOM   972  C CE  . LYS A 1 126 ? -12.781 9.132   7.199   0.50 15.62 ? 167 LYS X CE  1 
ATOM   973  N N   . HIS A 1 127 ? -10.747 3.652   6.970   1.00 6.87  ? 168 HIS X N   1 
ATOM   974  C CA  . HIS A 1 127 ? -9.782  2.862   6.205   1.00 6.21  ? 168 HIS X CA  1 
ATOM   975  C C   . HIS A 1 127 ? -9.219  1.785   7.101   1.00 5.81  ? 168 HIS X C   1 
ATOM   976  O O   . HIS A 1 127 ? -8.911  2.046   8.266   1.00 5.91  ? 168 HIS X O   1 
ATOM   977  C CB  . HIS A 1 127 ? -8.690  3.781   5.659   1.00 6.36  ? 168 HIS X CB  1 
ATOM   978  C CG  . HIS A 1 127 ? -9.219  4.762   4.665   1.00 6.51  ? 168 HIS X CG  1 
ATOM   979  N ND1 . HIS A 1 127 ? -9.186  4.523   3.310   1.00 6.17  ? 168 HIS X ND1 1 
ATOM   980  C CD2 . HIS A 1 127 ? -9.870  5.938   4.829   1.00 7.31  ? 168 HIS X CD2 1 
ATOM   981  C CE1 . HIS A 1 127 ? -9.779  5.525   2.679   1.00 6.53  ? 168 HIS X CE1 1 
ATOM   982  N NE2 . HIS A 1 127 ? -10.210 6.392   3.576   1.00 8.33  ? 168 HIS X NE2 1 
ATOM   983  N N   . VAL A 1 128 ? -9.129  0.571   6.566   1.00 5.26  ? 169 VAL X N   1 
ATOM   984  C CA  . VAL A 1 128 ? -8.607  -0.560  7.312   1.00 5.38  ? 169 VAL X CA  1 
ATOM   985  C C   . VAL A 1 128 ? -7.080  -0.529  7.325   1.00 4.82  ? 169 VAL X C   1 
ATOM   986  O O   . VAL A 1 128 ? -6.432  -0.702  6.291   1.00 5.21  ? 169 VAL X O   1 
ATOM   987  C CB  . VAL A 1 128 ? -9.117  -1.886  6.737   1.00 4.76  ? 169 VAL X CB  1 
ATOM   988  C CG1 . VAL A 1 128 ? -8.481  -3.081  7.475   1.00 5.09  ? 169 VAL X CG1 1 
ATOM   989  C CG2 . VAL A 1 128 ? -10.664 -1.956  6.823   1.00 5.67  ? 169 VAL X CG2 1 
ATOM   990  N N   . VAL A 1 129 ? -6.528  -0.312  8.513   1.00 4.54  ? 170 VAL X N   1 
ATOM   991  C CA  . VAL A 1 129 ? -5.082  -0.375  8.735   1.00 4.65  ? 170 VAL X CA  1 
ATOM   992  C C   . VAL A 1 129 ? -4.688  -1.836  8.856   1.00 5.02  ? 170 VAL X C   1 
ATOM   993  O O   . VAL A 1 129 ? -5.349  -2.624  9.545   1.00 5.22  ? 170 VAL X O   1 
ATOM   994  C CB  . VAL A 1 129 ? -4.692  0.378   10.006  1.00 4.79  ? 170 VAL X CB  1 
ATOM   995  C CG1 . VAL A 1 129 ? -3.214  0.208   10.324  1.00 5.38  ? 170 VAL X CG1 1 
ATOM   996  C CG2 . VAL A 1 129 ? -5.027  1.874   9.869   1.00 6.12  ? 170 VAL X CG2 1 
ATOM   997  N N   . PHE A 1 130 ? -3.622  -2.219  8.156   1.00 4.82  ? 171 PHE X N   1 
ATOM   998  C CA  . PHE A 1 130 ? -3.239  -3.630  8.134   1.00 4.96  ? 171 PHE X CA  1 
ATOM   999  C C   . PHE A 1 130 ? -1.744  -3.895  8.217   1.00 4.72  ? 171 PHE X C   1 
ATOM   1000 O O   . PHE A 1 130 ? -1.336  -5.026  8.081   1.00 4.82  ? 171 PHE X O   1 
ATOM   1001 C CB  . PHE A 1 130 ? -3.873  -4.349  6.922   1.00 5.31  ? 171 PHE X CB  1 
ATOM   1002 C CG  . PHE A 1 130 ? -3.344  -3.909  5.584   1.00 4.94  ? 171 PHE X CG  1 
ATOM   1003 C CD1 . PHE A 1 130 ? -3.818  -2.764  4.979   1.00 5.21  ? 171 PHE X CD1 1 
ATOM   1004 C CD2 . PHE A 1 130 ? -2.401  -4.672  4.928   1.00 5.40  ? 171 PHE X CD2 1 
ATOM   1005 C CE1 . PHE A 1 130 ? -3.341  -2.379  3.769   1.00 4.76  ? 171 PHE X CE1 1 
ATOM   1006 C CE2 . PHE A 1 130 ? -1.922  -4.298  3.707   1.00 5.35  ? 171 PHE X CE2 1 
ATOM   1007 C CZ  . PHE A 1 130 ? -2.397  -3.149  3.121   1.00 5.09  ? 171 PHE X CZ  1 
ATOM   1008 N N   . GLY A 1 131 ? -0.934  -2.881  8.497   1.00 5.11  ? 172 GLY X N   1 
ATOM   1009 C CA  . GLY A 1 131 ? 0.491   -3.105  8.613   1.00 5.60  ? 172 GLY X CA  1 
ATOM   1010 C C   . GLY A 1 131 ? 1.227   -1.814  8.852   1.00 4.93  ? 172 GLY X C   1 
ATOM   1011 O O   . GLY A 1 131 ? 0.640   -0.758  9.110   1.00 5.17  ? 172 GLY X O   1 
ATOM   1012 N N   . HIS A 1 132 ? 2.539   -1.917  8.781   1.00 5.27  ? 173 HIS X N   1 
ATOM   1013 C CA  . HIS A 1 132 ? 3.407   -0.759  8.920   1.00 5.53  ? 173 HIS X CA  1 
ATOM   1014 C C   . HIS A 1 132 ? 4.784   -1.049  8.328   1.00 5.54  ? 173 HIS X C   1 
ATOM   1015 O O   . HIS A 1 132 ? 5.158   -2.203  8.101   1.00 5.19  ? 173 HIS X O   1 
ATOM   1016 C CB  . HIS A 1 132 ? 3.502   -0.281  10.381  1.00 6.19  ? 173 HIS X CB  1 
ATOM   1017 C CG  . HIS A 1 132 ? 4.369   -1.136  11.247  1.00 7.53  ? 173 HIS X CG  1 
ATOM   1018 N ND1 . HIS A 1 132 ? 3.892   -2.231  11.933  1.00 10.11 ? 173 HIS X ND1 1 
ATOM   1019 C CD2 . HIS A 1 132 ? 5.689   -1.051  11.535  1.00 8.89  ? 173 HIS X CD2 1 
ATOM   1020 C CE1 . HIS A 1 132 ? 4.886   -2.786  12.608  1.00 10.18 ? 173 HIS X CE1 1 
ATOM   1021 N NE2 . HIS A 1 132 ? 5.984   -2.083  12.390  1.00 9.56  ? 173 HIS X NE2 1 
ATOM   1022 N N   . VAL A 1 133 ? 5.513   0.034   8.096   1.00 5.25  ? 174 VAL X N   1 
ATOM   1023 C CA  . VAL A 1 133 ? 6.870   -0.011  7.559   1.00 5.73  ? 174 VAL X CA  1 
ATOM   1024 C C   . VAL A 1 133 ? 7.878   -0.454  8.624   1.00 6.10  ? 174 VAL X C   1 
ATOM   1025 O O   . VAL A 1 133 ? 8.050   0.205   9.643   1.00 6.87  ? 174 VAL X O   1 
ATOM   1026 C CB  . VAL A 1 133 ? 7.285   1.365   7.022   1.00 5.73  ? 174 VAL X CB  1 
ATOM   1027 C CG1 . VAL A 1 133 ? 8.738   1.357   6.582   1.00 6.79  ? 174 VAL X CG1 1 
ATOM   1028 C CG2 . VAL A 1 133 ? 6.377   1.792   5.866   1.00 6.41  ? 174 VAL X CG2 1 
ATOM   1029 N N   . ILE A 1 134 ? 8.536   -1.576  8.355   1.00 6.11  ? 175 ILE X N   1 
ATOM   1030 C CA  . ILE A 1 134 ? 9.589   -2.142  9.209   1.00 6.51  ? 175 ILE X CA  1 
ATOM   1031 C C   . ILE A 1 134 ? 10.952  -1.530  8.883   1.00 7.45  ? 175 ILE X C   1 
ATOM   1032 O O   . ILE A 1 134 ? 11.755  -1.246  9.791   1.00 7.99  ? 175 ILE X O   1 
ATOM   1033 C CB  . ILE A 1 134 ? 9.639   -3.682  8.992   1.00 6.65  ? 175 ILE X CB  1 
ATOM   1034 C CG1 . ILE A 1 134 ? 8.390   -4.353  9.577   1.00 7.24  ? 175 ILE X CG1 1 
ATOM   1035 C CG2 . ILE A 1 134 ? 10.932  -4.284  9.598   1.00 7.43  ? 175 ILE X CG2 1 
ATOM   1036 C CD1 . ILE A 1 134 ? 8.346   -4.380  11.106  1.00 7.77  ? 175 ILE X CD1 1 
ATOM   1037 N N   . GLU A 1 135 ? 11.198  -1.320  7.596   1.00 7.13  ? 176 GLU X N   1 
ATOM   1038 C CA  . GLU A 1 135 ? 12.458  -0.792  7.105   1.00 8.56  ? 176 GLU X CA  1 
ATOM   1039 C C   . GLU A 1 135 ? 12.161  -0.036  5.816   1.00 8.13  ? 176 GLU X C   1 
ATOM   1040 O O   . GLU A 1 135 ? 11.236  -0.381  5.080   1.00 7.08  ? 176 GLU X O   1 
ATOM   1041 C CB  . GLU A 1 135 ? 13.395  -1.967  6.823   1.00 10.23 ? 176 GLU X CB  1 
ATOM   1042 C CG  . GLU A 1 135 ? 14.744  -1.614  6.280   1.00 13.52 ? 176 GLU X CG  1 
ATOM   1043 C CD  . GLU A 1 135 ? 15.422  -2.820  5.696   1.00 15.57 ? 176 GLU X CD  1 
ATOM   1044 O OE1 . GLU A 1 135 ? 15.511  -3.843  6.411   1.00 14.47 ? 176 GLU X OE1 1 
ATOM   1045 O OE2 . GLU A 1 135 ? 15.841  -2.748  4.517   1.00 17.64 ? 176 GLU X OE2 1 
ATOM   1046 N N   . GLY A 1 136 ? 12.916  1.014   5.532   1.00 8.51  ? 177 GLY X N   1 
ATOM   1047 C CA  . GLY A 1 136 ? 12.730  1.738   4.285   1.00 8.58  ? 177 GLY X CA  1 
ATOM   1048 C C   . GLY A 1 136 ? 11.877  2.975   4.369   1.00 8.78  ? 177 GLY X C   1 
ATOM   1049 O O   . GLY A 1 136 ? 11.381  3.433   3.349   1.00 8.57  ? 177 GLY X O   1 
ATOM   1050 N N   . MET A 1 137 ? 11.708  3.554   5.549   1.00 8.83  ? 178 MET X N   1 
ATOM   1051 C CA  A MET A 1 137 ? 10.987  4.811   5.631   0.50 9.10  ? 178 MET X CA  1 
ATOM   1052 C CA  B MET A 1 137 ? 10.997  4.827   5.639   0.50 9.40  ? 178 MET X CA  1 
ATOM   1053 C C   . MET A 1 137 ? 11.730  5.896   4.832   1.00 9.50  ? 178 MET X C   1 
ATOM   1054 O O   . MET A 1 137 ? 11.112  6.821   4.323   1.00 10.05 ? 178 MET X O   1 
ATOM   1055 C CB  A MET A 1 137 ? 10.764  5.227   7.084   0.50 9.33  ? 178 MET X CB  1 
ATOM   1056 C CB  B MET A 1 137 ? 10.811  5.292   7.084   0.50 9.79  ? 178 MET X CB  1 
ATOM   1057 C CG  A MET A 1 137 ? 9.672   6.254   7.271   0.50 8.65  ? 178 MET X CG  1 
ATOM   1058 C CG  B MET A 1 137 ? 9.616   4.678   7.785   0.50 10.56 ? 178 MET X CG  1 
ATOM   1059 S SD  A MET A 1 137 ? 8.037   5.712   6.720   0.50 9.94  ? 178 MET X SD  1 
ATOM   1060 S SD  B MET A 1 137 ? 8.045   5.056   6.979   0.50 11.44 ? 178 MET X SD  1 
ATOM   1061 C CE  A MET A 1 137 ? 7.222   7.298   6.532   0.50 8.79  ? 178 MET X CE  1 
ATOM   1062 C CE  B MET A 1 137 ? 8.009   6.842   7.073   0.50 11.83 ? 178 MET X CE  1 
ATOM   1063 N N   . ASP A 1 138 ? 13.054  5.767   4.700   1.00 9.78  ? 179 ASP X N   1 
ATOM   1064 C CA  . ASP A 1 138 ? 13.812  6.682   3.824   1.00 10.22 ? 179 ASP X CA  1 
ATOM   1065 C C   . ASP A 1 138 ? 13.315  6.616   2.382   1.00 9.95  ? 179 ASP X C   1 
ATOM   1066 O O   . ASP A 1 138 ? 13.161  7.641   1.709   1.00 10.16 ? 179 ASP X O   1 
ATOM   1067 C CB  . ASP A 1 138 ? 15.338  6.421   3.904   1.00 10.56 ? 179 ASP X CB  1 
ATOM   1068 C CG  . ASP A 1 138 ? 15.744  5.059   3.382   1.00 12.87 ? 179 ASP X CG  1 
ATOM   1069 O OD1 . ASP A 1 138 ? 15.148  4.064   3.828   1.00 13.01 ? 179 ASP X OD1 1 
ATOM   1070 O OD2 . ASP A 1 138 ? 16.662  4.968   2.532   1.00 16.29 ? 179 ASP X OD2 1 
ATOM   1071 N N   . VAL A 1 139 ? 13.017  5.409   1.916   1.00 9.61  ? 180 VAL X N   1 
ATOM   1072 C CA  . VAL A 1 139 ? 12.471  5.216   0.581   1.00 9.70  ? 180 VAL X CA  1 
ATOM   1073 C C   . VAL A 1 139 ? 11.072  5.838   0.488   1.00 9.63  ? 180 VAL X C   1 
ATOM   1074 O O   . VAL A 1 139 ? 10.749  6.522   -0.485  1.00 9.32  ? 180 VAL X O   1 
ATOM   1075 C CB  . VAL A 1 139 ? 12.437  3.714   0.224   1.00 9.45  ? 180 VAL X CB  1 
ATOM   1076 C CG1 . VAL A 1 139 ? 11.834  3.503   -1.144  1.00 11.07 ? 180 VAL X CG1 1 
ATOM   1077 C CG2 . VAL A 1 139 ? 13.853  3.103   0.286   1.00 10.93 ? 180 VAL X CG2 1 
ATOM   1078 N N   . VAL A 1 140 ? 10.250  5.631   1.513   1.00 9.25  ? 181 VAL X N   1 
ATOM   1079 C CA  . VAL A 1 140 ? 8.917   6.235   1.560   1.00 9.03  ? 181 VAL X CA  1 
ATOM   1080 C C   . VAL A 1 140 ? 9.012   7.764   1.498   1.00 9.49  ? 181 VAL X C   1 
ATOM   1081 O O   . VAL A 1 140 ? 8.253   8.411   0.768   1.00 9.48  ? 181 VAL X O   1 
ATOM   1082 C CB  . VAL A 1 140 ? 8.148   5.776   2.821   1.00 8.89  ? 181 VAL X CB  1 
ATOM   1083 C CG1 . VAL A 1 140 ? 6.831   6.553   2.954   1.00 8.89  ? 181 VAL X CG1 1 
ATOM   1084 C CG2 . VAL A 1 140 ? 7.898   4.272   2.773   1.00 8.49  ? 181 VAL X CG2 1 
ATOM   1085 N N   . LYS A 1 141 ? 9.957   8.346   2.233   1.00 9.76  ? 182 LYS X N   1 
ATOM   1086 C CA  . LYS A 1 141 ? 10.104  9.799   2.214   1.00 10.44 ? 182 LYS X CA  1 
ATOM   1087 C C   . LYS A 1 141 ? 10.669  10.330  0.900   1.00 10.32 ? 182 LYS X C   1 
ATOM   1088 O O   . LYS A 1 141 ? 10.336  11.443  0.510   1.00 9.68  ? 182 LYS X O   1 
ATOM   1089 C CB  . LYS A 1 141 ? 10.894  10.275  3.421   1.00 11.37 ? 182 LYS X CB  1 
ATOM   1090 C CG  . LYS A 1 141 ? 10.079  10.051  4.717   1.00 12.67 ? 182 LYS X CG  1 
ATOM   1091 C CD  . LYS A 1 141 ? 10.463  10.968  5.859   1.00 15.27 ? 182 LYS X CD  1 
ATOM   1092 C CE  . LYS A 1 141 ? 10.004  12.391  5.629   1.00 14.04 ? 182 LYS X CE  1 
ATOM   1093 N NZ  . LYS A 1 141 ? 8.550   12.645  5.830   1.00 13.33 ? 182 LYS X NZ  1 
ATOM   1094 N N   . LYS A 1 142 ? 11.458  9.527   0.193   1.00 9.94  ? 183 LYS X N   1 
ATOM   1095 C CA  . LYS A 1 142 ? 11.859  9.893   -1.176  1.00 10.98 ? 183 LYS X CA  1 
ATOM   1096 C C   . LYS A 1 142 ? 10.639  9.929   -2.087  1.00 10.99 ? 183 LYS X C   1 
ATOM   1097 O O   . LYS A 1 142 ? 10.425  10.913  -2.817  1.00 10.66 ? 183 LYS X O   1 
ATOM   1098 C CB  . LYS A 1 142 ? 12.898  8.932   -1.742  1.00 11.37 ? 183 LYS X CB  1 
ATOM   1099 C CG  . LYS A 1 142 ? 14.280  9.134   -1.163  1.00 13.80 ? 183 LYS X CG  1 
ATOM   1100 C CD  . LYS A 1 142 ? 15.330  8.271   -1.851  0.70 15.73 ? 183 LYS X CD  1 
ATOM   1101 C CE  . LYS A 1 142 ? 15.416  6.864   -1.294  0.60 16.76 ? 183 LYS X CE  1 
ATOM   1102 N NZ  . LYS A 1 142 ? 16.707  6.233   -1.677  0.50 17.13 ? 183 LYS X NZ  1 
ATOM   1103 N N   . ILE A 1 143 ? 9.823   8.874   -2.031  1.00 10.46 ? 184 ILE X N   1 
ATOM   1104 C CA  . ILE A 1 143 ? 8.584   8.833   -2.817  1.00 10.31 ? 184 ILE X CA  1 
ATOM   1105 C C   . ILE A 1 143 ? 7.736   10.061  -2.496  1.00 10.24 ? 184 ILE X C   1 
ATOM   1106 O O   . ILE A 1 143 ? 7.246   10.746  -3.402  1.00 10.48 ? 184 ILE X O   1 
ATOM   1107 C CB  . ILE A 1 143 ? 7.786   7.525   -2.543  1.00 10.03 ? 184 ILE X CB  1 
ATOM   1108 C CG1 . ILE A 1 143 ? 8.545   6.287   -3.043  1.00 10.22 ? 184 ILE X CG1 1 
ATOM   1109 C CG2 . ILE A 1 143 ? 6.416   7.575   -3.212  1.00 10.32 ? 184 ILE X CG2 1 
ATOM   1110 C CD1 . ILE A 1 143 ? 7.961   4.965   -2.529  1.00 10.73 ? 184 ILE X CD1 1 
ATOM   1111 N N   . GLU A 1 144 ? 7.571   10.351  -1.207  1.00 9.99  ? 185 GLU X N   1 
ATOM   1112 C CA  . GLU A 1 144 ? 6.795   11.491  -0.746  1.00 10.09 ? 185 GLU X CA  1 
ATOM   1113 C C   . GLU A 1 144 ? 7.283   12.798  -1.377  1.00 11.25 ? 185 GLU X C   1 
ATOM   1114 O O   . GLU A 1 144 ? 6.483   13.654  -1.764  1.00 11.02 ? 185 GLU X O   1 
ATOM   1115 C CB  . GLU A 1 144 ? 6.887   11.577  0.780   1.00 9.84  ? 185 GLU X CB  1 
ATOM   1116 C CG  . GLU A 1 144 ? 6.046   12.656  1.418   1.00 10.52 ? 185 GLU X CG  1 
ATOM   1117 C CD  . GLU A 1 144 ? 6.312   12.823  2.886   1.00 9.49  ? 185 GLU X CD  1 
ATOM   1118 O OE1 . GLU A 1 144 ? 7.396   12.386  3.354   1.00 11.83 ? 185 GLU X OE1 1 
ATOM   1119 O OE2 . GLU A 1 144 ? 5.438   13.403  3.569   1.00 11.14 ? 185 GLU X OE2 1 
ATOM   1120 N N   . SER A 1 145 ? 8.601   12.937  -1.481  1.00 11.81 ? 186 SER X N   1 
ATOM   1121 C CA  . SER A 1 145 ? 9.201   14.168  -2.014  1.00 12.62 ? 186 SER X CA  1 
ATOM   1122 C C   . SER A 1 145 ? 8.901   14.369  -3.497  1.00 13.27 ? 186 SER X C   1 
ATOM   1123 O O   . SER A 1 145 ? 9.022   15.493  -4.008  1.00 13.56 ? 186 SER X O   1 
ATOM   1124 C CB  . SER A 1 145 ? 10.718  14.194  -1.776  1.00 12.85 ? 186 SER X CB  1 
ATOM   1125 O OG  . SER A 1 145 ? 11.401  13.342  -2.671  1.00 13.84 ? 186 SER X OG  1 
ATOM   1126 N N   . PHE A 1 146 ? 8.509   13.302  -4.191  1.00 13.48 ? 187 PHE X N   1 
ATOM   1127 C CA  . PHE A 1 146 ? 8.132   13.394  -5.600  1.00 14.09 ? 187 PHE X CA  1 
ATOM   1128 C C   . PHE A 1 146 ? 6.622   13.575  -5.801  1.00 13.87 ? 187 PHE X C   1 
ATOM   1129 O O   . PHE A 1 146 ? 6.135   13.519  -6.931  1.00 14.75 ? 187 PHE X O   1 
ATOM   1130 C CB  . PHE A 1 146 ? 8.616   12.163  -6.374  1.00 14.32 ? 187 PHE X CB  1 
ATOM   1131 C CG  . PHE A 1 146 ? 10.075  11.851  -6.177  1.00 16.37 ? 187 PHE X CG  1 
ATOM   1132 C CD1 . PHE A 1 146 ? 11.029  12.866  -6.146  1.00 17.55 ? 187 PHE X CD1 1 
ATOM   1133 C CD2 . PHE A 1 146 ? 10.499  10.533  -6.034  1.00 17.23 ? 187 PHE X CD2 1 
ATOM   1134 C CE1 . PHE A 1 146 ? 12.376  12.566  -5.961  1.00 18.56 ? 187 PHE X CE1 1 
ATOM   1135 C CE2 . PHE A 1 146 ? 11.836  10.233  -5.851  1.00 17.55 ? 187 PHE X CE2 1 
ATOM   1136 C CZ  . PHE A 1 146 ? 12.775  11.246  -5.820  1.00 17.67 ? 187 PHE X CZ  1 
ATOM   1137 N N   . GLY A 1 147 ? 5.881   13.815  -4.721  1.00 13.75 ? 188 GLY X N   1 
ATOM   1138 C CA  . GLY A 1 147 ? 4.456   14.123  -4.834  1.00 13.85 ? 188 GLY X CA  1 
ATOM   1139 C C   . GLY A 1 147 ? 4.185   15.612  -4.997  1.00 14.37 ? 188 GLY X C   1 
ATOM   1140 O O   . GLY A 1 147 ? 5.114   16.413  -5.175  1.00 15.09 ? 188 GLY X O   1 
ATOM   1141 N N   . SER A 1 148 ? 2.910   15.980  -4.929  1.00 14.85 ? 189 SER X N   1 
ATOM   1142 C CA  . SER A 1 148 ? 2.489   17.377  -4.979  1.00 15.38 ? 189 SER X CA  1 
ATOM   1143 C C   . SER A 1 148 ? 1.158   17.515  -4.257  1.00 16.11 ? 189 SER X C   1 
ATOM   1144 O O   . SER A 1 148 ? 0.527   16.515  -3.913  1.00 14.77 ? 189 SER X O   1 
ATOM   1145 C CB  . SER A 1 148 ? 2.351   17.835  -6.425  1.00 15.80 ? 189 SER X CB  1 
ATOM   1146 O OG  . SER A 1 148 ? 1.359   17.080  -7.091  1.00 15.78 ? 189 SER X OG  1 
ATOM   1147 N N   . LYS A 1 149 ? 0.702   18.744  -4.055  1.00 16.82 ? 190 LYS X N   1 
ATOM   1148 C CA  . LYS A 1 149 ? -0.553  18.968  -3.347  1.00 17.44 ? 190 LYS X CA  1 
ATOM   1149 C C   . LYS A 1 149 ? -1.738  18.323  -4.067  1.00 17.55 ? 190 LYS X C   1 
ATOM   1150 O O   . LYS A 1 149 ? -2.688  17.875  -3.426  1.00 18.78 ? 190 LYS X O   1 
ATOM   1151 C CB  . LYS A 1 149 ? -0.792  20.469  -3.148  0.90 17.64 ? 190 LYS X CB  1 
ATOM   1152 C CG  . LYS A 1 149 ? 0.225   21.125  -2.230  0.70 17.94 ? 190 LYS X CG  1 
ATOM   1153 N N   . SER A 1 150 ? -1.666  18.271  -5.397  1.00 17.39 ? 191 SER X N   1 
ATOM   1154 C CA  . SER A 1 150 ? -2.694  17.637  -6.221  1.00 17.19 ? 191 SER X CA  1 
ATOM   1155 C C   . SER A 1 150 ? -2.622  16.114  -6.215  1.00 16.45 ? 191 SER X C   1 
ATOM   1156 O O   . SER A 1 150 ? -3.522  15.465  -6.727  1.00 17.02 ? 191 SER X O   1 
ATOM   1157 C CB  . SER A 1 150 ? -2.558  18.095  -7.673  1.00 17.43 ? 191 SER X CB  1 
ATOM   1158 O OG  . SER A 1 150 ? -1.425  17.495  -8.294  1.00 18.62 ? 191 SER X OG  1 
ATOM   1159 N N   . GLY A 1 151 ? -1.535  15.551  -5.688  1.00 15.27 ? 192 GLY X N   1 
ATOM   1160 C CA  . GLY A 1 151 ? -1.311  14.112  -5.741  1.00 14.52 ? 192 GLY X CA  1 
ATOM   1161 C C   . GLY A 1 151 ? -0.522  13.654  -6.958  1.00 13.74 ? 192 GLY X C   1 
ATOM   1162 O O   . GLY A 1 151 ? -0.023  12.532  -6.997  1.00 12.53 ? 192 GLY X O   1 
ATOM   1163 N N   . ARG A 1 152 ? -0.390  14.506  -7.979  1.00 13.72 ? 193 ARG X N   1 
ATOM   1164 C CA  . ARG A 1 152 ? 0.362   14.121  -9.168  1.00 13.82 ? 193 ARG X CA  1 
ATOM   1165 C C   . ARG A 1 152 ? 1.836   13.967  -8.825  1.00 13.84 ? 193 ARG X C   1 
ATOM   1166 O O   . ARG A 1 152 ? 2.398   14.779  -8.096  1.00 14.04 ? 193 ARG X O   1 
ATOM   1167 C CB  . ARG A 1 152 ? 0.210   15.167  -10.278 0.80 14.07 ? 193 ARG X CB  1 
ATOM   1168 C CG  . ARG A 1 152 ? 0.805   14.734  -11.606 0.60 14.84 ? 193 ARG X CG  1 
ATOM   1169 N N   . THR A 1 153 ? 2.459   12.921  -9.347  1.00 13.69 ? 194 THR X N   1 
ATOM   1170 C CA  . THR A 1 153 ? 3.863   12.682  -9.075  1.00 13.88 ? 194 THR X CA  1 
ATOM   1171 C C   . THR A 1 153 ? 4.727   13.401  -10.116 1.00 14.04 ? 194 THR X C   1 
ATOM   1172 O O   . THR A 1 153 ? 4.338   13.546  -11.278 1.00 13.95 ? 194 THR X O   1 
ATOM   1173 C CB  . THR A 1 153 ? 4.184   11.175  -9.046  1.00 13.88 ? 194 THR X CB  1 
ATOM   1174 O OG1 . THR A 1 153 ? 3.771   10.568  -10.271 1.00 13.97 ? 194 THR X OG1 1 
ATOM   1175 C CG2 . THR A 1 153 ? 3.455   10.482  -7.882  1.00 13.77 ? 194 THR X CG2 1 
ATOM   1176 N N   . SER A 1 154 ? 5.897   13.858  -9.687  1.00 14.15 ? 195 SER X N   1 
ATOM   1177 C CA  . SER A 1 154 ? 6.804   14.574  -10.579 1.00 14.64 ? 195 SER X CA  1 
ATOM   1178 C C   . SER A 1 154 ? 7.818   13.636  -11.224 1.00 14.49 ? 195 SER X C   1 
ATOM   1179 O O   . SER A 1 154 ? 8.568   14.048  -12.117 1.00 15.22 ? 195 SER X O   1 
ATOM   1180 C CB  . SER A 1 154 ? 7.516   15.686  -9.812  1.00 15.13 ? 195 SER X CB  1 
ATOM   1181 O OG  . SER A 1 154 ? 8.321   15.175  -8.766  1.00 16.92 ? 195 SER X OG  1 
ATOM   1182 N N   . LYS A 1 155 ? 7.844   12.384  -10.769 1.00 13.67 ? 196 LYS X N   1 
ATOM   1183 C CA  . LYS A 1 155 ? 8.652   11.327  -11.357 1.00 13.38 ? 196 LYS X CA  1 
ATOM   1184 C C   . LYS A 1 155 ? 7.760   10.108  -11.471 1.00 13.16 ? 196 LYS X C   1 
ATOM   1185 O O   . LYS A 1 155 ? 6.766   10.014  -10.747 1.00 13.49 ? 196 LYS X O   1 
ATOM   1186 C CB  A LYS A 1 155 ? 9.856   11.014  -10.468 0.50 13.55 ? 196 LYS X CB  1 
ATOM   1187 C CB  B LYS A 1 155 ? 9.850   10.993  -10.465 0.50 13.57 ? 196 LYS X CB  1 
ATOM   1188 C CG  A LYS A 1 155 ? 10.728  12.222  -10.159 0.50 13.81 ? 196 LYS X CG  1 
ATOM   1189 C CG  B LYS A 1 155 ? 10.824  12.141  -10.243 0.50 13.91 ? 196 LYS X CG  1 
ATOM   1190 C CD  A LYS A 1 155 ? 12.010  11.813  -9.460  0.50 14.32 ? 196 LYS X CD  1 
ATOM   1191 C CD  B LYS A 1 155 ? 12.126  11.638  -9.634  0.50 14.52 ? 196 LYS X CD  1 
ATOM   1192 C CE  A LYS A 1 155 ? 12.886  13.020  -9.165  0.50 14.82 ? 196 LYS X CE  1 
ATOM   1193 C CE  B LYS A 1 155 ? 13.181  12.733  -9.572  0.50 15.08 ? 196 LYS X CE  1 
ATOM   1194 N NZ  A LYS A 1 155 ? 13.258  13.756  -10.400 0.40 14.29 ? 196 LYS X NZ  1 
ATOM   1195 N NZ  B LYS A 1 155 ? 14.499  12.211  -9.118  0.40 15.58 ? 196 LYS X NZ  1 
ATOM   1196 N N   . LYS A 1 156 ? 8.085   9.203   -12.389 1.00 12.52 ? 197 LYS X N   1 
ATOM   1197 C CA  . LYS A 1 156 ? 7.344   7.949   -12.521 1.00 12.64 ? 197 LYS X CA  1 
ATOM   1198 C C   . LYS A 1 156 ? 7.845   6.949   -11.488 1.00 11.71 ? 197 LYS X C   1 
ATOM   1199 O O   . LYS A 1 156 ? 8.974   6.461   -11.574 1.00 11.21 ? 197 LYS X O   1 
ATOM   1200 C CB  . LYS A 1 156 ? 7.460   7.357   -13.926 1.00 13.42 ? 197 LYS X CB  1 
ATOM   1201 C CG  . LYS A 1 156 ? 6.554   6.155   -14.123 0.80 15.11 ? 197 LYS X CG  1 
ATOM   1202 C CD  . LYS A 1 156 ? 6.138   5.940   -15.571 0.70 18.39 ? 197 LYS X CD  1 
ATOM   1203 C CE  . LYS A 1 156 ? 4.631   5.813   -15.716 0.60 19.26 ? 197 LYS X CE  1 
ATOM   1204 N NZ  . LYS A 1 156 ? 4.033   4.928   -14.683 0.50 19.85 ? 197 LYS X NZ  1 
ATOM   1205 N N   . ILE A 1 157 ? 6.985   6.652   -10.515 1.00 10.86 ? 198 ILE X N   1 
ATOM   1206 C CA  . ILE A 1 157 ? 7.345   5.830   -9.360  1.00 10.17 ? 198 ILE X CA  1 
ATOM   1207 C C   . ILE A 1 157 ? 6.802   4.418   -9.560  1.00 9.47  ? 198 ILE X C   1 
ATOM   1208 O O   . ILE A 1 157 ? 5.580   4.217   -9.589  1.00 10.00 ? 198 ILE X O   1 
ATOM   1209 C CB  . ILE A 1 157 ? 6.780   6.445   -8.069  1.00 10.18 ? 198 ILE X CB  1 
ATOM   1210 C CG1 A ILE A 1 157 ? 7.188   7.915   -7.957  0.50 10.57 ? 198 ILE X CG1 1 
ATOM   1211 C CG1 B ILE A 1 157 ? 7.142   7.930   -7.949  0.50 10.79 ? 198 ILE X CG1 1 
ATOM   1212 C CG2 . ILE A 1 157 ? 7.269   5.652   -6.841  1.00 10.14 ? 198 ILE X CG2 1 
ATOM   1213 C CD1 A ILE A 1 157 ? 6.439   8.678   -6.898  0.50 9.82  ? 198 ILE X CD1 1 
ATOM   1214 C CD1 B ILE A 1 157 ? 8.620   8.209   -7.869  0.50 10.76 ? 198 ILE X CD1 1 
ATOM   1215 N N   . VAL A 1 158 ? 7.701   3.452   -9.730  1.00 9.39  ? 199 VAL X N   1 
ATOM   1216 C CA  . VAL A 1 158 ? 7.337   2.097   -10.122 1.00 9.46  ? 199 VAL X CA  1 
ATOM   1217 C C   . VAL A 1 158 ? 7.796   1.069   -9.094  1.00 9.38  ? 199 VAL X C   1 
ATOM   1218 O O   . VAL A 1 158 ? 8.938   1.102   -8.629  1.00 9.31  ? 199 VAL X O   1 
ATOM   1219 C CB  . VAL A 1 158 ? 7.936   1.741   -11.506 1.00 9.63  ? 199 VAL X CB  1 
ATOM   1220 C CG1 . VAL A 1 158 ? 7.639   0.299   -11.883 1.00 10.87 ? 199 VAL X CG1 1 
ATOM   1221 C CG2 . VAL A 1 158 ? 7.399   2.701   -12.572 1.00 10.02 ? 199 VAL X CG2 1 
ATOM   1222 N N   . ILE A 1 159 ? 6.894   0.161   -8.733  1.00 9.21  ? 200 ILE X N   1 
ATOM   1223 C CA  . ILE A 1 159 ? 7.240   -1.004  -7.935  1.00 8.77  ? 200 ILE X CA  1 
ATOM   1224 C C   . ILE A 1 159 ? 7.839   -2.014  -8.907  1.00 9.78  ? 200 ILE X C   1 
ATOM   1225 O O   . ILE A 1 159 ? 7.121   -2.690  -9.647  1.00 10.41 ? 200 ILE X O   1 
ATOM   1226 C CB  . ILE A 1 159 ? 5.995   -1.598  -7.229  1.00 8.88  ? 200 ILE X CB  1 
ATOM   1227 C CG1 . ILE A 1 159 ? 5.422   -0.582  -6.244  1.00 8.68  ? 200 ILE X CG1 1 
ATOM   1228 C CG2 . ILE A 1 159 ? 6.355   -2.900  -6.532  1.00 8.17  ? 200 ILE X CG2 1 
ATOM   1229 C CD1 . ILE A 1 159 ? 4.015   -0.943  -5.701  1.00 8.51  ? 200 ILE X CD1 1 
ATOM   1230 N N   . THR A 1 160 ? 9.163   -2.085  -8.950  1.00 10.29 ? 201 THR X N   1 
ATOM   1231 C CA  . THR A 1 160 ? 9.840   -2.901  -9.960  1.00 11.16 ? 201 THR X CA  1 
ATOM   1232 C C   . THR A 1 160 ? 9.858   -4.382  -9.573  1.00 11.26 ? 201 THR X C   1 
ATOM   1233 O O   . THR A 1 160 ? 9.920   -5.265  -10.435 1.00 11.84 ? 201 THR X O   1 
ATOM   1234 C CB  . THR A 1 160 ? 11.275  -2.426  -10.200 1.00 11.72 ? 201 THR X CB  1 
ATOM   1235 O OG1 . THR A 1 160 ? 12.017  -2.513  -8.981  1.00 13.44 ? 201 THR X OG1 1 
ATOM   1236 C CG2 . THR A 1 160 ? 11.296  -0.993  -10.721 1.00 13.41 ? 201 THR X CG2 1 
ATOM   1237 N N   . ASP A 1 161 ? 9.815   -4.657  -8.272  1.00 10.74 ? 202 ASP X N   1 
ATOM   1238 C CA  . ASP A 1 161 ? 9.729   -6.022  -7.783  1.00 10.50 ? 202 ASP X CA  1 
ATOM   1239 C C   . ASP A 1 161 ? 9.060   -5.962  -6.421  1.00 8.96  ? 202 ASP X C   1 
ATOM   1240 O O   . ASP A 1 161 ? 9.045   -4.925  -5.773  1.00 9.02  ? 202 ASP X O   1 
ATOM   1241 C CB  . ASP A 1 161 ? 11.112  -6.686  -7.658  1.00 11.39 ? 202 ASP X CB  1 
ATOM   1242 C CG  . ASP A 1 161 ? 11.021  -8.193  -7.428  1.00 14.73 ? 202 ASP X CG  1 
ATOM   1243 O OD1 . ASP A 1 161 ? 11.893  -8.738  -6.704  1.00 20.25 ? 202 ASP X OD1 1 
ATOM   1244 O OD2 . ASP A 1 161 ? 10.078  -8.837  -7.953  1.00 16.35 ? 202 ASP X OD2 1 
ATOM   1245 N N   . CYS A 1 162 ? 8.500   -7.082  -6.010  1.00 8.23  ? 203 CYS X N   1 
ATOM   1246 C CA  . CYS A 1 162 ? 7.857   -7.198  -4.715  1.00 7.73  ? 203 CYS X CA  1 
ATOM   1247 C C   . CYS A 1 162 ? 7.696   -8.670  -4.410  1.00 7.25  ? 203 CYS X C   1 
ATOM   1248 O O   . CYS A 1 162 ? 7.813   -9.520  -5.291  1.00 7.88  ? 203 CYS X O   1 
ATOM   1249 C CB  . CYS A 1 162 ? 6.498   -6.473  -4.708  1.00 7.35  ? 203 CYS X CB  1 
ATOM   1250 S SG  . CYS A 1 162 ? 5.390   -6.857  -6.110  1.00 7.73  ? 203 CYS X SG  1 
ATOM   1251 N N   . GLY A 1 163 ? 7.455   -8.979  -3.151  1.00 6.43  ? 204 GLY X N   1 
ATOM   1252 C CA  . GLY A 1 163 ? 7.367   -10.359 -2.752  1.00 6.57  ? 204 GLY X CA  1 
ATOM   1253 C C   . GLY A 1 163 ? 7.325   -10.533 -1.263  1.00 6.52  ? 204 GLY X C   1 
ATOM   1254 O O   . GLY A 1 163 ? 7.095   -9.585  -0.535  1.00 6.56  ? 204 GLY X O   1 
ATOM   1255 N N   . GLN A 1 164 ? 7.534   -11.768 -0.825  1.00 6.34  ? 205 GLN X N   1 
ATOM   1256 C CA  . GLN A 1 164 ? 7.429   -12.120 0.583   1.00 6.77  ? 205 GLN X CA  1 
ATOM   1257 C C   . GLN A 1 164 ? 8.795   -12.504 1.131   1.00 7.16  ? 205 GLN X C   1 
ATOM   1258 O O   . GLN A 1 164 ? 9.502   -13.323 0.544   1.00 8.61  ? 205 GLN X O   1 
ATOM   1259 C CB  . GLN A 1 164 ? 6.438   -13.269 0.770   1.00 6.86  ? 205 GLN X CB  1 
ATOM   1260 C CG  . GLN A 1 164 ? 6.260   -13.640 2.228   1.00 6.61  ? 205 GLN X CG  1 
ATOM   1261 C CD  . GLN A 1 164 ? 5.068   -14.535 2.469   1.00 6.48  ? 205 GLN X CD  1 
ATOM   1262 O OE1 . GLN A 1 164 ? 4.478   -15.067 1.523   1.00 7.17  ? 205 GLN X OE1 1 
ATOM   1263 N NE2 . GLN A 1 164 ? 4.719   -14.724 3.731   1.00 6.06  ? 205 GLN X NE2 1 
ATOM   1264 N N   . LEU A 1 165 ? 9.164   -11.895 2.257   1.00 6.93  ? 206 LEU X N   1 
ATOM   1265 C CA  . LEU A 1 165 ? 10.435  -12.203 2.927   1.00 7.29  ? 206 LEU X CA  1 
ATOM   1266 C C   . LEU A 1 165 ? 10.303  -13.322 3.952   1.00 7.03  ? 206 LEU X C   1 
ATOM   1267 O O   . LEU A 1 165 ? 11.247  -14.085 4.167   1.00 7.13  ? 206 LEU X O   1 
ATOM   1268 C CB  . LEU A 1 165 ? 10.979  -10.964 3.631   1.00 7.53  ? 206 LEU X CB  1 
ATOM   1269 C CG  . LEU A 1 165 ? 11.401  -9.818  2.709   1.00 7.83  ? 206 LEU X CG  1 
ATOM   1270 C CD1 . LEU A 1 165 ? 11.849  -8.626  3.556   1.00 8.99  ? 206 LEU X CD1 1 
ATOM   1271 C CD2 . LEU A 1 165 ? 12.486  -10.222 1.709   1.00 8.98  ? 206 LEU X CD2 1 
ATOM   1272 N N   . SER A 1 166 ? 9.153   -13.390 4.612   1.00 6.64  ? 207 SER X N   1 
ATOM   1273 C CA  . SER A 1 166 ? 8.870   -14.431 5.601   1.00 6.92  ? 207 SER X CA  1 
ATOM   1274 C C   . SER A 1 166 ? 7.391   -14.478 5.916   1.00 6.93  ? 207 SER X C   1 
ATOM   1275 O O   . SER A 1 166 ? 6.949   -15.431 6.564   1.00 7.76  ? 207 SER X O   1 
ATOM   1276 C CB  . SER A 1 166 ? 9.661   -14.214 6.892   1.00 7.15  ? 207 SER X CB  1 
ATOM   1277 O OG  . SER A 1 166 ? 9.318   -12.988 7.522   1.00 6.76  ? 207 SER X OG  1 
ATOM   1278 O OXT . SER A 1 166 ? 6.679   -13.556 5.528   1.00 5.59  ? 207 SER X OXT 1 
HETATM 1279 O OAA A 1FP B 2 .   ? -11.341 4.538   -5.773  0.80 17.30 ? 208 1FP X OAA 1 
HETATM 1280 C CAB A 1FP B 2 .   ? -11.522 3.491   -6.395  0.80 17.45 ? 208 1FP X CAB 1 
HETATM 1281 C CAC A 1FP B 2 .   ? -10.840 0.965   -3.900  0.80 16.25 ? 208 1FP X CAC 1 
HETATM 1282 C CAD A 1FP B 2 .   ? -11.850 -0.033  -5.835  0.80 16.92 ? 208 1FP X CAD 1 
HETATM 1283 C CAE A 1FP B 2 .   ? -10.349 2.200   -4.655  0.80 16.65 ? 208 1FP X CAE 1 
HETATM 1284 C CAF A 1FP B 2 .   ? -11.347 1.085   -6.747  0.80 15.91 ? 208 1FP X CAF 1 
HETATM 1285 N NAG A 1FP B 2 .   ? -10.853 -0.215  -4.768  0.80 14.70 ? 208 1FP X NAG 1 
HETATM 1286 N NAH A 1FP B 2 .   ? -11.091 2.308   -5.943  0.80 16.76 ? 208 1FP X NAH 1 
HETATM 1287 O OAA . 1FP C 2 .   ? -6.383  8.094   -6.528  0.50 16.98 ? 209 1FP X OAA 1 
HETATM 1288 C CAB . 1FP C 2 .   ? -6.924  7.078   -6.114  0.50 17.39 ? 209 1FP X CAB 1 
HETATM 1289 C CAC . 1FP C 2 .   ? -9.507  8.212   -3.795  0.70 16.12 ? 209 1FP X CAC 1 
HETATM 1290 C CAD . 1FP C 2 .   ? -8.876  5.834   -3.576  0.70 16.07 ? 209 1FP X CAD 1 
HETATM 1291 C CAE . 1FP C 2 .   ? -8.965  8.232   -5.237  0.70 17.00 ? 209 1FP X CAE 1 
HETATM 1292 C CAF . 1FP C 2 .   ? -8.578  5.721   -5.068  0.70 15.68 ? 209 1FP X CAF 1 
HETATM 1293 N NAG . 1FP C 2 .   ? -9.912  6.861   -3.345  0.70 17.07 ? 209 1FP X NAG 1 
HETATM 1294 N NAH . 1FP C 2 .   ? -8.116  7.038   -5.513  0.70 16.57 ? 209 1FP X NAH 1 
HETATM 1295 O OAA . 1FP D 2 .   ? -8.651  5.880   -0.347  0.80 7.74  ? 210 1FP X OAA 1 
HETATM 1296 C CAB . 1FP D 2 .   ? -7.601  6.376   0.047   0.80 14.73 ? 210 1FP X CAB 1 
HETATM 1297 C CAC A 1FP D 2 .   ? -8.924  9.237   1.731   0.40 17.33 ? 210 1FP X CAC 1 
HETATM 1298 C CAC B 1FP D 2 .   ? -8.844  9.319   1.672   0.40 17.62 ? 210 1FP X CAC 1 
HETATM 1299 C CAD A 1FP D 2 .   ? -6.571  8.882   2.253   0.40 16.60 ? 210 1FP X CAD 1 
HETATM 1300 C CAD B 1FP D 2 .   ? -6.565  9.804   0.843   0.40 17.24 ? 210 1FP X CAD 1 
HETATM 1301 C CAE . 1FP D 2 .   ? -8.807  8.451   0.415   0.80 17.36 ? 210 1FP X CAE 1 
HETATM 1302 C CAF A 1FP D 2 .   ? -6.312  8.227   0.908   0.40 17.08 ? 210 1FP X CAF 1 
HETATM 1303 C CAF B 1FP D 2 .   ? -6.348  8.290   0.921   0.40 17.40 ? 210 1FP X CAF 1 
HETATM 1304 N NAG A 1FP D 2 .   ? -7.644  9.873   2.098   0.40 17.04 ? 210 1FP X NAG 1 
HETATM 1305 N NAG B 1FP D 2 .   ? -7.677  10.221  1.720   0.40 17.59 ? 210 1FP X NAG 1 
HETATM 1306 N NAH . 1FP D 2 .   ? -7.582  7.645   0.441   0.80 16.14 ? 210 1FP X NAH 1 
HETATM 1307 O OAA A 1FP E 2 .   ? 0.484   17.672  7.300   0.40 25.19 ? 211 1FP X OAA 1 
HETATM 1308 O OAA B 1FP E 2 .   ? -3.430  16.752  1.633   0.40 20.10 ? 211 1FP X OAA 1 
HETATM 1309 C CAB A 1FP E 2 .   ? -0.688  17.298  7.261   0.40 24.09 ? 211 1FP X CAB 1 
HETATM 1310 C CAB B 1FP E 2 .   ? -3.560  16.399  2.802   0.40 19.94 ? 211 1FP X CAB 1 
HETATM 1311 C CAC A 1FP E 2 .   ? -3.213  16.572  4.822   0.40 23.58 ? 211 1FP X CAC 1 
HETATM 1312 C CAC B 1FP E 2 .   ? -1.290  18.666  4.461   0.40 20.01 ? 211 1FP X CAC 1 
HETATM 1313 C CAD A 1FP E 2 .   ? -1.400  17.736  3.756   0.40 23.72 ? 211 1FP X CAD 1 
HETATM 1314 C CAD B 1FP E 2 .   ? -2.600  17.471  6.090   0.40 19.93 ? 211 1FP X CAD 1 
HETATM 1315 C CAE A 1FP E 2 .   ? -2.869  17.134  6.202   0.40 23.91 ? 211 1FP X CAE 1 
HETATM 1316 C CAE B 1FP E 2 .   ? -1.530  17.613  3.377   0.40 19.84 ? 211 1FP X CAE 1 
HETATM 1317 C CAF A 1FP E 2 .   ? -0.918  18.354  5.072   0.40 23.91 ? 211 1FP X CAF 1 
HETATM 1318 C CAF B 1FP E 2 .   ? -2.897  16.319  5.128   0.40 19.77 ? 211 1FP X CAF 1 
HETATM 1319 N NAG A 1FP E 2 .   ? -2.858  17.556  3.789   0.40 23.69 ? 211 1FP X NAG 1 
HETATM 1320 N NAG B 1FP E 2 .   ? -1.276  18.033  5.789   0.40 20.07 ? 211 1FP X NAG 1 
HETATM 1321 N NAH A 1FP E 2 .   ? -1.459  17.585  6.217   0.40 23.95 ? 211 1FP X NAH 1 
HETATM 1322 N NAH B 1FP E 2 .   ? -2.693  16.771  3.734   0.40 20.18 ? 211 1FP X NAH 1 
HETATM 1323 O OAA A 1FP F 2 .   ? 1.434   -2.832  15.674  0.60 15.07 ? 212 1FP X OAA 1 
HETATM 1324 C CAB A 1FP F 2 .   ? 0.580   -3.383  16.372  0.60 15.23 ? 212 1FP X CAB 1 
HETATM 1325 C CAC A 1FP F 2 .   ? 0.988   -6.932  15.554  0.60 14.00 ? 212 1FP X CAC 1 
HETATM 1326 C CAD A 1FP F 2 .   ? -0.868  -6.710  17.020  0.60 13.04 ? 212 1FP X CAD 1 
HETATM 1327 C CAE A 1FP F 2 .   ? 1.582   -5.575  15.915  0.60 14.64 ? 212 1FP X CAE 1 
HETATM 1328 C CAF A 1FP F 2 .   ? -0.493  -5.287  17.436  0.60 13.35 ? 212 1FP X CAF 1 
HETATM 1329 N NAG A 1FP F 2 .   ? 0.365   -7.470  16.760  0.60 12.84 ? 212 1FP X NAG 1 
HETATM 1330 N NAH A 1FP F 2 .   ? 0.556   -4.707  16.546  0.60 14.65 ? 212 1FP X NAH 1 
HETATM 1331 O O   . HOH G 3 .   ? -9.163  2.545   11.015  1.00 8.70  ? 2   HOH X O   1 
HETATM 1332 O O   . HOH G 3 .   ? 15.674  -2.530  -9.124  0.30 17.36 ? 3   HOH X O   1 
HETATM 1333 O O   . HOH G 3 .   ? 10.606  -12.897 -3.718  0.56 17.62 ? 4   HOH X O   1 
HETATM 1334 O O   . HOH G 3 .   ? 17.514  7.372   -4.056  0.30 15.25 ? 5   HOH X O   1 
HETATM 1335 O O   . HOH G 3 .   ? 21.966  2.639   -7.136  1.00 17.32 ? 6   HOH X O   1 
HETATM 1336 O O   . HOH G 3 .   ? 18.947  0.135   -4.298  0.90 22.17 ? 7   HOH X O   1 
HETATM 1337 O O   A HOH G 3 .   ? 14.120  -7.581  -6.261  0.60 25.99 ? 8   HOH X O   1 
HETATM 1338 O O   B HOH G 3 .   ? 14.635  -6.176  -6.915  0.40 19.45 ? 8   HOH X O   1 
HETATM 1339 O O   . HOH G 3 .   ? 17.036  -1.642  -5.010  0.89 24.79 ? 9   HOH X O   1 
HETATM 1340 O O   . HOH G 3 .   ? 17.496  -1.897  -0.664  0.87 25.65 ? 10  HOH X O   1 
HETATM 1341 O O   . HOH G 3 .   ? -20.460 6.308   3.511   0.86 29.03 ? 11  HOH X O   1 
HETATM 1342 O O   . HOH G 3 .   ? 13.901  -0.784  -8.024  1.00 20.79 ? 12  HOH X O   1 
HETATM 1343 O O   . HOH G 3 .   ? 11.063  1.838   -13.333 0.94 15.63 ? 13  HOH X O   1 
HETATM 1344 O O   . HOH G 3 .   ? -6.007  -16.129 10.730  0.91 25.13 ? 14  HOH X O   1 
HETATM 1345 O O   . HOH G 3 .   ? 8.486   11.096  -15.513 0.91 27.01 ? 15  HOH X O   1 
HETATM 1346 O O   . HOH G 3 .   ? 16.808  6.240   -15.517 0.97 23.61 ? 16  HOH X O   1 
HETATM 1347 O O   . HOH G 3 .   ? -4.412  -15.988 8.177   0.50 21.06 ? 17  HOH X O   1 
HETATM 1348 O O   . HOH G 3 .   ? 8.462   -17.516 7.576   0.92 21.46 ? 18  HOH X O   1 
HETATM 1349 O O   . HOH G 3 .   ? 0.360   -15.605 6.206   1.00 19.76 ? 19  HOH X O   1 
HETATM 1350 O O   . HOH G 3 .   ? -14.661 2.221   14.612  0.30 18.42 ? 20  HOH X O   1 
HETATM 1351 O O   . HOH G 3 .   ? 17.917  6.804   -7.169  0.30 15.58 ? 21  HOH X O   1 
HETATM 1352 O O   . HOH G 3 .   ? 19.762  2.773   -5.132  1.00 21.44 ? 22  HOH X O   1 
HETATM 1353 O O   . HOH G 3 .   ? 14.907  -0.250  -5.571  0.96 14.78 ? 23  HOH X O   1 
HETATM 1354 O O   . HOH G 3 .   ? 15.051  -7.305  2.687   0.98 20.63 ? 24  HOH X O   1 
HETATM 1355 O O   . HOH G 3 .   ? 16.682  0.149   0.652   0.95 17.18 ? 25  HOH X O   1 
HETATM 1356 O O   . HOH G 3 .   ? -9.050  -8.952  14.991  0.92 15.53 ? 27  HOH X O   1 
HETATM 1357 O O   . HOH G 3 .   ? -8.821  8.910   -16.771 0.97 12.67 ? 28  HOH X O   1 
HETATM 1358 O O   . HOH G 3 .   ? 3.031   5.579   17.702  0.40 24.51 ? 29  HOH X O   1 
HETATM 1359 O O   . HOH G 3 .   ? -3.619  -13.758 6.842   0.99 11.02 ? 30  HOH X O   1 
HETATM 1360 O O   . HOH G 3 .   ? -9.807  -15.248 7.700   0.40 21.73 ? 31  HOH X O   1 
HETATM 1361 O O   . HOH G 3 .   ? -5.237  -5.977  1.347   0.98 6.23  ? 32  HOH X O   1 
HETATM 1362 O O   . HOH G 3 .   ? -10.643 -4.955  4.943   0.97 5.37  ? 33  HOH X O   1 
HETATM 1363 O O   . HOH G 3 .   ? -1.493  -17.951 3.294   0.92 36.23 ? 34  HOH X O   1 
HETATM 1364 O O   . HOH G 3 .   ? -1.423  -13.833 5.184   0.95 9.49  ? 35  HOH X O   1 
HETATM 1365 O O   . HOH G 3 .   ? -4.932  -16.933 -0.660  0.92 18.14 ? 36  HOH X O   1 
HETATM 1366 O O   . HOH G 3 .   ? -14.051 -10.082 9.268   0.50 25.45 ? 37  HOH X O   1 
HETATM 1367 O O   . HOH G 3 .   ? -3.819  2.936   18.635  0.94 19.05 ? 38  HOH X O   1 
HETATM 1368 O O   . HOH G 3 .   ? -13.413 6.109   14.546  0.30 17.75 ? 39  HOH X O   1 
HETATM 1369 O O   . HOH G 3 .   ? 3.200   -8.959  -7.934  0.98 9.32  ? 40  HOH X O   1 
HETATM 1370 O O   . HOH G 3 .   ? 5.856   -10.408 -7.657  0.97 19.58 ? 41  HOH X O   1 
HETATM 1371 O O   . HOH G 3 .   ? -19.818 2.105   -0.023  0.95 12.92 ? 160 HOH X O   1 
HETATM 1372 O O   A HOH G 3 .   ? -7.736  -16.766 -1.140  0.50 26.97 ? 213 HOH X O   1 
HETATM 1373 O O   B HOH G 3 .   ? -8.757  -16.251 -2.639  0.50 25.62 ? 213 HOH X O   1 
HETATM 1374 O O   . HOH G 3 .   ? -1.425  19.294  0.605   0.30 18.40 ? 214 HOH X O   1 
HETATM 1375 O O   A HOH G 3 .   ? 0.708   -15.418 9.122   0.30 14.27 ? 215 HOH X O   1 
HETATM 1376 O O   B HOH G 3 .   ? 2.142   -15.664 8.271   0.30 12.95 ? 215 HOH X O   1 
HETATM 1377 O O   . HOH G 3 .   ? -11.052 -14.050 10.403  0.81 26.46 ? 216 HOH X O   1 
HETATM 1378 O O   . HOH G 3 .   ? -6.955  -15.483 5.740   0.60 32.83 ? 217 HOH X O   1 
HETATM 1379 O O   . HOH G 3 .   ? -14.108 7.844   -3.764  0.89 21.08 ? 218 HOH X O   1 
HETATM 1380 O O   . HOH G 3 .   ? 4.330   -16.332 -6.996  0.90 20.41 ? 219 HOH X O   1 
HETATM 1381 O O   . HOH G 3 .   ? 19.653  2.536   -0.811  0.50 30.57 ? 220 HOH X O   1 
HETATM 1382 O O   . HOH G 3 .   ? -18.300 2.896   -4.224  0.60 27.62 ? 221 HOH X O   1 
HETATM 1383 O O   . HOH G 3 .   ? 2.797   -11.039 16.096  0.40 24.28 ? 222 HOH X O   1 
HETATM 1384 O O   . HOH G 3 .   ? 13.809  -11.667 -3.465  0.30 23.56 ? 223 HOH X O   1 
HETATM 1385 O O   . HOH G 3 .   ? 11.508  -13.929 -5.845  0.30 15.58 ? 224 HOH X O   1 
HETATM 1386 O O   . HOH G 3 .   ? 18.400  -5.207  -3.619  0.40 30.08 ? 225 HOH X O   1 
HETATM 1387 O O   . HOH G 3 .   ? -21.723 0.707   5.938   0.40 24.49 ? 226 HOH X O   1 
HETATM 1388 O O   A HOH G 3 .   ? -12.550 -12.545 2.028   0.60 10.83 ? 227 HOH X O   1 
HETATM 1389 O O   . HOH G 3 .   ? 2.543   -20.826 -3.468  1.00 34.77 ? 228 HOH X O   1 
HETATM 1390 O O   . HOH G 3 .   ? -2.680  -19.164 -11.247 0.30 20.15 ? 229 HOH X O   1 
HETATM 1391 O O   . HOH G 3 .   ? -1.689  -21.275 -11.077 0.50 33.94 ? 230 HOH X O   1 
HETATM 1392 O O   . HOH G 3 .   ? -12.953 -15.782 -1.093  0.50 23.20 ? 231 HOH X O   1 
HETATM 1393 O O   . HOH G 3 .   ? -11.117 -16.999 0.230   0.64 29.60 ? 232 HOH X O   1 
HETATM 1394 O O   . HOH G 3 .   ? 4.239   0.576   14.573  0.40 24.49 ? 233 HOH X O   1 
HETATM 1395 O O   A HOH G 3 .   ? -10.823 9.627   14.539  0.30 16.35 ? 234 HOH X O   1 
HETATM 1396 O O   B HOH G 3 .   ? -11.609 9.242   12.605  0.30 18.89 ? 234 HOH X O   1 
HETATM 1397 O O   . HOH G 3 .   ? 19.033  4.355   5.453   0.30 19.89 ? 235 HOH X O   1 
HETATM 1398 O O   . HOH G 3 .   ? 5.646   19.927  0.024   0.30 20.99 ? 236 HOH X O   1 
HETATM 1399 O O   A HOH G 3 .   ? 2.731   16.428  -13.176 0.50 26.78 ? 237 HOH X O   1 
HETATM 1400 O O   B HOH G 3 .   ? 4.019   17.052  -12.228 0.50 28.91 ? 237 HOH X O   1 
HETATM 1401 O O   . HOH G 3 .   ? 11.140  15.774  -9.438  0.30 15.91 ? 238 HOH X O   1 
HETATM 1402 O O   B HOH G 3 .   ? -11.782 -1.705  -5.854  0.20 9.94  ? 239 HOH X O   1 
HETATM 1403 O O   B HOH G 3 .   ? -12.578 0.695   -7.170  0.20 12.10 ? 240 HOH X O   1 
HETATM 1404 O O   . HOH G 3 .   ? -13.765 1.956   -10.798 0.20 15.57 ? 241 HOH X O   1 
HETATM 1405 O O   . HOH G 3 .   ? -13.706 -0.204  -13.104 0.30 14.08 ? 242 HOH X O   1 
HETATM 1406 O O   B HOH G 3 .   ? -0.304  -2.659  17.025  0.40 8.66  ? 243 HOH X O   1 
HETATM 1407 O O   B HOH G 3 .   ? 2.947   -6.552  15.207  0.40 18.61 ? 244 HOH X O   1 
HETATM 1408 O O   A HOH G 3 .   ? 1.991   -8.177  18.991  0.50 20.94 ? 245 HOH X O   1 
HETATM 1409 O O   B HOH G 3 .   ? 1.968   -9.362  19.754  0.50 23.87 ? 245 HOH X O   1 
HETATM 1410 O O   B HOH G 3 .   ? 1.267   -2.506  12.649  0.40 9.87  ? 246 HOH X O   1 
HETATM 1411 O O   A HOH G 3 .   ? -7.175  14.430  -0.620  0.50 25.75 ? 247 HOH X O   1 
HETATM 1412 O O   B HOH G 3 .   ? -6.100  15.216  0.362   0.50 33.65 ? 247 HOH X O   1 
HETATM 1413 O O   A HOH G 3 .   ? -7.959  11.644  -6.307  0.70 17.12 ? 248 HOH X O   1 
HETATM 1414 O O   B HOH G 3 .   ? -9.223  12.554  -4.906  0.30 24.52 ? 248 HOH X O   1 
HETATM 1415 O O   A HOH G 3 .   ? -18.995 -2.340  -4.263  0.60 13.97 ? 249 HOH X O   1 
HETATM 1416 O O   . HOH G 3 .   ? 8.810   -11.971 -11.622 0.30 21.47 ? 250 HOH X O   1 
HETATM 1417 O O   . HOH G 3 .   ? -1.552  -15.760 10.819  0.30 15.47 ? 251 HOH X O   1 
HETATM 1418 O O   . HOH G 3 .   ? 1.797   -12.305 -11.309 0.60 24.09 ? 252 HOH X O   1 
HETATM 1419 O O   . HOH G 3 .   ? 11.348  14.763  3.592   0.30 20.64 ? 253 HOH X O   1 
HETATM 1420 O O   . HOH G 3 .   ? -2.135  -18.915 -3.818  1.00 30.91 ? 254 HOH X O   1 
HETATM 1421 O O   . HOH G 3 .   ? 8.744   10.038  9.648   0.91 23.80 ? 255 HOH X O   1 
HETATM 1422 O O   . HOH G 3 .   ? -1.483  -12.877 -6.693  1.00 9.33  ? 256 HOH X O   1 
HETATM 1423 O O   . HOH G 3 .   ? 12.118  15.198  -12.386 1.00 31.34 ? 257 HOH X O   1 
HETATM 1424 O O   . HOH G 3 .   ? -0.784  -7.927  -12.488 0.98 18.80 ? 258 HOH X O   1 
HETATM 1425 O O   . HOH G 3 .   ? 2.224   -9.915  -10.302 0.90 32.59 ? 259 HOH X O   1 
HETATM 1426 O O   . HOH G 3 .   ? -17.610 5.763   7.073   0.98 24.73 ? 260 HOH X O   1 
HETATM 1427 O O   . HOH G 3 .   ? 2.277   -7.990  -12.082 0.85 29.00 ? 261 HOH X O   1 
HETATM 1428 O O   . HOH G 3 .   ? 11.591  -8.917  -13.448 0.30 22.28 ? 262 HOH X O   1 
HETATM 1429 O O   . HOH G 3 .   ? 6.452   -1.776  -15.217 0.97 37.35 ? 263 HOH X O   1 
HETATM 1430 O O   . HOH G 3 .   ? 1.084   -0.034  -7.353  0.97 10.31 ? 264 HOH X O   1 
HETATM 1431 O O   . HOH G 3 .   ? 17.671  -4.205  0.644   0.96 30.95 ? 265 HOH X O   1 
HETATM 1432 O O   . HOH G 3 .   ? -0.097  1.628   -11.285 1.00 9.56  ? 266 HOH X O   1 
HETATM 1433 O O   . HOH G 3 .   ? 0.441   5.966   -12.396 0.92 20.98 ? 267 HOH X O   1 
HETATM 1434 O O   . HOH G 3 .   ? -1.267  2.430   -8.708  0.99 8.49  ? 268 HOH X O   1 
HETATM 1435 O O   . HOH G 3 .   ? 17.271  9.488   2.008   0.93 15.45 ? 269 HOH X O   1 
HETATM 1436 O O   . HOH G 3 .   ? 4.275   7.706   -10.413 1.00 10.66 ? 270 HOH X O   1 
HETATM 1437 O O   . HOH G 3 .   ? 0.759   10.738  -10.520 0.97 19.53 ? 271 HOH X O   1 
HETATM 1438 O O   . HOH G 3 .   ? -3.315  11.155  -9.183  1.00 35.71 ? 272 HOH X O   1 
HETATM 1439 O O   . HOH G 3 .   ? -5.057  5.686   18.249  0.30 16.75 ? 273 HOH X O   1 
HETATM 1440 O O   . HOH G 3 .   ? 1.069   18.514  0.302   0.93 24.47 ? 274 HOH X O   1 
HETATM 1441 O O   . HOH G 3 .   ? 8.298   15.960  2.707   1.00 38.60 ? 275 HOH X O   1 
HETATM 1442 O O   . HOH G 3 .   ? 8.820   -2.499  -14.127 0.96 33.62 ? 276 HOH X O   1 
HETATM 1443 O O   . HOH G 3 .   ? 8.313   -16.817 2.974   0.70 30.44 ? 277 HOH X O   1 
HETATM 1444 O O   . HOH G 3 .   ? -0.834  -5.601  -13.741 0.30 14.75 ? 278 HOH X O   1 
HETATM 1445 O O   . HOH G 3 .   ? -10.162 -2.459  -13.117 0.97 23.81 ? 279 HOH X O   1 
HETATM 1446 O O   . HOH G 3 .   ? -8.632  -2.052  -17.550 0.30 18.28 ? 280 HOH X O   1 
HETATM 1447 O O   . HOH G 3 .   ? -5.186  9.396   -8.753  0.91 25.40 ? 281 HOH X O   1 
HETATM 1448 O O   . HOH G 3 .   ? -4.271  9.898   -11.405 1.00 36.51 ? 282 HOH X O   1 
HETATM 1449 O O   . HOH G 3 .   ? -5.252  -0.773  17.840  0.97 10.11 ? 283 HOH X O   1 
HETATM 1450 O O   . HOH G 3 .   ? -8.348  -1.199  -5.588  0.98 7.16  ? 284 HOH X O   1 
HETATM 1451 O O   A HOH G 3 .   ? -16.666 -3.688  -8.305  0.70 18.04 ? 285 HOH X O   1 
HETATM 1452 O O   B HOH G 3 .   ? -16.443 -4.033  -9.535  0.30 11.90 ? 285 HOH X O   1 
HETATM 1453 O O   . HOH G 3 .   ? -12.455 -9.491  -9.978  0.88 22.34 ? 286 HOH X O   1 
HETATM 1454 O O   . HOH G 3 .   ? -12.751 -8.306  5.029   1.00 11.27 ? 287 HOH X O   1 
HETATM 1455 O O   . HOH G 3 .   ? -17.499 -0.657  6.972   0.93 10.97 ? 288 HOH X O   1 
HETATM 1456 O O   . HOH G 3 .   ? -17.069 -3.089  9.497   1.00 35.80 ? 289 HOH X O   1 
HETATM 1457 O O   . HOH G 3 .   ? -16.529 -7.341  7.853   0.93 25.76 ? 290 HOH X O   1 
HETATM 1458 O O   . HOH G 3 .   ? -13.753 0.097   2.041   0.98 5.77  ? 291 HOH X O   1 
HETATM 1459 O O   . HOH G 3 .   ? -11.356 -11.356 10.095  0.87 18.98 ? 292 HOH X O   1 
HETATM 1460 O O   . HOH G 3 .   ? -12.174 -9.017  12.174  0.84 20.22 ? 293 HOH X O   1 
HETATM 1461 O O   . HOH G 3 .   ? -7.415  -2.992  11.635  1.00 6.26  ? 294 HOH X O   1 
HETATM 1462 O O   . HOH G 3 .   ? -14.125 -2.656  13.603  0.99 14.13 ? 295 HOH X O   1 
HETATM 1463 O O   . HOH G 3 .   ? -12.465 -2.689  15.756  0.97 35.74 ? 296 HOH X O   1 
HETATM 1464 O O   . HOH G 3 .   ? -10.308 -6.875  16.290  1.00 16.27 ? 297 HOH X O   1 
HETATM 1465 O O   . HOH G 3 .   ? -7.702  9.558   -8.135  0.94 20.98 ? 298 HOH X O   1 
HETATM 1466 O O   . HOH G 3 .   ? -8.108  -0.376  10.882  1.00 6.25  ? 299 HOH X O   1 
HETATM 1467 O O   . HOH G 3 .   ? -1.395  0.873   13.516  0.95 9.14  ? 300 HOH X O   1 
HETATM 1468 O O   . HOH G 3 .   ? -11.478 4.695   15.595  0.98 27.93 ? 301 HOH X O   1 
HETATM 1469 O O   . HOH G 3 .   ? -3.530  0.951   16.616  1.00 11.05 ? 302 HOH X O   1 
HETATM 1470 O O   . HOH G 3 .   ? -0.308  8.132   17.863  1.00 32.40 ? 303 HOH X O   1 
HETATM 1471 O O   . HOH G 3 .   ? 2.533   9.983   15.165  0.30 16.42 ? 304 HOH X O   1 
HETATM 1472 O O   . HOH G 3 .   ? -8.378  -0.819  -2.064  0.98 6.71  ? 305 HOH X O   1 
HETATM 1473 O O   . HOH G 3 .   ? -12.383 7.513   0.115   1.00 37.91 ? 306 HOH X O   1 
HETATM 1474 O O   . HOH G 3 .   ? -18.334 -5.051  6.562   1.00 25.42 ? 307 HOH X O   1 
HETATM 1475 O O   . HOH G 3 .   ? -20.023 -2.100  6.894   0.96 19.89 ? 308 HOH X O   1 
HETATM 1476 O O   . HOH G 3 .   ? -10.755 0.255   4.039   0.97 6.51  ? 309 HOH X O   1 
HETATM 1477 O O   . HOH G 3 .   ? 7.307   10.909  7.544   1.00 16.10 ? 310 HOH X O   1 
HETATM 1478 O O   . HOH G 3 .   ? -1.113  7.339   10.157  0.99 9.72  ? 311 HOH X O   1 
HETATM 1479 O O   . HOH G 3 .   ? -3.739  13.199  12.702  0.30 12.72 ? 312 HOH X O   1 
HETATM 1480 O O   . HOH G 3 .   ? 10.513  13.570  -13.799 1.00 18.08 ? 313 HOH X O   1 
HETATM 1481 O O   . HOH G 3 .   ? -7.518  14.957  16.116  0.70 22.49 ? 314 HOH X O   1 
HETATM 1482 O O   . HOH G 3 .   ? -8.493  12.318  3.598   1.00 17.57 ? 315 HOH X O   1 
HETATM 1483 O O   . HOH G 3 .   ? -4.965  7.601   15.136  0.99 13.03 ? 316 HOH X O   1 
HETATM 1484 O O   . HOH G 3 .   ? -16.413 3.363   7.580   0.97 13.75 ? 317 HOH X O   1 
HETATM 1485 O O   . HOH G 3 .   ? -16.354 3.189   11.766  0.88 20.66 ? 318 HOH X O   1 
HETATM 1486 O O   . HOH G 3 .   ? -15.041 2.359   5.339   0.95 10.53 ? 319 HOH X O   1 
HETATM 1487 O O   . HOH G 3 .   ? -12.087 8.386   3.338   0.98 25.03 ? 320 HOH X O   1 
HETATM 1488 O O   . HOH G 3 .   ? -13.538 -15.252 -3.403  0.77 20.00 ? 321 HOH X O   1 
HETATM 1489 O O   . HOH G 3 .   ? 17.903  -5.120  6.206   0.96 18.67 ? 322 HOH X O   1 
HETATM 1490 O O   . HOH G 3 .   ? -13.652 -10.199 3.357   0.95 13.24 ? 323 HOH X O   1 
HETATM 1491 O O   . HOH G 3 .   ? 15.375  -0.564  2.968   0.98 15.40 ? 324 HOH X O   1 
HETATM 1492 O O   . HOH G 3 .   ? 16.423  -4.971  3.190   1.00 35.72 ? 325 HOH X O   1 
HETATM 1493 O O   . HOH G 3 .   ? 14.656  9.911   2.229   1.00 22.30 ? 326 HOH X O   1 
HETATM 1494 O O   . HOH G 3 .   ? 17.683  6.903   0.996   0.88 33.46 ? 327 HOH X O   1 
HETATM 1495 O O   . HOH G 3 .   ? 13.763  12.304  1.075   0.40 22.65 ? 328 HOH X O   1 
HETATM 1496 O O   . HOH G 3 .   ? 9.633   13.724  1.909   0.97 27.58 ? 329 HOH X O   1 
HETATM 1497 O O   . HOH G 3 .   ? -0.141  20.122  -7.158  0.94 27.14 ? 330 HOH X O   1 
HETATM 1498 O O   . HOH G 3 .   ? 3.954   16.803  -9.560  0.70 28.33 ? 331 HOH X O   1 
HETATM 1499 O O   . HOH G 3 .   ? 4.454   10.859  -13.268 0.70 33.95 ? 332 HOH X O   1 
HETATM 1500 O O   . HOH G 3 .   ? 7.431   16.608  -6.556  0.69 21.19 ? 333 HOH X O   1 
HETATM 1501 O O   . HOH G 3 .   ? 14.761  11.546  -12.113 0.98 18.98 ? 334 HOH X O   1 
HETATM 1502 O O   . HOH G 3 .   ? 8.901   -4.923  -12.991 0.99 28.40 ? 335 HOH X O   1 
HETATM 1503 O O   . HOH G 3 .   ? 11.680  -13.471 -1.305  0.30 18.32 ? 336 HOH X O   1 
HETATM 1504 O O   . HOH G 3 .   ? 5.487   -16.821 -0.449  0.95 14.02 ? 337 HOH X O   1 
HETATM 1505 O O   . HOH G 3 .   ? 8.034   -13.674 -2.883  1.00 12.25 ? 338 HOH X O   1 
HETATM 1506 O O   . HOH G 3 .   ? 11.173  -16.929 3.935   0.92 23.27 ? 339 HOH X O   1 
HETATM 1507 O O   . HOH G 3 .   ? 4.426   -15.681 7.557   0.94 19.91 ? 340 HOH X O   1 
HETATM 1508 O O   . HOH G 3 .   ? -9.261  6.633   16.601  0.84 31.70 ? 341 HOH X O   1 
HETATM 1509 O O   A HOH G 3 .   ? -16.677 6.628   4.694   0.50 25.33 ? 342 HOH X O   1 
HETATM 1510 O O   B HOH G 3 .   ? -13.903 6.012   3.025   0.50 17.96 ? 342 HOH X O   1 
HETATM 1511 O O   . HOH G 3 .   ? 7.973   5.020   11.002  0.60 32.51 ? 343 HOH X O   1 
HETATM 1512 O O   . HOH G 3 .   ? 2.574   20.860  -4.666  0.96 33.50 ? 344 HOH X O   1 
HETATM 1513 O O   . HOH G 3 .   ? -3.461  18.205  -0.736  0.40 20.18 ? 345 HOH X O   1 
HETATM 1514 O O   . HOH G 3 .   ? 2.254   13.110  12.265  0.98 21.68 ? 346 HOH X O   1 
HETATM 1515 O O   A HOH G 3 .   ? -0.566  -1.081  11.756  0.60 7.93  ? 347 HOH X O   1 
HETATM 1516 O O   B HOH G 3 .   ? 0.200   -0.077  11.847  0.40 8.54  ? 347 HOH X O   1 
HETATM 1517 O O   . HOH G 3 .   ? -10.332 -10.670 -8.453  0.97 20.19 ? 348 HOH X O   1 
HETATM 1518 O O   . HOH G 3 .   ? 16.435  1.728   4.087   1.00 20.53 ? 349 HOH X O   1 
HETATM 1519 O O   . HOH G 3 .   ? 10.500  4.430   -12.880 0.98 13.66 ? 350 HOH X O   1 
HETATM 1520 O O   . HOH G 3 .   ? 2.399   -18.242 11.489  0.98 18.08 ? 351 HOH X O   1 
HETATM 1521 O O   . HOH G 3 .   ? -8.046  -15.137 3.471   0.98 32.63 ? 352 HOH X O   1 
HETATM 1522 O O   . HOH G 3 .   ? 0.187   -3.587  -13.853 0.81 20.45 ? 353 HOH X O   1 
HETATM 1523 O O   . HOH G 3 .   ? 4.237   -3.790  15.915  0.97 29.36 ? 354 HOH X O   1 
HETATM 1524 O O   A HOH G 3 .   ? -14.826 4.657   3.533   0.50 14.24 ? 355 HOH X O   1 
HETATM 1525 O O   B HOH G 3 .   ? -15.830 5.029   4.436   0.50 18.56 ? 355 HOH X O   1 
HETATM 1526 O O   . HOH G 3 .   ? -12.027 -14.999 3.654   0.94 28.15 ? 356 HOH X O   1 
HETATM 1527 O O   . HOH G 3 .   ? -0.232  -13.953 12.578  1.00 28.08 ? 357 HOH X O   1 
HETATM 1528 O O   . HOH G 3 .   ? 5.754   13.878  6.230   0.98 13.87 ? 358 HOH X O   1 
HETATM 1529 O O   . HOH G 3 .   ? 2.676   -16.415 4.971   0.93 17.75 ? 359 HOH X O   1 
HETATM 1530 O O   . HOH G 3 .   ? 7.361   -13.150 -5.587  1.00 29.81 ? 360 HOH X O   1 
HETATM 1531 O O   . HOH G 3 .   ? 4.427   -17.880 -4.556  1.00 32.38 ? 361 HOH X O   1 
HETATM 1532 O O   . HOH G 3 .   ? 17.388  2.989   0.649   1.00 34.59 ? 362 HOH X O   1 
HETATM 1533 O O   . HOH G 3 .   ? 21.032  3.229   -11.792 0.40 18.09 ? 363 HOH X O   1 
HETATM 1534 O O   . HOH G 3 .   ? 1.205   -4.923  -11.801 0.89 14.16 ? 364 HOH X O   1 
HETATM 1535 O O   . HOH G 3 .   ? 5.834   -0.997  15.887  1.00 40.75 ? 365 HOH X O   1 
HETATM 1536 O O   . HOH G 3 .   ? 14.550  -0.960  -13.405 1.00 35.96 ? 366 HOH X O   1 
HETATM 1537 O O   . HOH G 3 .   ? -1.548  14.879  11.841  0.60 35.26 ? 367 HOH X O   1 
HETATM 1538 O O   . HOH G 3 .   ? 5.705   1.636   -16.226 0.40 22.22 ? 368 HOH X O   1 
HETATM 1539 O O   . HOH G 3 .   ? 3.777   -17.884 -2.166  0.93 25.20 ? 369 HOH X O   1 
HETATM 1540 O O   . HOH G 3 .   ? -6.510  3.483   -17.580 0.60 26.73 ? 370 HOH X O   1 
HETATM 1541 O O   . HOH G 3 .   ? 6.150   -18.632 12.677  0.40 20.65 ? 371 HOH X O   1 
HETATM 1542 O O   . HOH G 3 .   ? 21.409  3.971   -9.397  0.98 34.10 ? 372 HOH X O   1 
HETATM 1543 O O   A HOH G 3 .   ? 3.104   1.503   -15.730 0.50 19.00 ? 373 HOH X O   1 
HETATM 1544 O O   B HOH G 3 .   ? 4.376   1.017   -15.332 0.50 22.80 ? 373 HOH X O   1 
HETATM 1545 O O   . HOH G 3 .   ? 12.327  2.470   8.206   1.00 21.20 ? 374 HOH X O   1 
HETATM 1546 O O   . HOH G 3 .   ? 15.209  1.837   6.983   0.98 18.77 ? 375 HOH X O   1 
HETATM 1547 O O   . HOH G 3 .   ? 6.522   2.388   10.619  0.82 19.00 ? 376 HOH X O   1 
HETATM 1548 O O   . HOH G 3 .   ? -6.981  9.336   -2.609  0.91 21.55 ? 377 HOH X O   1 
HETATM 1549 O O   . HOH G 3 .   ? 5.347   16.360  7.072   0.94 22.31 ? 378 HOH X O   1 
HETATM 1550 O O   . HOH G 3 .   ? 9.237   15.264  6.689   1.00 25.26 ? 379 HOH X O   1 
HETATM 1551 O O   . HOH G 3 .   ? 7.388   -7.674  11.515  0.30 9.98  ? 380 HOH X O   1 
HETATM 1552 O O   . HOH G 3 .   ? 14.763  4.650   6.966   0.93 27.74 ? 381 HOH X O   1 
HETATM 1553 O O   . HOH G 3 .   ? -11.539 -0.628  -14.275 0.75 26.77 ? 382 HOH X O   1 
HETATM 1554 O O   . HOH G 3 .   ? -1.189  21.484  2.245   1.00 32.11 ? 383 HOH X O   1 
HETATM 1555 O O   . HOH G 3 .   ? -15.207 3.014   -8.045  1.00 37.06 ? 384 HOH X O   1 
HETATM 1556 O O   A HOH G 3 .   ? -14.213 -2.146  -8.480  0.70 24.15 ? 385 HOH X O   1 
HETATM 1557 O O   B HOH G 3 .   ? -14.387 -1.897  -6.673  0.30 21.01 ? 385 HOH X O   1 
HETATM 1558 O O   . HOH G 3 .   ? 14.912  9.564   -10.118 0.60 23.59 ? 386 HOH X O   1 
HETATM 1559 O O   . HOH G 3 .   ? -5.701  7.948   -16.737 0.89 28.47 ? 387 HOH X O   1 
HETATM 1560 O O   . HOH G 3 .   ? -13.068 3.757   -9.262  0.60 21.57 ? 388 HOH X O   1 
HETATM 1561 O O   . HOH G 3 .   ? -12.317 11.447  7.262   0.30 18.83 ? 389 HOH X O   1 
HETATM 1562 O O   . HOH G 3 .   ? 9.086   7.372   10.602  0.85 28.62 ? 390 HOH X O   1 
HETATM 1563 O O   A HOH G 3 .   ? -17.450 -5.371  -6.090  0.50 14.77 ? 391 HOH X O   1 
HETATM 1564 O O   . HOH G 3 .   ? -0.759  -20.102 -6.577  0.40 20.48 ? 392 HOH X O   1 
HETATM 1565 O O   A HOH G 3 .   ? -12.456 -3.093  -7.601  0.30 18.30 ? 393 HOH X O   1 
HETATM 1566 O O   B HOH G 3 .   ? -12.035 -3.923  -8.490  0.50 16.21 ? 393 HOH X O   1 
HETATM 1567 O O   . HOH G 3 .   ? 19.551  10.234  -15.520 1.00 36.08 ? 394 HOH X O   1 
HETATM 1568 O O   . HOH G 3 .   ? 3.984   19.856  2.847   0.40 21.91 ? 395 HOH X O   1 
HETATM 1569 O O   . HOH G 3 .   ? -4.791  -7.535  -13.820 0.30 22.89 ? 396 HOH X O   1 
HETATM 1570 O O   A HOH G 3 .   ? 4.196   5.441   13.403  0.40 20.86 ? 397 HOH X O   1 
HETATM 1571 O O   B HOH G 3 .   ? 3.878   5.618   15.113  0.40 21.48 ? 397 HOH X O   1 
HETATM 1572 O O   . HOH G 3 .   ? 3.010   20.083  -0.549  0.50 23.21 ? 398 HOH X O   1 
HETATM 1573 O O   . HOH G 3 .   ? -17.561 7.226   9.538   0.70 31.21 ? 399 HOH X O   1 
HETATM 1574 O O   . HOH G 3 .   ? 2.383   -15.313 -11.149 0.30 18.66 ? 400 HOH X O   1 
HETATM 1575 O O   . HOH G 3 .   ? 12.406  15.537  -4.357  0.54 24.57 ? 401 HOH X O   1 
HETATM 1576 O O   A HOH G 3 .   ? 2.946   1.714   13.351  0.60 23.55 ? 402 HOH X O   1 
HETATM 1577 O O   B HOH G 3 .   ? 3.627   3.086   13.871  0.40 20.24 ? 402 HOH X O   1 
HETATM 1578 O O   A HOH G 3 .   ? -6.810  11.824  -0.657  0.60 21.12 ? 403 HOH X O   1 
HETATM 1579 O O   . HOH G 3 .   ? 7.243   -6.302  -14.438 1.00 37.14 ? 404 HOH X O   1 
HETATM 1580 O O   . HOH G 3 .   ? 14.125  -11.706 -1.558  0.30 23.84 ? 405 HOH X O   1 
HETATM 1581 O O   . HOH G 3 .   ? -7.398  -15.223 -6.320  0.30 16.71 ? 406 HOH X O   1 
# 
loop_
_pdbx_poly_seq_scheme.asym_id 
_pdbx_poly_seq_scheme.entity_id 
_pdbx_poly_seq_scheme.seq_id 
_pdbx_poly_seq_scheme.mon_id 
_pdbx_poly_seq_scheme.ndb_seq_num 
_pdbx_poly_seq_scheme.pdb_seq_num 
_pdbx_poly_seq_scheme.auth_seq_num 
_pdbx_poly_seq_scheme.pdb_mon_id 
_pdbx_poly_seq_scheme.auth_mon_id 
_pdbx_poly_seq_scheme.pdb_strand_id 
_pdbx_poly_seq_scheme.pdb_ins_code 
_pdbx_poly_seq_scheme.hetero 
A 1 1   MET 1   42  ?   ?   ?   X . n 
A 1 2   SER 2   43  ?   ?   ?   X . n 
A 1 3   GLY 3   44  44  GLY GLY X . n 
A 1 4   ASN 4   45  45  ASN ASN X . n 
A 1 5   PRO 5   46  46  PRO PRO X . n 
A 1 6   LEU 6   47  47  LEU LEU X . n 
A 1 7   VAL 7   48  48  VAL VAL X . n 
A 1 8   TYR 8   49  49  TYR TYR X . n 
A 1 9   LEU 9   50  50  LEU LEU X . n 
A 1 10  ASP 10  51  51  ASP ASP X . n 
A 1 11  VAL 11  52  52  VAL VAL X . n 
A 1 12  ASP 12  53  53  ASP ASP X . n 
A 1 13  ALA 13  54  54  ALA ALA X . n 
A 1 14  ASN 14  55  55  ASN ASN X . n 
A 1 15  GLY 15  56  56  GLY GLY X . n 
A 1 16  LYS 16  57  57  LYS LYS X . n 
A 1 17  PRO 17  58  58  PRO PRO X . n 
A 1 18  LEU 18  59  59  LEU LEU X . n 
A 1 19  GLY 19  60  60  GLY GLY X . n 
A 1 20  ARG 20  61  61  ARG ARG X . n 
A 1 21  VAL 21  62  62  VAL VAL X . n 
A 1 22  VAL 22  63  63  VAL VAL X . n 
A 1 23  LEU 23  64  64  LEU LEU X . n 
A 1 24  GLU 24  65  65  GLU GLU X . n 
A 1 25  LEU 25  66  66  LEU LEU X . n 
A 1 26  LYS 26  67  67  LYS LYS X . n 
A 1 27  ALA 27  68  68  ALA ALA X . n 
A 1 28  ASP 28  69  69  ASP ASP X . n 
A 1 29  VAL 29  70  70  VAL VAL X . n 
A 1 30  VAL 30  71  71  VAL VAL X . n 
A 1 31  PRO 31  72  72  PRO PRO X . n 
A 1 32  LYS 32  73  73  LYS LYS X . n 
A 1 33  THR 33  74  74  THR THR X . n 
A 1 34  ALA 34  75  75  ALA ALA X . n 
A 1 35  GLU 35  76  76  GLU GLU X . n 
A 1 36  ASN 36  77  77  ASN ASN X . n 
A 1 37  PHE 37  78  78  PHE PHE X . n 
A 1 38  ARG 38  79  79  ARG ARG X . n 
A 1 39  ALA 39  80  80  ALA ALA X . n 
A 1 40  LEU 40  81  81  LEU LEU X . n 
A 1 41  CYS 41  82  82  CYS CYS X . n 
A 1 42  THR 42  83  83  THR THR X . n 
A 1 43  GLY 43  84  84  GLY GLY X . n 
A 1 44  GLU 44  85  85  GLU GLU X . n 
A 1 45  LYS 45  86  86  LYS LYS X . n 
A 1 46  GLY 46  87  87  GLY GLY X . n 
A 1 47  PHE 47  88  88  PHE PHE X . n 
A 1 48  GLY 48  89  89  GLY GLY X . n 
A 1 49  TYR 49  90  90  TYR TYR X . n 
A 1 50  LYS 50  91  91  LYS LYS X . n 
A 1 51  GLY 51  92  92  GLY GLY X . n 
A 1 52  SER 52  93  93  SER SER X . n 
A 1 53  THR 53  94  94  THR THR X . n 
A 1 54  PHE 54  95  95  PHE PHE X . n 
A 1 55  HIS 55  96  96  HIS HIS X . n 
A 1 56  ARG 56  97  97  ARG ARG X . n 
A 1 57  VAL 57  98  98  VAL VAL X . n 
A 1 58  ILE 58  99  99  ILE ILE X . n 
A 1 59  PRO 59  100 100 PRO PRO X . n 
A 1 60  SER 60  101 101 SER SER X . n 
A 1 61  PHE 61  102 102 PHE PHE X . n 
A 1 62  MET 62  103 103 MET MET X . n 
A 1 63  CYS 63  104 104 CYS CYS X . n 
A 1 64  GLN 64  105 105 GLN GLN X . n 
A 1 65  ALA 65  106 106 ALA ALA X . n 
A 1 66  GLY 66  107 107 GLY GLY X . n 
A 1 67  ASP 67  108 108 ASP ASP X . n 
A 1 68  PHE 68  109 109 PHE PHE X . n 
A 1 69  THR 69  110 110 THR THR X . n 
A 1 70  ASN 70  111 111 ASN ASN X . n 
A 1 71  HIS 71  112 112 HIS HIS X . n 
A 1 72  ASN 72  113 113 ASN ASN X . n 
A 1 73  GLY 73  114 114 GLY GLY X . n 
A 1 74  THR 74  115 115 THR THR X . n 
A 1 75  GLY 75  116 116 GLY GLY X . n 
A 1 76  GLY 76  117 117 GLY GLY X . n 
A 1 77  LYS 77  118 118 LYS LYS X . n 
A 1 78  SER 78  119 119 SER SER X . n 
A 1 79  ILE 79  120 120 ILE ILE X . n 
A 1 80  TYR 80  121 121 TYR TYR X . n 
A 1 81  GLY 81  122 122 GLY GLY X . n 
A 1 82  SER 82  123 123 SER SER X . n 
A 1 83  ARG 83  124 124 ARG ARG X . n 
A 1 84  PHE 84  125 125 PHE PHE X . n 
A 1 85  PRO 85  126 126 PRO PRO X . n 
A 1 86  ASP 86  127 127 ASP ASP X . n 
A 1 87  GLU 87  128 128 GLU GLU X . n 
A 1 88  ASN 88  129 129 ASN ASN X . n 
A 1 89  PHE 89  130 130 PHE PHE X . n 
A 1 90  THR 90  131 131 THR THR X . n 
A 1 91  LEU 91  132 132 LEU LEU X . n 
A 1 92  LYS 92  133 133 LYS LYS X . n 
A 1 93  HIS 93  134 134 HIS HIS X . n 
A 1 94  VAL 94  135 135 VAL VAL X . n 
A 1 95  GLY 95  136 136 GLY GLY X . n 
A 1 96  PRO 96  137 137 PRO PRO X . n 
A 1 97  GLY 97  138 138 GLY GLY X . n 
A 1 98  VAL 98  139 139 VAL VAL X . n 
A 1 99  LEU 99  140 140 LEU LEU X . n 
A 1 100 SER 100 141 141 SER SER X . n 
A 1 101 MET 101 142 142 MET MET X . n 
A 1 102 ALA 102 143 143 ALA ALA X . n 
A 1 103 ASN 103 144 144 ASN ASN X . n 
A 1 104 ALA 104 145 145 ALA ALA X . n 
A 1 105 GLY 105 146 146 GLY GLY X . n 
A 1 106 PRO 106 147 147 PRO PRO X . n 
A 1 107 ASN 107 148 148 ASN ASN X . n 
A 1 108 THR 108 149 149 THR THR X . n 
A 1 109 ASN 109 150 150 ASN ASN X . n 
A 1 110 GLY 110 151 151 GLY GLY X . n 
A 1 111 SER 111 152 152 SER SER X . n 
A 1 112 GLN 112 153 153 GLN GLN X . n 
A 1 113 PHE 113 154 154 PHE PHE X . n 
A 1 114 PHE 114 155 155 PHE PHE X . n 
A 1 115 ILE 115 156 156 ILE ILE X . n 
A 1 116 CYS 116 157 157 CYS CYS X . n 
A 1 117 THR 117 158 158 THR THR X . n 
A 1 118 ILE 118 159 159 ILE ILE X . n 
A 1 119 LYS 119 1   1   LYS LYS X . n 
A 1 120 THR 120 161 161 THR THR X . n 
A 1 121 ASP 121 162 162 ASP ASP X . n 
A 1 122 TRP 122 163 163 TRP TRP X . n 
A 1 123 LEU 123 164 164 LEU LEU X . n 
A 1 124 ASP 124 165 165 ASP ASP X . n 
A 1 125 GLY 125 166 166 GLY GLY X . n 
A 1 126 LYS 126 167 167 LYS LYS X . n 
A 1 127 HIS 127 168 168 HIS HIS X . n 
A 1 128 VAL 128 169 169 VAL VAL X . n 
A 1 129 VAL 129 170 170 VAL VAL X . n 
A 1 130 PHE 130 171 171 PHE PHE X . n 
A 1 131 GLY 131 172 172 GLY GLY X . n 
A 1 132 HIS 132 173 173 HIS HIS X . n 
A 1 133 VAL 133 174 174 VAL VAL X . n 
A 1 134 ILE 134 175 175 ILE ILE X . n 
A 1 135 GLU 135 176 176 GLU GLU X . n 
A 1 136 GLY 136 177 177 GLY GLY X . n 
A 1 137 MET 137 178 178 MET MET X . n 
A 1 138 ASP 138 179 179 ASP ASP X . n 
A 1 139 VAL 139 180 180 VAL VAL X . n 
A 1 140 VAL 140 181 181 VAL VAL X . n 
A 1 141 LYS 141 182 182 LYS LYS X . n 
A 1 142 LYS 142 183 183 LYS LYS X . n 
A 1 143 ILE 143 184 184 ILE ILE X . n 
A 1 144 GLU 144 185 185 GLU GLU X . n 
A 1 145 SER 145 186 186 SER SER X . n 
A 1 146 PHE 146 187 187 PHE PHE X . n 
A 1 147 GLY 147 188 188 GLY GLY X . n 
A 1 148 SER 148 189 189 SER SER X . n 
A 1 149 LYS 149 190 190 LYS LYS X . n 
A 1 150 SER 150 191 191 SER SER X . n 
A 1 151 GLY 151 192 192 GLY GLY X . n 
A 1 152 ARG 152 193 193 ARG ARG X . n 
A 1 153 THR 153 194 194 THR THR X . n 
A 1 154 SER 154 195 195 SER SER X . n 
A 1 155 LYS 155 196 196 LYS LYS X . n 
A 1 156 LYS 156 197 197 LYS LYS X . n 
A 1 157 ILE 157 198 198 ILE ILE X . n 
A 1 158 VAL 158 199 199 VAL VAL X . n 
A 1 159 ILE 159 200 200 ILE ILE X . n 
A 1 160 THR 160 201 201 THR THR X . n 
A 1 161 ASP 161 202 202 ASP ASP X . n 
A 1 162 CYS 162 203 203 CYS CYS X . n 
A 1 163 GLY 163 204 204 GLY GLY X . n 
A 1 164 GLN 164 205 205 GLN GLN X . n 
A 1 165 LEU 165 206 206 LEU LEU X . n 
A 1 166 SER 166 207 207 SER SER X . n 
# 
loop_
_pdbx_nonpoly_scheme.asym_id 
_pdbx_nonpoly_scheme.entity_id 
_pdbx_nonpoly_scheme.mon_id 
_pdbx_nonpoly_scheme.ndb_seq_num 
_pdbx_nonpoly_scheme.pdb_seq_num 
_pdbx_nonpoly_scheme.auth_seq_num 
_pdbx_nonpoly_scheme.pdb_mon_id 
_pdbx_nonpoly_scheme.auth_mon_id 
_pdbx_nonpoly_scheme.pdb_strand_id 
_pdbx_nonpoly_scheme.pdb_ins_code 
B 2 1FP 1   208 1   1FP 1FP X . 
C 2 1FP 1   209 1   1FP 1FP X . 
D 2 1FP 1   210 1   1FP 1FP X . 
E 2 1FP 1   211 1   1FP 1FP X . 
F 2 1FP 1   212 1   1FP 1FP X . 
G 3 HOH 1   2   1   HOH HOH X . 
G 3 HOH 2   3   2   HOH HOH X . 
G 3 HOH 3   4   3   HOH HOH X . 
G 3 HOH 4   5   4   HOH HOH X . 
G 3 HOH 5   6   5   HOH HOH X . 
G 3 HOH 6   7   6   HOH HOH X . 
G 3 HOH 7   8   7   HOH HOH X . 
G 3 HOH 8   9   8   HOH HOH X . 
G 3 HOH 9   10  9   HOH HOH X . 
G 3 HOH 10  11  10  HOH HOH X . 
G 3 HOH 11  12  11  HOH HOH X . 
G 3 HOH 12  13  12  HOH HOH X . 
G 3 HOH 13  14  13  HOH HOH X . 
G 3 HOH 14  15  14  HOH HOH X . 
G 3 HOH 15  16  15  HOH HOH X . 
G 3 HOH 16  17  16  HOH HOH X . 
G 3 HOH 17  18  17  HOH HOH X . 
G 3 HOH 18  19  18  HOH HOH X . 
G 3 HOH 19  20  19  HOH HOH X . 
G 3 HOH 20  21  20  HOH HOH X . 
G 3 HOH 21  22  21  HOH HOH X . 
G 3 HOH 22  23  22  HOH HOH X . 
G 3 HOH 23  24  23  HOH HOH X . 
G 3 HOH 24  25  24  HOH HOH X . 
G 3 HOH 25  27  26  HOH HOH X . 
G 3 HOH 26  28  27  HOH HOH X . 
G 3 HOH 27  29  28  HOH HOH X . 
G 3 HOH 28  30  29  HOH HOH X . 
G 3 HOH 29  31  30  HOH HOH X . 
G 3 HOH 30  32  31  HOH HOH X . 
G 3 HOH 31  33  32  HOH HOH X . 
G 3 HOH 32  34  33  HOH HOH X . 
G 3 HOH 33  35  34  HOH HOH X . 
G 3 HOH 34  36  35  HOH HOH X . 
G 3 HOH 35  37  36  HOH HOH X . 
G 3 HOH 36  38  37  HOH HOH X . 
G 3 HOH 37  39  38  HOH HOH X . 
G 3 HOH 38  40  39  HOH HOH X . 
G 3 HOH 39  41  40  HOH HOH X . 
G 3 HOH 40  160 159 HOH HOH X . 
G 3 HOH 41  213 212 HOH HOH X . 
G 3 HOH 42  214 213 HOH HOH X . 
G 3 HOH 43  215 1   HOH HOH X . 
G 3 HOH 44  216 215 HOH HOH X . 
G 3 HOH 45  217 216 HOH HOH X . 
G 3 HOH 46  218 41  HOH HOH X . 
G 3 HOH 47  219 42  HOH HOH X . 
G 3 HOH 48  220 219 HOH HOH X . 
G 3 HOH 49  221 220 HOH HOH X . 
G 3 HOH 50  222 221 HOH HOH X . 
G 3 HOH 51  223 222 HOH HOH X . 
G 3 HOH 52  224 223 HOH HOH X . 
G 3 HOH 53  225 224 HOH HOH X . 
G 3 HOH 54  226 43  HOH HOH X . 
G 3 HOH 55  227 226 HOH HOH X . 
G 3 HOH 56  228 227 HOH HOH X . 
G 3 HOH 57  229 228 HOH HOH X . 
G 3 HOH 58  230 229 HOH HOH X . 
G 3 HOH 59  231 230 HOH HOH X . 
G 3 HOH 60  232 231 HOH HOH X . 
G 3 HOH 61  233 232 HOH HOH X . 
G 3 HOH 62  234 233 HOH HOH X . 
G 3 HOH 63  235 234 HOH HOH X . 
G 3 HOH 64  236 235 HOH HOH X . 
G 3 HOH 65  237 236 HOH HOH X . 
G 3 HOH 66  238 237 HOH HOH X . 
G 3 HOH 67  239 238 HOH HOH X . 
G 3 HOH 68  240 239 HOH HOH X . 
G 3 HOH 69  241 240 HOH HOH X . 
G 3 HOH 70  242 241 HOH HOH X . 
G 3 HOH 71  243 242 HOH HOH X . 
G 3 HOH 72  244 243 HOH HOH X . 
G 3 HOH 73  245 244 HOH HOH X . 
G 3 HOH 74  246 245 HOH HOH X . 
G 3 HOH 75  247 246 HOH HOH X . 
G 3 HOH 76  248 247 HOH HOH X . 
G 3 HOH 77  249 248 HOH HOH X . 
G 3 HOH 78  250 249 HOH HOH X . 
G 3 HOH 79  251 250 HOH HOH X . 
G 3 HOH 80  252 44  HOH HOH X . 
G 3 HOH 81  253 45  HOH HOH X . 
G 3 HOH 82  254 46  HOH HOH X . 
G 3 HOH 83  255 47  HOH HOH X . 
G 3 HOH 84  256 48  HOH HOH X . 
G 3 HOH 85  257 49  HOH HOH X . 
G 3 HOH 86  258 50  HOH HOH X . 
G 3 HOH 87  259 51  HOH HOH X . 
G 3 HOH 88  260 52  HOH HOH X . 
G 3 HOH 89  261 53  HOH HOH X . 
G 3 HOH 90  262 54  HOH HOH X . 
G 3 HOH 91  263 55  HOH HOH X . 
G 3 HOH 92  264 57  HOH HOH X . 
G 3 HOH 93  265 58  HOH HOH X . 
G 3 HOH 94  266 59  HOH HOH X . 
G 3 HOH 95  267 60  HOH HOH X . 
G 3 HOH 96  268 61  HOH HOH X . 
G 3 HOH 97  269 62  HOH HOH X . 
G 3 HOH 98  270 63  HOH HOH X . 
G 3 HOH 99  271 64  HOH HOH X . 
G 3 HOH 100 272 65  HOH HOH X . 
G 3 HOH 101 273 66  HOH HOH X . 
G 3 HOH 102 274 67  HOH HOH X . 
G 3 HOH 103 275 68  HOH HOH X . 
G 3 HOH 104 276 69  HOH HOH X . 
G 3 HOH 105 277 70  HOH HOH X . 
G 3 HOH 106 278 71  HOH HOH X . 
G 3 HOH 107 279 72  HOH HOH X . 
G 3 HOH 108 280 73  HOH HOH X . 
G 3 HOH 109 281 75  HOH HOH X . 
G 3 HOH 110 282 76  HOH HOH X . 
G 3 HOH 111 283 77  HOH HOH X . 
G 3 HOH 112 284 79  HOH HOH X . 
G 3 HOH 113 285 80  HOH HOH X . 
G 3 HOH 114 286 81  HOH HOH X . 
G 3 HOH 115 287 82  HOH HOH X . 
G 3 HOH 116 288 83  HOH HOH X . 
G 3 HOH 117 289 84  HOH HOH X . 
G 3 HOH 118 290 85  HOH HOH X . 
G 3 HOH 119 291 86  HOH HOH X . 
G 3 HOH 120 292 87  HOH HOH X . 
G 3 HOH 121 293 88  HOH HOH X . 
G 3 HOH 122 294 89  HOH HOH X . 
G 3 HOH 123 295 90  HOH HOH X . 
G 3 HOH 124 296 91  HOH HOH X . 
G 3 HOH 125 297 92  HOH HOH X . 
G 3 HOH 126 298 93  HOH HOH X . 
G 3 HOH 127 299 94  HOH HOH X . 
G 3 HOH 128 300 95  HOH HOH X . 
G 3 HOH 129 301 96  HOH HOH X . 
G 3 HOH 130 302 98  HOH HOH X . 
G 3 HOH 131 303 99  HOH HOH X . 
G 3 HOH 132 304 100 HOH HOH X . 
G 3 HOH 133 305 101 HOH HOH X . 
G 3 HOH 134 306 102 HOH HOH X . 
G 3 HOH 135 307 104 HOH HOH X . 
G 3 HOH 136 308 105 HOH HOH X . 
G 3 HOH 137 309 106 HOH HOH X . 
G 3 HOH 138 310 107 HOH HOH X . 
G 3 HOH 139 311 108 HOH HOH X . 
G 3 HOH 140 312 109 HOH HOH X . 
G 3 HOH 141 313 110 HOH HOH X . 
G 3 HOH 142 314 111 HOH HOH X . 
G 3 HOH 143 315 112 HOH HOH X . 
G 3 HOH 144 316 113 HOH HOH X . 
G 3 HOH 145 317 114 HOH HOH X . 
G 3 HOH 146 318 115 HOH HOH X . 
G 3 HOH 147 319 116 HOH HOH X . 
G 3 HOH 148 320 117 HOH HOH X . 
G 3 HOH 149 321 119 HOH HOH X . 
G 3 HOH 150 322 120 HOH HOH X . 
G 3 HOH 151 323 121 HOH HOH X . 
G 3 HOH 152 324 122 HOH HOH X . 
G 3 HOH 153 325 123 HOH HOH X . 
G 3 HOH 154 326 124 HOH HOH X . 
G 3 HOH 155 327 125 HOH HOH X . 
G 3 HOH 156 328 126 HOH HOH X . 
G 3 HOH 157 329 127 HOH HOH X . 
G 3 HOH 158 330 128 HOH HOH X . 
G 3 HOH 159 331 129 HOH HOH X . 
G 3 HOH 160 332 130 HOH HOH X . 
G 3 HOH 161 333 131 HOH HOH X . 
G 3 HOH 162 334 132 HOH HOH X . 
G 3 HOH 163 335 133 HOH HOH X . 
G 3 HOH 164 336 134 HOH HOH X . 
G 3 HOH 165 337 135 HOH HOH X . 
G 3 HOH 166 338 136 HOH HOH X . 
G 3 HOH 167 339 137 HOH HOH X . 
G 3 HOH 168 340 138 HOH HOH X . 
G 3 HOH 169 341 141 HOH HOH X . 
G 3 HOH 170 342 142 HOH HOH X . 
G 3 HOH 171 343 143 HOH HOH X . 
G 3 HOH 172 344 144 HOH HOH X . 
G 3 HOH 173 345 145 HOH HOH X . 
G 3 HOH 174 346 146 HOH HOH X . 
G 3 HOH 175 347 147 HOH HOH X . 
G 3 HOH 176 348 148 HOH HOH X . 
G 3 HOH 177 349 149 HOH HOH X . 
G 3 HOH 178 350 150 HOH HOH X . 
G 3 HOH 179 351 151 HOH HOH X . 
G 3 HOH 180 352 152 HOH HOH X . 
G 3 HOH 181 353 153 HOH HOH X . 
G 3 HOH 182 354 154 HOH HOH X . 
G 3 HOH 183 355 155 HOH HOH X . 
G 3 HOH 184 356 156 HOH HOH X . 
G 3 HOH 185 357 157 HOH HOH X . 
G 3 HOH 186 358 158 HOH HOH X . 
G 3 HOH 187 359 160 HOH HOH X . 
G 3 HOH 188 360 161 HOH HOH X . 
G 3 HOH 189 361 162 HOH HOH X . 
G 3 HOH 190 362 163 HOH HOH X . 
G 3 HOH 191 363 164 HOH HOH X . 
G 3 HOH 192 364 165 HOH HOH X . 
G 3 HOH 193 365 166 HOH HOH X . 
G 3 HOH 194 366 167 HOH HOH X . 
G 3 HOH 195 367 168 HOH HOH X . 
G 3 HOH 196 368 169 HOH HOH X . 
G 3 HOH 197 369 170 HOH HOH X . 
G 3 HOH 198 370 171 HOH HOH X . 
G 3 HOH 199 371 172 HOH HOH X . 
G 3 HOH 200 372 173 HOH HOH X . 
G 3 HOH 201 373 174 HOH HOH X . 
G 3 HOH 202 374 175 HOH HOH X . 
G 3 HOH 203 375 176 HOH HOH X . 
G 3 HOH 204 376 177 HOH HOH X . 
G 3 HOH 205 377 178 HOH HOH X . 
G 3 HOH 206 378 179 HOH HOH X . 
G 3 HOH 207 379 180 HOH HOH X . 
G 3 HOH 208 380 181 HOH HOH X . 
G 3 HOH 209 381 182 HOH HOH X . 
G 3 HOH 210 382 183 HOH HOH X . 
G 3 HOH 211 383 184 HOH HOH X . 
G 3 HOH 212 384 185 HOH HOH X . 
G 3 HOH 213 385 186 HOH HOH X . 
G 3 HOH 214 386 188 HOH HOH X . 
G 3 HOH 215 387 189 HOH HOH X . 
G 3 HOH 216 388 190 HOH HOH X . 
G 3 HOH 217 389 191 HOH HOH X . 
G 3 HOH 218 390 192 HOH HOH X . 
G 3 HOH 219 391 193 HOH HOH X . 
G 3 HOH 220 392 194 HOH HOH X . 
G 3 HOH 221 393 195 HOH HOH X . 
G 3 HOH 222 394 196 HOH HOH X . 
G 3 HOH 223 395 197 HOH HOH X . 
G 3 HOH 224 396 198 HOH HOH X . 
G 3 HOH 225 397 199 HOH HOH X . 
G 3 HOH 226 398 200 HOH HOH X . 
G 3 HOH 227 399 201 HOH HOH X . 
G 3 HOH 228 400 202 HOH HOH X . 
G 3 HOH 229 401 204 HOH HOH X . 
G 3 HOH 230 402 205 HOH HOH X . 
G 3 HOH 231 403 206 HOH HOH X . 
G 3 HOH 232 404 208 HOH HOH X . 
G 3 HOH 233 405 210 HOH HOH X . 
G 3 HOH 234 406 211 HOH HOH X . 
# 
_pdbx_struct_assembly.id                   1 
_pdbx_struct_assembly.details              author_and_software_defined_assembly 
_pdbx_struct_assembly.method_details       PISA 
_pdbx_struct_assembly.oligomeric_details   monomeric 
_pdbx_struct_assembly.oligomeric_count     1 
# 
_pdbx_struct_assembly_gen.assembly_id       1 
_pdbx_struct_assembly_gen.oper_expression   1 
_pdbx_struct_assembly_gen.asym_id_list      A,B,C,D,E,F,G 
# 
_pdbx_struct_oper_list.id                   1 
_pdbx_struct_oper_list.type                 'identity operation' 
_pdbx_struct_oper_list.name                 1_555 
_pdbx_struct_oper_list.symmetry_operation   x,y,z 
_pdbx_struct_oper_list.matrix[1][1]         1.0000000000 
_pdbx_struct_oper_list.matrix[1][2]         0.0000000000 
_pdbx_struct_oper_list.matrix[1][3]         0.0000000000 
_pdbx_struct_oper_list.vector[1]            0.0000000000 
_pdbx_struct_oper_list.matrix[2][1]         0.0000000000 
_pdbx_struct_oper_list.matrix[2][2]         1.0000000000 
_pdbx_struct_oper_list.matrix[2][3]         0.0000000000 
_pdbx_struct_oper_list.vector[2]            0.0000000000 
_pdbx_struct_oper_list.matrix[3][1]         0.0000000000 
_pdbx_struct_oper_list.matrix[3][2]         0.0000000000 
_pdbx_struct_oper_list.matrix[3][3]         1.0000000000 
_pdbx_struct_oper_list.vector[3]            0.0000000000 
# 
loop_
_pdbx_audit_revision_history.ordinal 
_pdbx_audit_revision_history.data_content_type 
_pdbx_audit_revision_history.major_revision 
_pdbx_audit_revision_history.minor_revision 
_pdbx_audit_revision_history.revision_date 
1 'Structure model' 1 0 2012-03-21 
2 'Structure model' 1 1 2016-10-19 
3 'Structure model' 1 2 2023-09-13 
# 
_pdbx_audit_revision_details.ordinal             1 
_pdbx_audit_revision_details.revision_ordinal    1 
_pdbx_audit_revision_details.data_content_type   'Structure model' 
_pdbx_audit_revision_details.provider            repository 
_pdbx_audit_revision_details.type                'Initial release' 
_pdbx_audit_revision_details.description         ? 
_pdbx_audit_revision_details.details             ? 
# 
loop_
_pdbx_audit_revision_group.ordinal 
_pdbx_audit_revision_group.revision_ordinal 
_pdbx_audit_revision_group.data_content_type 
_pdbx_audit_revision_group.group 
1 2 'Structure model' 'Database references'    
2 3 'Structure model' 'Data collection'        
3 3 'Structure model' 'Database references'    
4 3 'Structure model' 'Derived calculations'   
5 3 'Structure model' 'Refinement description' 
# 
loop_
_pdbx_audit_revision_category.ordinal 
_pdbx_audit_revision_category.revision_ordinal 
_pdbx_audit_revision_category.data_content_type 
_pdbx_audit_revision_category.category 
1 3 'Structure model' chem_comp_atom                
2 3 'Structure model' chem_comp_bond                
3 3 'Structure model' database_2                    
4 3 'Structure model' pdbx_initial_refinement_model 
5 3 'Structure model' struct_ref_seq_dif            
6 3 'Structure model' struct_site                   
# 
loop_
_pdbx_audit_revision_item.ordinal 
_pdbx_audit_revision_item.revision_ordinal 
_pdbx_audit_revision_item.data_content_type 
_pdbx_audit_revision_item.item 
1 3 'Structure model' '_database_2.pdbx_DOI'                
2 3 'Structure model' '_database_2.pdbx_database_accession' 
3 3 'Structure model' '_struct_ref_seq_dif.details'         
4 3 'Structure model' '_struct_site.pdbx_auth_asym_id'      
5 3 'Structure model' '_struct_site.pdbx_auth_comp_id'      
6 3 'Structure model' '_struct_site.pdbx_auth_seq_id'       
# 
loop_
_software.name 
_software.classification 
_software.version 
_software.citation_id 
_software.pdbx_ordinal 
DNA    'data collection' .        ? 1 
X-PLOR 'model building'  .        ? 2 
REFMAC refinement        5.4.0062 ? 3 
SCALA  'data scaling'    .        ? 4 
X-PLOR phasing           .        ? 5 
# 
loop_
_pdbx_validate_torsion.id 
_pdbx_validate_torsion.PDB_model_num 
_pdbx_validate_torsion.auth_comp_id 
_pdbx_validate_torsion.auth_asym_id 
_pdbx_validate_torsion.auth_seq_id 
_pdbx_validate_torsion.PDB_ins_code 
_pdbx_validate_torsion.label_alt_id 
_pdbx_validate_torsion.phi 
_pdbx_validate_torsion.psi 
1 1 PHE X 102 ? ? -147.37 -75.13 
2 1 THR X 161 ? ? -112.82 65.84  
# 
loop_
_pdbx_unobs_or_zero_occ_atoms.id 
_pdbx_unobs_or_zero_occ_atoms.PDB_model_num 
_pdbx_unobs_or_zero_occ_atoms.polymer_flag 
_pdbx_unobs_or_zero_occ_atoms.occupancy_flag 
_pdbx_unobs_or_zero_occ_atoms.auth_asym_id 
_pdbx_unobs_or_zero_occ_atoms.auth_comp_id 
_pdbx_unobs_or_zero_occ_atoms.auth_seq_id 
_pdbx_unobs_or_zero_occ_atoms.PDB_ins_code 
_pdbx_unobs_or_zero_occ_atoms.auth_atom_id 
_pdbx_unobs_or_zero_occ_atoms.label_alt_id 
_pdbx_unobs_or_zero_occ_atoms.label_asym_id 
_pdbx_unobs_or_zero_occ_atoms.label_comp_id 
_pdbx_unobs_or_zero_occ_atoms.label_seq_id 
_pdbx_unobs_or_zero_occ_atoms.label_atom_id 
1 1 Y 1 X LYS 167 ? NZ  ? A LYS 126 NZ  
2 1 Y 1 X LYS 190 ? CD  ? A LYS 149 CD  
3 1 Y 1 X LYS 190 ? CE  ? A LYS 149 CE  
4 1 Y 1 X LYS 190 ? NZ  ? A LYS 149 NZ  
5 1 Y 1 X ARG 193 ? CD  ? A ARG 152 CD  
6 1 Y 1 X ARG 193 ? NE  ? A ARG 152 NE  
7 1 Y 1 X ARG 193 ? CZ  ? A ARG 152 CZ  
8 1 Y 1 X ARG 193 ? NH1 ? A ARG 152 NH1 
9 1 Y 1 X ARG 193 ? NH2 ? A ARG 152 NH2 
# 
loop_
_pdbx_unobs_or_zero_occ_residues.id 
_pdbx_unobs_or_zero_occ_residues.PDB_model_num 
_pdbx_unobs_or_zero_occ_residues.polymer_flag 
_pdbx_unobs_or_zero_occ_residues.occupancy_flag 
_pdbx_unobs_or_zero_occ_residues.auth_asym_id 
_pdbx_unobs_or_zero_occ_residues.auth_comp_id 
_pdbx_unobs_or_zero_occ_residues.auth_seq_id 
_pdbx_unobs_or_zero_occ_residues.PDB_ins_code 
_pdbx_unobs_or_zero_occ_residues.label_asym_id 
_pdbx_unobs_or_zero_occ_residues.label_comp_id 
_pdbx_unobs_or_zero_occ_residues.label_seq_id 
1 1 Y 1 X MET 42 ? A MET 1 
2 1 Y 1 X SER 43 ? A SER 2 
# 
loop_
_chem_comp_atom.comp_id 
_chem_comp_atom.atom_id 
_chem_comp_atom.type_symbol 
_chem_comp_atom.pdbx_aromatic_flag 
_chem_comp_atom.pdbx_stereo_config 
_chem_comp_atom.pdbx_ordinal 
1FP OAA  O N N 1   
1FP CAB  C N N 2   
1FP CAC  C N N 3   
1FP CAD  C N N 4   
1FP CAE  C N N 5   
1FP CAF  C N N 6   
1FP NAG  N N N 7   
1FP NAH  N N N 8   
1FP HAB  H N N 9   
1FP HAC  H N N 10  
1FP HACA H N N 11  
1FP HAD  H N N 12  
1FP HADA H N N 13  
1FP HAE  H N N 14  
1FP HAEA H N N 15  
1FP HAF  H N N 16  
1FP HAFA H N N 17  
1FP HNAG H N N 18  
ALA N    N N N 19  
ALA CA   C N S 20  
ALA C    C N N 21  
ALA O    O N N 22  
ALA CB   C N N 23  
ALA OXT  O N N 24  
ALA H    H N N 25  
ALA H2   H N N 26  
ALA HA   H N N 27  
ALA HB1  H N N 28  
ALA HB2  H N N 29  
ALA HB3  H N N 30  
ALA HXT  H N N 31  
ARG N    N N N 32  
ARG CA   C N S 33  
ARG C    C N N 34  
ARG O    O N N 35  
ARG CB   C N N 36  
ARG CG   C N N 37  
ARG CD   C N N 38  
ARG NE   N N N 39  
ARG CZ   C N N 40  
ARG NH1  N N N 41  
ARG NH2  N N N 42  
ARG OXT  O N N 43  
ARG H    H N N 44  
ARG H2   H N N 45  
ARG HA   H N N 46  
ARG HB2  H N N 47  
ARG HB3  H N N 48  
ARG HG2  H N N 49  
ARG HG3  H N N 50  
ARG HD2  H N N 51  
ARG HD3  H N N 52  
ARG HE   H N N 53  
ARG HH11 H N N 54  
ARG HH12 H N N 55  
ARG HH21 H N N 56  
ARG HH22 H N N 57  
ARG HXT  H N N 58  
ASN N    N N N 59  
ASN CA   C N S 60  
ASN C    C N N 61  
ASN O    O N N 62  
ASN CB   C N N 63  
ASN CG   C N N 64  
ASN OD1  O N N 65  
ASN ND2  N N N 66  
ASN OXT  O N N 67  
ASN H    H N N 68  
ASN H2   H N N 69  
ASN HA   H N N 70  
ASN HB2  H N N 71  
ASN HB3  H N N 72  
ASN HD21 H N N 73  
ASN HD22 H N N 74  
ASN HXT  H N N 75  
ASP N    N N N 76  
ASP CA   C N S 77  
ASP C    C N N 78  
ASP O    O N N 79  
ASP CB   C N N 80  
ASP CG   C N N 81  
ASP OD1  O N N 82  
ASP OD2  O N N 83  
ASP OXT  O N N 84  
ASP H    H N N 85  
ASP H2   H N N 86  
ASP HA   H N N 87  
ASP HB2  H N N 88  
ASP HB3  H N N 89  
ASP HD2  H N N 90  
ASP HXT  H N N 91  
CYS N    N N N 92  
CYS CA   C N R 93  
CYS C    C N N 94  
CYS O    O N N 95  
CYS CB   C N N 96  
CYS SG   S N N 97  
CYS OXT  O N N 98  
CYS H    H N N 99  
CYS H2   H N N 100 
CYS HA   H N N 101 
CYS HB2  H N N 102 
CYS HB3  H N N 103 
CYS HG   H N N 104 
CYS HXT  H N N 105 
GLN N    N N N 106 
GLN CA   C N S 107 
GLN C    C N N 108 
GLN O    O N N 109 
GLN CB   C N N 110 
GLN CG   C N N 111 
GLN CD   C N N 112 
GLN OE1  O N N 113 
GLN NE2  N N N 114 
GLN OXT  O N N 115 
GLN H    H N N 116 
GLN H2   H N N 117 
GLN HA   H N N 118 
GLN HB2  H N N 119 
GLN HB3  H N N 120 
GLN HG2  H N N 121 
GLN HG3  H N N 122 
GLN HE21 H N N 123 
GLN HE22 H N N 124 
GLN HXT  H N N 125 
GLU N    N N N 126 
GLU CA   C N S 127 
GLU C    C N N 128 
GLU O    O N N 129 
GLU CB   C N N 130 
GLU CG   C N N 131 
GLU CD   C N N 132 
GLU OE1  O N N 133 
GLU OE2  O N N 134 
GLU OXT  O N N 135 
GLU H    H N N 136 
GLU H2   H N N 137 
GLU HA   H N N 138 
GLU HB2  H N N 139 
GLU HB3  H N N 140 
GLU HG2  H N N 141 
GLU HG3  H N N 142 
GLU HE2  H N N 143 
GLU HXT  H N N 144 
GLY N    N N N 145 
GLY CA   C N N 146 
GLY C    C N N 147 
GLY O    O N N 148 
GLY OXT  O N N 149 
GLY H    H N N 150 
GLY H2   H N N 151 
GLY HA2  H N N 152 
GLY HA3  H N N 153 
GLY HXT  H N N 154 
HIS N    N N N 155 
HIS CA   C N S 156 
HIS C    C N N 157 
HIS O    O N N 158 
HIS CB   C N N 159 
HIS CG   C Y N 160 
HIS ND1  N Y N 161 
HIS CD2  C Y N 162 
HIS CE1  C Y N 163 
HIS NE2  N Y N 164 
HIS OXT  O N N 165 
HIS H    H N N 166 
HIS H2   H N N 167 
HIS HA   H N N 168 
HIS HB2  H N N 169 
HIS HB3  H N N 170 
HIS HD1  H N N 171 
HIS HD2  H N N 172 
HIS HE1  H N N 173 
HIS HE2  H N N 174 
HIS HXT  H N N 175 
HOH O    O N N 176 
HOH H1   H N N 177 
HOH H2   H N N 178 
ILE N    N N N 179 
ILE CA   C N S 180 
ILE C    C N N 181 
ILE O    O N N 182 
ILE CB   C N S 183 
ILE CG1  C N N 184 
ILE CG2  C N N 185 
ILE CD1  C N N 186 
ILE OXT  O N N 187 
ILE H    H N N 188 
ILE H2   H N N 189 
ILE HA   H N N 190 
ILE HB   H N N 191 
ILE HG12 H N N 192 
ILE HG13 H N N 193 
ILE HG21 H N N 194 
ILE HG22 H N N 195 
ILE HG23 H N N 196 
ILE HD11 H N N 197 
ILE HD12 H N N 198 
ILE HD13 H N N 199 
ILE HXT  H N N 200 
LEU N    N N N 201 
LEU CA   C N S 202 
LEU C    C N N 203 
LEU O    O N N 204 
LEU CB   C N N 205 
LEU CG   C N N 206 
LEU CD1  C N N 207 
LEU CD2  C N N 208 
LEU OXT  O N N 209 
LEU H    H N N 210 
LEU H2   H N N 211 
LEU HA   H N N 212 
LEU HB2  H N N 213 
LEU HB3  H N N 214 
LEU HG   H N N 215 
LEU HD11 H N N 216 
LEU HD12 H N N 217 
LEU HD13 H N N 218 
LEU HD21 H N N 219 
LEU HD22 H N N 220 
LEU HD23 H N N 221 
LEU HXT  H N N 222 
LYS N    N N N 223 
LYS CA   C N S 224 
LYS C    C N N 225 
LYS O    O N N 226 
LYS CB   C N N 227 
LYS CG   C N N 228 
LYS CD   C N N 229 
LYS CE   C N N 230 
LYS NZ   N N N 231 
LYS OXT  O N N 232 
LYS H    H N N 233 
LYS H2   H N N 234 
LYS HA   H N N 235 
LYS HB2  H N N 236 
LYS HB3  H N N 237 
LYS HG2  H N N 238 
LYS HG3  H N N 239 
LYS HD2  H N N 240 
LYS HD3  H N N 241 
LYS HE2  H N N 242 
LYS HE3  H N N 243 
LYS HZ1  H N N 244 
LYS HZ2  H N N 245 
LYS HZ3  H N N 246 
LYS HXT  H N N 247 
MET N    N N N 248 
MET CA   C N S 249 
MET C    C N N 250 
MET O    O N N 251 
MET CB   C N N 252 
MET CG   C N N 253 
MET SD   S N N 254 
MET CE   C N N 255 
MET OXT  O N N 256 
MET H    H N N 257 
MET H2   H N N 258 
MET HA   H N N 259 
MET HB2  H N N 260 
MET HB3  H N N 261 
MET HG2  H N N 262 
MET HG3  H N N 263 
MET HE1  H N N 264 
MET HE2  H N N 265 
MET HE3  H N N 266 
MET HXT  H N N 267 
PHE N    N N N 268 
PHE CA   C N S 269 
PHE C    C N N 270 
PHE O    O N N 271 
PHE CB   C N N 272 
PHE CG   C Y N 273 
PHE CD1  C Y N 274 
PHE CD2  C Y N 275 
PHE CE1  C Y N 276 
PHE CE2  C Y N 277 
PHE CZ   C Y N 278 
PHE OXT  O N N 279 
PHE H    H N N 280 
PHE H2   H N N 281 
PHE HA   H N N 282 
PHE HB2  H N N 283 
PHE HB3  H N N 284 
PHE HD1  H N N 285 
PHE HD2  H N N 286 
PHE HE1  H N N 287 
PHE HE2  H N N 288 
PHE HZ   H N N 289 
PHE HXT  H N N 290 
PRO N    N N N 291 
PRO CA   C N S 292 
PRO C    C N N 293 
PRO O    O N N 294 
PRO CB   C N N 295 
PRO CG   C N N 296 
PRO CD   C N N 297 
PRO OXT  O N N 298 
PRO H    H N N 299 
PRO HA   H N N 300 
PRO HB2  H N N 301 
PRO HB3  H N N 302 
PRO HG2  H N N 303 
PRO HG3  H N N 304 
PRO HD2  H N N 305 
PRO HD3  H N N 306 
PRO HXT  H N N 307 
SER N    N N N 308 
SER CA   C N S 309 
SER C    C N N 310 
SER O    O N N 311 
SER CB   C N N 312 
SER OG   O N N 313 
SER OXT  O N N 314 
SER H    H N N 315 
SER H2   H N N 316 
SER HA   H N N 317 
SER HB2  H N N 318 
SER HB3  H N N 319 
SER HG   H N N 320 
SER HXT  H N N 321 
THR N    N N N 322 
THR CA   C N S 323 
THR C    C N N 324 
THR O    O N N 325 
THR CB   C N R 326 
THR OG1  O N N 327 
THR CG2  C N N 328 
THR OXT  O N N 329 
THR H    H N N 330 
THR H2   H N N 331 
THR HA   H N N 332 
THR HB   H N N 333 
THR HG1  H N N 334 
THR HG21 H N N 335 
THR HG22 H N N 336 
THR HG23 H N N 337 
THR HXT  H N N 338 
TRP N    N N N 339 
TRP CA   C N S 340 
TRP C    C N N 341 
TRP O    O N N 342 
TRP CB   C N N 343 
TRP CG   C Y N 344 
TRP CD1  C Y N 345 
TRP CD2  C Y N 346 
TRP NE1  N Y N 347 
TRP CE2  C Y N 348 
TRP CE3  C Y N 349 
TRP CZ2  C Y N 350 
TRP CZ3  C Y N 351 
TRP CH2  C Y N 352 
TRP OXT  O N N 353 
TRP H    H N N 354 
TRP H2   H N N 355 
TRP HA   H N N 356 
TRP HB2  H N N 357 
TRP HB3  H N N 358 
TRP HD1  H N N 359 
TRP HE1  H N N 360 
TRP HE3  H N N 361 
TRP HZ2  H N N 362 
TRP HZ3  H N N 363 
TRP HH2  H N N 364 
TRP HXT  H N N 365 
TYR N    N N N 366 
TYR CA   C N S 367 
TYR C    C N N 368 
TYR O    O N N 369 
TYR CB   C N N 370 
TYR CG   C Y N 371 
TYR CD1  C Y N 372 
TYR CD2  C Y N 373 
TYR CE1  C Y N 374 
TYR CE2  C Y N 375 
TYR CZ   C Y N 376 
TYR OH   O N N 377 
TYR OXT  O N N 378 
TYR H    H N N 379 
TYR H2   H N N 380 
TYR HA   H N N 381 
TYR HB2  H N N 382 
TYR HB3  H N N 383 
TYR HD1  H N N 384 
TYR HD2  H N N 385 
TYR HE1  H N N 386 
TYR HE2  H N N 387 
TYR HH   H N N 388 
TYR HXT  H N N 389 
VAL N    N N N 390 
VAL CA   C N S 391 
VAL C    C N N 392 
VAL O    O N N 393 
VAL CB   C N N 394 
VAL CG1  C N N 395 
VAL CG2  C N N 396 
VAL OXT  O N N 397 
VAL H    H N N 398 
VAL H2   H N N 399 
VAL HA   H N N 400 
VAL HB   H N N 401 
VAL HG11 H N N 402 
VAL HG12 H N N 403 
VAL HG13 H N N 404 
VAL HG21 H N N 405 
VAL HG22 H N N 406 
VAL HG23 H N N 407 
VAL HXT  H N N 408 
# 
loop_
_chem_comp_bond.comp_id 
_chem_comp_bond.atom_id_1 
_chem_comp_bond.atom_id_2 
_chem_comp_bond.value_order 
_chem_comp_bond.pdbx_aromatic_flag 
_chem_comp_bond.pdbx_stereo_config 
_chem_comp_bond.pdbx_ordinal 
1FP OAA CAB  doub N N 1   
1FP CAB NAH  sing N N 2   
1FP CAC CAE  sing N N 3   
1FP CAC NAG  sing N N 4   
1FP CAD CAF  sing N N 5   
1FP CAD NAG  sing N N 6   
1FP CAE NAH  sing N N 7   
1FP CAF NAH  sing N N 8   
1FP CAB HAB  sing N N 9   
1FP CAC HAC  sing N N 10  
1FP CAC HACA sing N N 11  
1FP CAD HAD  sing N N 12  
1FP CAD HADA sing N N 13  
1FP CAE HAE  sing N N 14  
1FP CAE HAEA sing N N 15  
1FP CAF HAF  sing N N 16  
1FP CAF HAFA sing N N 17  
1FP NAG HNAG sing N N 18  
ALA N   CA   sing N N 19  
ALA N   H    sing N N 20  
ALA N   H2   sing N N 21  
ALA CA  C    sing N N 22  
ALA CA  CB   sing N N 23  
ALA CA  HA   sing N N 24  
ALA C   O    doub N N 25  
ALA C   OXT  sing N N 26  
ALA CB  HB1  sing N N 27  
ALA CB  HB2  sing N N 28  
ALA CB  HB3  sing N N 29  
ALA OXT HXT  sing N N 30  
ARG N   CA   sing N N 31  
ARG N   H    sing N N 32  
ARG N   H2   sing N N 33  
ARG CA  C    sing N N 34  
ARG CA  CB   sing N N 35  
ARG CA  HA   sing N N 36  
ARG C   O    doub N N 37  
ARG C   OXT  sing N N 38  
ARG CB  CG   sing N N 39  
ARG CB  HB2  sing N N 40  
ARG CB  HB3  sing N N 41  
ARG CG  CD   sing N N 42  
ARG CG  HG2  sing N N 43  
ARG CG  HG3  sing N N 44  
ARG CD  NE   sing N N 45  
ARG CD  HD2  sing N N 46  
ARG CD  HD3  sing N N 47  
ARG NE  CZ   sing N N 48  
ARG NE  HE   sing N N 49  
ARG CZ  NH1  sing N N 50  
ARG CZ  NH2  doub N N 51  
ARG NH1 HH11 sing N N 52  
ARG NH1 HH12 sing N N 53  
ARG NH2 HH21 sing N N 54  
ARG NH2 HH22 sing N N 55  
ARG OXT HXT  sing N N 56  
ASN N   CA   sing N N 57  
ASN N   H    sing N N 58  
ASN N   H2   sing N N 59  
ASN CA  C    sing N N 60  
ASN CA  CB   sing N N 61  
ASN CA  HA   sing N N 62  
ASN C   O    doub N N 63  
ASN C   OXT  sing N N 64  
ASN CB  CG   sing N N 65  
ASN CB  HB2  sing N N 66  
ASN CB  HB3  sing N N 67  
ASN CG  OD1  doub N N 68  
ASN CG  ND2  sing N N 69  
ASN ND2 HD21 sing N N 70  
ASN ND2 HD22 sing N N 71  
ASN OXT HXT  sing N N 72  
ASP N   CA   sing N N 73  
ASP N   H    sing N N 74  
ASP N   H2   sing N N 75  
ASP CA  C    sing N N 76  
ASP CA  CB   sing N N 77  
ASP CA  HA   sing N N 78  
ASP C   O    doub N N 79  
ASP C   OXT  sing N N 80  
ASP CB  CG   sing N N 81  
ASP CB  HB2  sing N N 82  
ASP CB  HB3  sing N N 83  
ASP CG  OD1  doub N N 84  
ASP CG  OD2  sing N N 85  
ASP OD2 HD2  sing N N 86  
ASP OXT HXT  sing N N 87  
CYS N   CA   sing N N 88  
CYS N   H    sing N N 89  
CYS N   H2   sing N N 90  
CYS CA  C    sing N N 91  
CYS CA  CB   sing N N 92  
CYS CA  HA   sing N N 93  
CYS C   O    doub N N 94  
CYS C   OXT  sing N N 95  
CYS CB  SG   sing N N 96  
CYS CB  HB2  sing N N 97  
CYS CB  HB3  sing N N 98  
CYS SG  HG   sing N N 99  
CYS OXT HXT  sing N N 100 
GLN N   CA   sing N N 101 
GLN N   H    sing N N 102 
GLN N   H2   sing N N 103 
GLN CA  C    sing N N 104 
GLN CA  CB   sing N N 105 
GLN CA  HA   sing N N 106 
GLN C   O    doub N N 107 
GLN C   OXT  sing N N 108 
GLN CB  CG   sing N N 109 
GLN CB  HB2  sing N N 110 
GLN CB  HB3  sing N N 111 
GLN CG  CD   sing N N 112 
GLN CG  HG2  sing N N 113 
GLN CG  HG3  sing N N 114 
GLN CD  OE1  doub N N 115 
GLN CD  NE2  sing N N 116 
GLN NE2 HE21 sing N N 117 
GLN NE2 HE22 sing N N 118 
GLN OXT HXT  sing N N 119 
GLU N   CA   sing N N 120 
GLU N   H    sing N N 121 
GLU N   H2   sing N N 122 
GLU CA  C    sing N N 123 
GLU CA  CB   sing N N 124 
GLU CA  HA   sing N N 125 
GLU C   O    doub N N 126 
GLU C   OXT  sing N N 127 
GLU CB  CG   sing N N 128 
GLU CB  HB2  sing N N 129 
GLU CB  HB3  sing N N 130 
GLU CG  CD   sing N N 131 
GLU CG  HG2  sing N N 132 
GLU CG  HG3  sing N N 133 
GLU CD  OE1  doub N N 134 
GLU CD  OE2  sing N N 135 
GLU OE2 HE2  sing N N 136 
GLU OXT HXT  sing N N 137 
GLY N   CA   sing N N 138 
GLY N   H    sing N N 139 
GLY N   H2   sing N N 140 
GLY CA  C    sing N N 141 
GLY CA  HA2  sing N N 142 
GLY CA  HA3  sing N N 143 
GLY C   O    doub N N 144 
GLY C   OXT  sing N N 145 
GLY OXT HXT  sing N N 146 
HIS N   CA   sing N N 147 
HIS N   H    sing N N 148 
HIS N   H2   sing N N 149 
HIS CA  C    sing N N 150 
HIS CA  CB   sing N N 151 
HIS CA  HA   sing N N 152 
HIS C   O    doub N N 153 
HIS C   OXT  sing N N 154 
HIS CB  CG   sing N N 155 
HIS CB  HB2  sing N N 156 
HIS CB  HB3  sing N N 157 
HIS CG  ND1  sing Y N 158 
HIS CG  CD2  doub Y N 159 
HIS ND1 CE1  doub Y N 160 
HIS ND1 HD1  sing N N 161 
HIS CD2 NE2  sing Y N 162 
HIS CD2 HD2  sing N N 163 
HIS CE1 NE2  sing Y N 164 
HIS CE1 HE1  sing N N 165 
HIS NE2 HE2  sing N N 166 
HIS OXT HXT  sing N N 167 
HOH O   H1   sing N N 168 
HOH O   H2   sing N N 169 
ILE N   CA   sing N N 170 
ILE N   H    sing N N 171 
ILE N   H2   sing N N 172 
ILE CA  C    sing N N 173 
ILE CA  CB   sing N N 174 
ILE CA  HA   sing N N 175 
ILE C   O    doub N N 176 
ILE C   OXT  sing N N 177 
ILE CB  CG1  sing N N 178 
ILE CB  CG2  sing N N 179 
ILE CB  HB   sing N N 180 
ILE CG1 CD1  sing N N 181 
ILE CG1 HG12 sing N N 182 
ILE CG1 HG13 sing N N 183 
ILE CG2 HG21 sing N N 184 
ILE CG2 HG22 sing N N 185 
ILE CG2 HG23 sing N N 186 
ILE CD1 HD11 sing N N 187 
ILE CD1 HD12 sing N N 188 
ILE CD1 HD13 sing N N 189 
ILE OXT HXT  sing N N 190 
LEU N   CA   sing N N 191 
LEU N   H    sing N N 192 
LEU N   H2   sing N N 193 
LEU CA  C    sing N N 194 
LEU CA  CB   sing N N 195 
LEU CA  HA   sing N N 196 
LEU C   O    doub N N 197 
LEU C   OXT  sing N N 198 
LEU CB  CG   sing N N 199 
LEU CB  HB2  sing N N 200 
LEU CB  HB3  sing N N 201 
LEU CG  CD1  sing N N 202 
LEU CG  CD2  sing N N 203 
LEU CG  HG   sing N N 204 
LEU CD1 HD11 sing N N 205 
LEU CD1 HD12 sing N N 206 
LEU CD1 HD13 sing N N 207 
LEU CD2 HD21 sing N N 208 
LEU CD2 HD22 sing N N 209 
LEU CD2 HD23 sing N N 210 
LEU OXT HXT  sing N N 211 
LYS N   CA   sing N N 212 
LYS N   H    sing N N 213 
LYS N   H2   sing N N 214 
LYS CA  C    sing N N 215 
LYS CA  CB   sing N N 216 
LYS CA  HA   sing N N 217 
LYS C   O    doub N N 218 
LYS C   OXT  sing N N 219 
LYS CB  CG   sing N N 220 
LYS CB  HB2  sing N N 221 
LYS CB  HB3  sing N N 222 
LYS CG  CD   sing N N 223 
LYS CG  HG2  sing N N 224 
LYS CG  HG3  sing N N 225 
LYS CD  CE   sing N N 226 
LYS CD  HD2  sing N N 227 
LYS CD  HD3  sing N N 228 
LYS CE  NZ   sing N N 229 
LYS CE  HE2  sing N N 230 
LYS CE  HE3  sing N N 231 
LYS NZ  HZ1  sing N N 232 
LYS NZ  HZ2  sing N N 233 
LYS NZ  HZ3  sing N N 234 
LYS OXT HXT  sing N N 235 
MET N   CA   sing N N 236 
MET N   H    sing N N 237 
MET N   H2   sing N N 238 
MET CA  C    sing N N 239 
MET CA  CB   sing N N 240 
MET CA  HA   sing N N 241 
MET C   O    doub N N 242 
MET C   OXT  sing N N 243 
MET CB  CG   sing N N 244 
MET CB  HB2  sing N N 245 
MET CB  HB3  sing N N 246 
MET CG  SD   sing N N 247 
MET CG  HG2  sing N N 248 
MET CG  HG3  sing N N 249 
MET SD  CE   sing N N 250 
MET CE  HE1  sing N N 251 
MET CE  HE2  sing N N 252 
MET CE  HE3  sing N N 253 
MET OXT HXT  sing N N 254 
PHE N   CA   sing N N 255 
PHE N   H    sing N N 256 
PHE N   H2   sing N N 257 
PHE CA  C    sing N N 258 
PHE CA  CB   sing N N 259 
PHE CA  HA   sing N N 260 
PHE C   O    doub N N 261 
PHE C   OXT  sing N N 262 
PHE CB  CG   sing N N 263 
PHE CB  HB2  sing N N 264 
PHE CB  HB3  sing N N 265 
PHE CG  CD1  doub Y N 266 
PHE CG  CD2  sing Y N 267 
PHE CD1 CE1  sing Y N 268 
PHE CD1 HD1  sing N N 269 
PHE CD2 CE2  doub Y N 270 
PHE CD2 HD2  sing N N 271 
PHE CE1 CZ   doub Y N 272 
PHE CE1 HE1  sing N N 273 
PHE CE2 CZ   sing Y N 274 
PHE CE2 HE2  sing N N 275 
PHE CZ  HZ   sing N N 276 
PHE OXT HXT  sing N N 277 
PRO N   CA   sing N N 278 
PRO N   CD   sing N N 279 
PRO N   H    sing N N 280 
PRO CA  C    sing N N 281 
PRO CA  CB   sing N N 282 
PRO CA  HA   sing N N 283 
PRO C   O    doub N N 284 
PRO C   OXT  sing N N 285 
PRO CB  CG   sing N N 286 
PRO CB  HB2  sing N N 287 
PRO CB  HB3  sing N N 288 
PRO CG  CD   sing N N 289 
PRO CG  HG2  sing N N 290 
PRO CG  HG3  sing N N 291 
PRO CD  HD2  sing N N 292 
PRO CD  HD3  sing N N 293 
PRO OXT HXT  sing N N 294 
SER N   CA   sing N N 295 
SER N   H    sing N N 296 
SER N   H2   sing N N 297 
SER CA  C    sing N N 298 
SER CA  CB   sing N N 299 
SER CA  HA   sing N N 300 
SER C   O    doub N N 301 
SER C   OXT  sing N N 302 
SER CB  OG   sing N N 303 
SER CB  HB2  sing N N 304 
SER CB  HB3  sing N N 305 
SER OG  HG   sing N N 306 
SER OXT HXT  sing N N 307 
THR N   CA   sing N N 308 
THR N   H    sing N N 309 
THR N   H2   sing N N 310 
THR CA  C    sing N N 311 
THR CA  CB   sing N N 312 
THR CA  HA   sing N N 313 
THR C   O    doub N N 314 
THR C   OXT  sing N N 315 
THR CB  OG1  sing N N 316 
THR CB  CG2  sing N N 317 
THR CB  HB   sing N N 318 
THR OG1 HG1  sing N N 319 
THR CG2 HG21 sing N N 320 
THR CG2 HG22 sing N N 321 
THR CG2 HG23 sing N N 322 
THR OXT HXT  sing N N 323 
TRP N   CA   sing N N 324 
TRP N   H    sing N N 325 
TRP N   H2   sing N N 326 
TRP CA  C    sing N N 327 
TRP CA  CB   sing N N 328 
TRP CA  HA   sing N N 329 
TRP C   O    doub N N 330 
TRP C   OXT  sing N N 331 
TRP CB  CG   sing N N 332 
TRP CB  HB2  sing N N 333 
TRP CB  HB3  sing N N 334 
TRP CG  CD1  doub Y N 335 
TRP CG  CD2  sing Y N 336 
TRP CD1 NE1  sing Y N 337 
TRP CD1 HD1  sing N N 338 
TRP CD2 CE2  doub Y N 339 
TRP CD2 CE3  sing Y N 340 
TRP NE1 CE2  sing Y N 341 
TRP NE1 HE1  sing N N 342 
TRP CE2 CZ2  sing Y N 343 
TRP CE3 CZ3  doub Y N 344 
TRP CE3 HE3  sing N N 345 
TRP CZ2 CH2  doub Y N 346 
TRP CZ2 HZ2  sing N N 347 
TRP CZ3 CH2  sing Y N 348 
TRP CZ3 HZ3  sing N N 349 
TRP CH2 HH2  sing N N 350 
TRP OXT HXT  sing N N 351 
TYR N   CA   sing N N 352 
TYR N   H    sing N N 353 
TYR N   H2   sing N N 354 
TYR CA  C    sing N N 355 
TYR CA  CB   sing N N 356 
TYR CA  HA   sing N N 357 
TYR C   O    doub N N 358 
TYR C   OXT  sing N N 359 
TYR CB  CG   sing N N 360 
TYR CB  HB2  sing N N 361 
TYR CB  HB3  sing N N 362 
TYR CG  CD1  doub Y N 363 
TYR CG  CD2  sing Y N 364 
TYR CD1 CE1  sing Y N 365 
TYR CD1 HD1  sing N N 366 
TYR CD2 CE2  doub Y N 367 
TYR CD2 HD2  sing N N 368 
TYR CE1 CZ   doub Y N 369 
TYR CE1 HE1  sing N N 370 
TYR CE2 CZ   sing Y N 371 
TYR CE2 HE2  sing N N 372 
TYR CZ  OH   sing N N 373 
TYR OH  HH   sing N N 374 
TYR OXT HXT  sing N N 375 
VAL N   CA   sing N N 376 
VAL N   H    sing N N 377 
VAL N   H2   sing N N 378 
VAL CA  C    sing N N 379 
VAL CA  CB   sing N N 380 
VAL CA  HA   sing N N 381 
VAL C   O    doub N N 382 
VAL C   OXT  sing N N 383 
VAL CB  CG1  sing N N 384 
VAL CB  CG2  sing N N 385 
VAL CB  HB   sing N N 386 
VAL CG1 HG11 sing N N 387 
VAL CG1 HG12 sing N N 388 
VAL CG1 HG13 sing N N 389 
VAL CG2 HG21 sing N N 390 
VAL CG2 HG22 sing N N 391 
VAL CG2 HG23 sing N N 392 
VAL OXT HXT  sing N N 393 
# 
loop_
_pdbx_entity_nonpoly.entity_id 
_pdbx_entity_nonpoly.name 
_pdbx_entity_nonpoly.comp_id 
2 piperazine-1-carbaldehyde 1FP 
3 water                     HOH 
# 
_pdbx_initial_refinement_model.id               1 
_pdbx_initial_refinement_model.entity_id_list   ? 
_pdbx_initial_refinement_model.type             'experimental model' 
_pdbx_initial_refinement_model.source_name      PDB 
_pdbx_initial_refinement_model.accession_code   2BIT 
_pdbx_initial_refinement_model.details          'PDB ENTRY 2BIT' 
# 
